data_2WTK
#
_entry.id   2WTK
#
_cell.length_a   118.360
_cell.length_b   118.360
_cell.length_c   390.012
_cell.angle_alpha   90.00
_cell.angle_beta   90.00
_cell.angle_gamma   120.00
#
_symmetry.space_group_name_H-M   'P 31 2 1'
#
loop_
_entity.id
_entity.type
_entity.pdbx_description
1 polymer 'CALCIUM-BINDING PROTEIN 39'
2 polymer 'STE20-RELATED KINASE ADAPTER PROTEIN ALPHA'
3 polymer 'SERINE/THREONINE-PROTEIN KINASE 11'
4 non-polymer 'PHOSPHOAMINOPHOSPHONIC ACID-ADENYLATE ESTER'
5 non-polymer 'SULFATE ION'
6 water water
#
loop_
_entity_poly.entity_id
_entity_poly.type
_entity_poly.pdbx_seq_one_letter_code
_entity_poly.pdbx_strand_id
1 'polypeptide(L)'
;MPFPFGKSHKSPADIVKNLKESMAVLEKQDISDKKAEKATEEVSKNLVAMKEILYGTNEKEPQTEAVAQLAQELYNSGLL
STLVADLQLIDFEGKKDVAQIFNNILRRQIGTRTPTVEYICTQQNILFMLLKGYESPEIALNCGIMLRECIRHEPLAKII
LWSEQFYDFFRYVEMSTFDIASDAFATFKDLLTRHKLLSAEFLEQHYDRFFSEYEKLLHSENYVTKRQSLKLLGELLLDR
HNFTIMTKYISKPENLKLMMNLLRDKSRNIQFEAFHVFKVFVANPNKTQPILDILLKNQAKLIEFLSKFQNDRTEDEQFN
DEKTYLVKQIRDLKRPAQQEA
;
A,D
2 'polypeptide(L)'
;MSSFLPEGGCYELLTVIGKGFEDLMTVNLARYKPTGEYVTVRRINLEACSNEMVTFLQGELHVSKLFNHPNIVPYRATFI
ADNELWVVTSFMAYGSAKDLICTHFMDGMNELAIAYILQGVLKALDYIHHMGYVHRSVKASHILISVDGKVYLSGLRSNL
SMISHGQRQRVVHDFPKYSVKVLPWLSPEVLQQNLQGYDAKSDIYSVGITACELANGHVPFKDMPATQMLLEKLNGTVPC
LLDTSTIPAEELTMSPSRSVANSGLSDSLTTSTPRPSNGDSPSHPYHRTFSPHFHHFVEQCLQRNPDARPSASTLLNHSF
FKQIKRRASEALPELLRPVTPITNFEGSQSQDHSGIFGLVTNLEELEVDDWEF
;
B,E
3 'polypeptide(L)'
;AKLIGKYLMGDLLGEGSYGKVKEVLDSETLCRRAVKILKKKKLRRIPNGEANVKKEIQLLRRLRHKNVIQLVDVLYNEEK
QKMYMVMEYCVCGMQEMLDSVPEKRFPVCQAHGYFCQLIDGLEYLHSQGIVHKDIKPGNLLLTTGGTLKISALGVAEALH
PFAADDTCRTSQGSPAFQPPEIANGLDTFSGFKVDIWSAGVTLYNITTGLYPFEGDNIYKLFENIGKGSYAIPGDCGPPL
SDLLKGMLEYEPAKRFSIRQIRQHSWFRKKHPPAEAPVPIPPSPDTKDRWRSMTVVPYLEDLHGA
;
C,F
#
# COMPACT_ATOMS: atom_id res chain seq x y z
N HIS A 9 -4.49 -48.55 38.82
CA HIS A 9 -5.73 -48.38 39.63
C HIS A 9 -6.97 -48.49 38.76
N LYS A 10 -6.79 -48.32 37.46
CA LYS A 10 -7.88 -48.48 36.49
C LYS A 10 -7.69 -49.67 35.56
N SER A 11 -6.57 -49.73 34.86
CA SER A 11 -6.26 -50.87 33.97
C SER A 11 -6.98 -50.90 32.59
N PRO A 12 -6.24 -51.28 31.55
CA PRO A 12 -6.74 -51.32 30.18
C PRO A 12 -8.18 -51.87 30.07
N ALA A 13 -8.43 -53.02 30.69
CA ALA A 13 -9.72 -53.71 30.56
C ALA A 13 -10.92 -52.92 31.10
N ASP A 14 -10.75 -52.28 32.24
CA ASP A 14 -11.79 -51.47 32.83
C ASP A 14 -12.02 -50.21 32.00
N ILE A 15 -10.95 -49.62 31.48
CA ILE A 15 -11.04 -48.45 30.60
C ILE A 15 -11.82 -48.81 29.34
N VAL A 16 -11.54 -49.97 28.77
CA VAL A 16 -12.27 -50.44 27.60
C VAL A 16 -13.73 -50.67 27.97
N LYS A 17 -13.98 -51.37 29.09
CA LYS A 17 -15.34 -51.58 29.52
C LYS A 17 -16.08 -50.25 29.73
N ASN A 18 -15.43 -49.32 30.42
CA ASN A 18 -16.04 -48.03 30.68
C ASN A 18 -16.44 -47.34 29.40
N LEU A 19 -15.50 -47.23 28.47
CA LEU A 19 -15.73 -46.63 27.16
C LEU A 19 -16.79 -47.38 26.32
N LYS A 20 -16.87 -48.70 26.49
CA LYS A 20 -17.88 -49.53 25.81
C LYS A 20 -19.25 -49.15 26.34
N GLU A 21 -19.39 -49.03 27.65
CA GLU A 21 -20.70 -48.74 28.22
C GLU A 21 -21.16 -47.33 27.90
N SER A 22 -20.25 -46.36 27.95
CA SER A 22 -20.61 -44.97 27.68
C SER A 22 -20.78 -44.62 26.21
N MET A 23 -20.22 -45.43 25.32
CA MET A 23 -20.54 -45.27 23.91
C MET A 23 -21.94 -45.86 23.63
N ALA A 24 -22.30 -46.94 24.32
CA ALA A 24 -23.64 -47.53 24.19
C ALA A 24 -24.69 -46.51 24.60
N VAL A 25 -24.42 -45.79 25.69
CA VAL A 25 -25.32 -44.75 26.17
C VAL A 25 -25.47 -43.60 25.16
N LEU A 26 -24.40 -43.23 24.46
CA LEU A 26 -24.56 -42.18 23.44
C LEU A 26 -25.45 -42.60 22.26
N GLU A 27 -25.20 -43.79 21.71
CA GLU A 27 -26.04 -44.31 20.62
C GLU A 27 -27.27 -44.99 21.20
N LYS A 28 -28.35 -44.21 21.33
CA LYS A 28 -29.60 -44.71 21.90
C LYS A 28 -30.72 -43.71 21.65
N GLN A 29 -31.78 -44.18 20.99
CA GLN A 29 -32.93 -43.38 20.57
C GLN A 29 -32.56 -42.24 19.63
N ILE A 31 -32.50 -40.59 24.41
CA ILE A 31 -32.20 -41.33 25.64
C ILE A 31 -32.48 -40.53 26.90
N SER A 32 -32.00 -39.30 26.95
CA SER A 32 -32.14 -38.42 28.12
C SER A 32 -31.46 -37.07 27.88
N ASP A 33 -31.44 -36.23 28.91
CA ASP A 33 -30.65 -35.01 28.92
C ASP A 33 -29.42 -35.20 29.81
N LYS A 34 -29.64 -35.38 31.11
CA LYS A 34 -28.55 -35.50 32.09
C LYS A 34 -27.53 -36.58 31.72
N LYS A 35 -28.02 -37.75 31.33
CA LYS A 35 -27.17 -38.92 31.04
C LYS A 35 -26.25 -38.74 29.83
N ALA A 36 -26.71 -37.96 28.85
CA ALA A 36 -25.95 -37.69 27.64
C ALA A 36 -24.66 -36.92 27.94
N GLU A 37 -24.78 -35.84 28.70
CA GLU A 37 -23.64 -35.05 29.16
C GLU A 37 -22.66 -35.91 29.99
N LYS A 38 -23.23 -36.80 30.79
CA LYS A 38 -22.46 -37.72 31.61
C LYS A 38 -21.62 -38.67 30.74
N ALA A 39 -22.24 -39.30 29.76
CA ALA A 39 -21.54 -40.21 28.86
C ALA A 39 -20.51 -39.47 28.01
N THR A 40 -20.86 -38.26 27.53
CA THR A 40 -19.90 -37.42 26.78
C THR A 40 -18.63 -37.21 27.58
N GLU A 41 -18.79 -36.96 28.88
CA GLU A 41 -17.69 -36.73 29.80
C GLU A 41 -16.89 -38.02 30.03
N GLU A 42 -17.58 -39.13 30.30
CA GLU A 42 -16.90 -40.42 30.44
C GLU A 42 -16.15 -40.82 29.16
N VAL A 43 -16.76 -40.59 28.00
CA VAL A 43 -16.13 -40.96 26.74
C VAL A 43 -14.85 -40.15 26.52
N SER A 44 -14.94 -38.84 26.68
CA SER A 44 -13.80 -37.96 26.44
C SER A 44 -12.64 -38.28 27.39
N LYS A 45 -12.95 -38.44 28.67
CA LYS A 45 -11.92 -38.75 29.68
C LYS A 45 -11.30 -40.13 29.50
N ASN A 46 -12.12 -41.11 29.11
CA ASN A 46 -11.62 -42.46 28.87
C ASN A 46 -10.64 -42.53 27.70
N LEU A 47 -10.97 -41.86 26.60
CA LEU A 47 -10.08 -41.75 25.45
C LEU A 47 -8.74 -41.07 25.77
N VAL A 48 -8.79 -40.05 26.62
CA VAL A 48 -7.56 -39.43 27.12
C VAL A 48 -6.73 -40.47 27.86
N ALA A 49 -7.36 -41.25 28.75
CA ALA A 49 -6.67 -42.29 29.49
C ALA A 49 -6.09 -43.31 28.52
N MET A 50 -6.81 -43.63 27.45
CA MET A 50 -6.30 -44.56 26.47
C MET A 50 -5.10 -44.00 25.72
N LYS A 51 -5.19 -42.76 25.26
CA LYS A 51 -4.09 -42.15 24.51
C LYS A 51 -2.83 -42.10 25.36
N GLU A 52 -2.99 -41.74 26.64
CA GLU A 52 -1.85 -41.64 27.55
C GLU A 52 -1.14 -42.96 27.72
N ILE A 53 -1.90 -44.04 27.93
CA ILE A 53 -1.34 -45.40 27.94
C ILE A 53 -0.50 -45.66 26.69
N LEU A 54 -0.96 -45.17 25.54
CA LEU A 54 -0.32 -45.49 24.27
C LEU A 54 0.87 -44.59 23.99
N TYR A 55 0.72 -43.31 24.33
CA TYR A 55 1.79 -42.33 24.22
C TYR A 55 2.24 -41.94 25.64
N ASN A 58 3.24 -36.60 29.32
CA ASN A 58 4.19 -35.51 29.52
C ASN A 58 5.58 -36.01 29.90
N GLU A 59 6.35 -36.43 28.88
CA GLU A 59 7.66 -37.05 29.06
C GLU A 59 7.53 -38.39 29.79
N LYS A 60 6.61 -39.21 29.29
CA LYS A 60 6.27 -40.49 29.89
C LYS A 60 6.25 -41.57 28.82
N GLU A 61 7.16 -42.54 28.94
CA GLU A 61 7.31 -43.59 27.94
C GLU A 61 6.43 -44.82 28.25
N PRO A 62 5.39 -45.04 27.41
CA PRO A 62 4.35 -46.08 27.56
C PRO A 62 4.86 -47.41 28.08
N GLN A 63 4.20 -47.95 29.11
CA GLN A 63 4.57 -49.23 29.68
C GLN A 63 4.10 -50.33 28.77
N THR A 64 5.03 -51.21 28.37
CA THR A 64 4.80 -52.16 27.28
C THR A 64 3.73 -53.22 27.56
N GLU A 65 3.61 -53.65 28.81
CA GLU A 65 2.63 -54.69 29.12
C GLU A 65 1.22 -54.11 29.10
N ALA A 66 1.08 -52.91 29.68
CA ALA A 66 -0.17 -52.16 29.63
C ALA A 66 -0.69 -52.05 28.16
N VAL A 67 0.22 -51.76 27.25
CA VAL A 67 -0.12 -51.62 25.85
C VAL A 67 -0.62 -52.94 25.25
N ALA A 68 0.04 -54.05 25.59
CA ALA A 68 -0.33 -55.37 25.07
C ALA A 68 -1.73 -55.77 25.48
N GLN A 69 -2.13 -55.34 26.67
CA GLN A 69 -3.39 -55.77 27.24
C GLN A 69 -4.48 -54.85 26.75
N LEU A 70 -4.15 -53.57 26.57
CA LEU A 70 -5.09 -52.64 25.96
C LEU A 70 -5.42 -53.12 24.54
N ALA A 71 -4.38 -53.47 23.80
CA ALA A 71 -4.53 -53.96 22.44
C ALA A 71 -5.43 -55.18 22.41
N GLN A 72 -5.19 -56.14 23.31
CA GLN A 72 -5.95 -57.38 23.28
C GLN A 72 -7.43 -57.13 23.60
N GLU A 73 -7.70 -56.28 24.60
CA GLU A 73 -9.05 -55.92 24.96
C GLU A 73 -9.75 -55.22 23.82
N LEU A 74 -9.04 -54.27 23.19
CA LEU A 74 -9.58 -53.55 22.04
C LEU A 74 -10.01 -54.53 20.96
N TYR A 75 -9.22 -55.59 20.74
CA TYR A 75 -9.62 -56.66 19.82
C TYR A 75 -10.86 -57.40 20.34
N ASN A 76 -10.74 -58.05 21.49
CA ASN A 76 -11.80 -58.90 22.02
C ASN A 76 -13.15 -58.24 22.18
N SER A 77 -13.18 -56.95 22.44
CA SER A 77 -14.43 -56.28 22.79
C SER A 77 -15.16 -55.70 21.60
N GLY A 78 -14.48 -55.47 20.49
CA GLY A 78 -15.10 -54.83 19.34
C GLY A 78 -15.10 -53.32 19.42
N LEU A 79 -14.54 -52.78 20.49
CA LEU A 79 -14.50 -51.35 20.71
C LEU A 79 -13.92 -50.51 19.56
N LEU A 80 -12.83 -50.97 18.96
CA LEU A 80 -12.29 -50.22 17.82
C LEU A 80 -13.38 -50.08 16.80
N SER A 81 -14.05 -51.16 16.48
CA SER A 81 -15.13 -51.06 15.51
C SER A 81 -16.19 -50.01 15.96
N THR A 82 -16.48 -49.97 17.26
CA THR A 82 -17.44 -49.01 17.79
C THR A 82 -16.97 -47.56 17.72
N LEU A 83 -15.74 -47.32 18.16
CA LEU A 83 -15.14 -46.01 18.05
C LEU A 83 -15.19 -45.44 16.62
N VAL A 84 -15.13 -46.33 15.63
CA VAL A 84 -15.19 -45.94 14.24
C VAL A 84 -16.64 -45.81 13.76
N ALA A 85 -17.46 -46.82 14.03
CA ALA A 85 -18.88 -46.76 13.62
C ALA A 85 -19.55 -45.46 14.10
N ASP A 86 -19.24 -45.05 15.32
CA ASP A 86 -20.01 -44.03 16.00
C ASP A 86 -19.26 -42.72 16.22
N LEU A 87 -18.12 -42.59 15.54
CA LEU A 87 -17.25 -41.42 15.62
C LEU A 87 -18.00 -40.07 15.64
N GLN A 88 -19.16 -40.04 15.00
CA GLN A 88 -19.96 -38.81 14.95
C GLN A 88 -20.51 -38.43 16.33
N LEU A 89 -20.56 -39.40 17.24
CA LEU A 89 -21.14 -39.18 18.58
C LEU A 89 -20.13 -38.72 19.61
N ILE A 90 -18.85 -38.79 19.26
CA ILE A 90 -17.75 -38.39 20.12
C ILE A 90 -17.58 -36.87 19.94
N ASP A 91 -16.95 -36.21 20.91
CA ASP A 91 -16.80 -34.76 20.85
C ASP A 91 -15.61 -34.41 19.97
N PHE A 92 -15.37 -33.11 19.79
CA PHE A 92 -14.28 -32.63 18.95
C PHE A 92 -12.88 -33.20 19.28
N GLU A 93 -12.41 -32.98 20.49
CA GLU A 93 -11.09 -33.47 20.87
C GLU A 93 -11.13 -34.97 21.06
N GLY A 94 -12.33 -35.52 21.28
CA GLY A 94 -12.51 -36.96 21.35
C GLY A 94 -12.16 -37.62 20.02
N LYS A 95 -12.77 -37.11 18.94
CA LYS A 95 -12.54 -37.65 17.60
C LYS A 95 -11.05 -37.73 17.24
N LYS A 96 -10.29 -36.69 17.56
CA LYS A 96 -8.86 -36.65 17.28
C LYS A 96 -8.10 -37.72 18.07
N ASP A 97 -8.54 -37.93 19.32
CA ASP A 97 -7.94 -38.91 20.22
C ASP A 97 -8.21 -40.33 19.75
N VAL A 98 -9.36 -40.56 19.15
CA VAL A 98 -9.64 -41.83 18.50
C VAL A 98 -8.63 -42.04 17.40
N ALA A 99 -8.40 -41.01 16.60
CA ALA A 99 -7.50 -41.18 15.45
C ALA A 99 -6.11 -41.54 15.94
N GLN A 100 -5.66 -40.88 17.01
CA GLN A 100 -4.32 -41.13 17.53
C GLN A 100 -4.24 -42.47 18.24
N ILE A 101 -5.33 -42.92 18.85
CA ILE A 101 -5.34 -44.25 19.48
C ILE A 101 -5.30 -45.30 18.38
N PHE A 102 -6.15 -45.10 17.40
CA PHE A 102 -6.26 -46.02 16.28
C PHE A 102 -4.91 -46.06 15.57
N ASN A 103 -4.31 -44.90 15.32
CA ASN A 103 -3.04 -44.90 14.63
C ASN A 103 -1.93 -45.61 15.38
N ASN A 104 -1.97 -45.57 16.70
CA ASN A 104 -0.92 -46.18 17.47
C ASN A 104 -1.02 -47.69 17.57
N ILE A 105 -2.21 -48.21 17.83
CA ILE A 105 -2.31 -49.66 17.89
C ILE A 105 -2.17 -50.28 16.51
N LEU A 106 -2.37 -49.51 15.47
CA LEU A 106 -2.17 -49.98 14.08
C LEU A 106 -0.71 -50.26 13.80
N ARG A 107 0.18 -49.52 14.42
CA ARG A 107 1.63 -49.69 14.23
C ARG A 107 2.24 -50.76 15.13
N ARG A 108 1.57 -51.10 16.23
CA ARG A 108 1.98 -52.19 17.11
C ARG A 108 2.64 -53.39 16.38
N GLN A 109 3.75 -53.87 16.92
CA GLN A 109 4.44 -55.04 16.36
C GLN A 109 4.82 -56.04 17.43
N ILE A 110 4.55 -57.30 17.14
CA ILE A 110 5.09 -58.38 17.95
C ILE A 110 5.88 -59.23 16.99
N GLY A 111 7.17 -59.39 17.27
CA GLY A 111 8.07 -60.07 16.37
C GLY A 111 7.90 -59.54 14.97
N THR A 112 7.63 -60.42 14.00
CA THR A 112 7.46 -59.96 12.61
C THR A 112 6.00 -59.65 12.28
N ARG A 113 5.12 -59.83 13.25
CA ARG A 113 3.69 -59.69 13.04
C ARG A 113 3.16 -58.30 13.33
N THR A 114 1.99 -58.02 12.79
CA THR A 114 1.45 -56.70 12.91
C THR A 114 -0.01 -56.91 13.33
N PRO A 115 -0.25 -57.22 14.60
CA PRO A 115 -1.55 -57.78 14.99
C PRO A 115 -2.82 -56.99 14.64
N THR A 116 -2.79 -55.66 14.72
CA THR A 116 -3.97 -54.89 14.35
C THR A 116 -4.32 -55.02 12.86
N VAL A 117 -3.30 -55.20 12.01
CA VAL A 117 -3.53 -55.42 10.60
C VAL A 117 -4.21 -56.76 10.39
N GLU A 118 -3.66 -57.81 11.01
CA GLU A 118 -4.31 -59.11 11.04
C GLU A 118 -5.76 -58.98 11.54
N TYR A 119 -5.93 -58.27 12.63
CA TYR A 119 -7.26 -58.00 13.13
C TYR A 119 -8.16 -57.40 12.06
N ILE A 120 -7.73 -56.27 11.48
CA ILE A 120 -8.58 -55.56 10.55
C ILE A 120 -8.92 -56.39 9.31
N CYS A 121 -8.02 -57.28 8.89
CA CYS A 121 -8.32 -58.18 7.80
C CYS A 121 -9.50 -59.11 8.14
N THR A 122 -9.82 -59.29 9.43
CA THR A 122 -10.97 -60.12 9.82
C THR A 122 -12.12 -59.20 10.23
N GLN A 123 -11.95 -57.90 10.02
CA GLN A 123 -12.87 -56.90 10.50
C GLN A 123 -12.90 -55.75 9.49
N GLN A 124 -13.08 -56.09 8.23
CA GLN A 124 -12.95 -55.15 7.13
C GLN A 124 -13.96 -54.03 7.16
N ASN A 125 -15.02 -54.20 7.92
CA ASN A 125 -15.98 -53.14 8.04
C ASN A 125 -15.35 -51.84 8.55
N ILE A 126 -14.33 -51.98 9.38
CA ILE A 126 -13.62 -50.78 9.82
C ILE A 126 -13.20 -49.93 8.61
N LEU A 127 -12.59 -50.57 7.60
CA LEU A 127 -12.18 -49.84 6.39
C LEU A 127 -13.37 -49.24 5.63
N PHE A 128 -14.44 -50.01 5.46
CA PHE A 128 -15.57 -49.50 4.71
C PHE A 128 -16.27 -48.34 5.39
N MET A 129 -16.35 -48.37 6.71
CA MET A 129 -16.91 -47.25 7.46
C MET A 129 -15.98 -46.02 7.40
N LEU A 130 -14.67 -46.25 7.45
CA LEU A 130 -13.75 -45.11 7.38
C LEU A 130 -13.87 -44.41 6.03
N LEU A 131 -13.96 -45.21 4.97
CA LEU A 131 -14.04 -44.70 3.61
C LEU A 131 -15.30 -43.87 3.39
N LYS A 132 -16.42 -44.38 3.88
CA LYS A 132 -17.68 -43.64 3.90
C LYS A 132 -17.61 -42.30 4.68
N GLY A 133 -16.63 -42.15 5.56
CA GLY A 133 -16.47 -40.96 6.37
C GLY A 133 -16.30 -39.69 5.55
N TYR A 134 -15.71 -39.83 4.36
CA TYR A 134 -15.50 -38.67 3.51
C TYR A 134 -16.83 -38.03 3.14
N GLU A 135 -17.90 -38.81 3.29
CA GLU A 135 -19.24 -38.32 2.97
C GLU A 135 -19.76 -37.37 4.05
N SER A 136 -19.20 -37.46 5.27
CA SER A 136 -19.68 -36.66 6.40
C SER A 136 -18.66 -35.61 6.87
N PRO A 137 -18.99 -34.33 6.67
CA PRO A 137 -18.09 -33.24 7.04
C PRO A 137 -17.62 -33.30 8.49
N GLU A 138 -18.51 -33.61 9.43
CA GLU A 138 -18.09 -33.64 10.85
C GLU A 138 -16.83 -34.51 11.09
N ILE A 139 -16.73 -35.62 10.34
CA ILE A 139 -15.76 -36.67 10.63
C ILE A 139 -14.77 -36.98 9.50
N ALA A 140 -14.91 -36.32 8.35
CA ALA A 140 -14.09 -36.61 7.18
C ALA A 140 -12.57 -36.51 7.39
N LEU A 141 -12.12 -35.50 8.12
CA LEU A 141 -10.69 -35.28 8.31
C LEU A 141 -10.00 -36.41 9.09
N ASN A 142 -10.59 -36.82 10.22
CA ASN A 142 -10.07 -37.94 11.02
C ASN A 142 -10.17 -39.30 10.34
N CYS A 143 -11.33 -39.58 9.73
CA CYS A 143 -11.47 -40.79 8.91
C CYS A 143 -10.34 -40.84 7.90
N GLY A 144 -10.08 -39.69 7.27
CA GLY A 144 -9.02 -39.57 6.30
C GLY A 144 -7.67 -39.87 6.91
N ILE A 145 -7.42 -39.26 8.08
CA ILE A 145 -6.18 -39.45 8.83
C ILE A 145 -5.95 -40.91 9.14
N MET A 146 -7.02 -41.61 9.55
CA MET A 146 -6.92 -43.01 9.96
C MET A 146 -6.75 -43.92 8.74
N LEU A 147 -7.38 -43.50 7.63
CA LEU A 147 -7.32 -44.27 6.41
C LEU A 147 -5.91 -44.30 5.87
N ARG A 148 -5.29 -43.13 5.81
CA ARG A 148 -3.97 -43.02 5.25
C ARG A 148 -2.98 -43.85 6.07
N GLU A 149 -3.25 -44.00 7.37
CA GLU A 149 -2.50 -44.94 8.22
C GLU A 149 -2.77 -46.41 7.87
N CYS A 150 -4.04 -46.77 7.67
CA CYS A 150 -4.41 -48.13 7.25
C CYS A 150 -3.68 -48.50 5.98
N ILE A 151 -3.69 -47.60 4.99
CA ILE A 151 -3.07 -47.90 3.69
C ILE A 151 -1.53 -48.04 3.68
N ARG A 152 -0.85 -47.63 4.76
CA ARG A 152 0.59 -47.89 4.85
C ARG A 152 0.85 -49.39 4.85
N HIS A 153 -0.19 -50.17 5.12
CA HIS A 153 -0.05 -51.62 5.29
C HIS A 153 -0.65 -52.31 4.08
N GLU A 154 0.17 -53.07 3.37
CA GLU A 154 -0.23 -53.59 2.09
C GLU A 154 -1.60 -54.29 2.10
N PRO A 155 -1.86 -55.21 3.08
CA PRO A 155 -3.14 -55.93 3.00
C PRO A 155 -4.31 -54.96 3.10
N LEU A 156 -4.16 -53.89 3.85
CA LEU A 156 -5.27 -52.97 4.04
C LEU A 156 -5.47 -52.11 2.81
N ALA A 157 -4.37 -51.78 2.13
CA ALA A 157 -4.51 -51.05 0.86
C ALA A 157 -5.15 -52.01 -0.18
N LYS A 158 -4.79 -53.30 -0.13
CA LYS A 158 -5.39 -54.27 -1.04
C LYS A 158 -6.92 -54.26 -0.92
N ILE A 159 -7.43 -54.38 0.30
CA ILE A 159 -8.85 -54.42 0.52
C ILE A 159 -9.54 -53.16 -0.02
N ILE A 160 -8.92 -52.00 0.15
CA ILE A 160 -9.53 -50.78 -0.35
C ILE A 160 -9.46 -50.70 -1.87
N LEU A 161 -8.28 -50.90 -2.43
CA LEU A 161 -8.08 -50.81 -3.86
C LEU A 161 -8.99 -51.73 -4.67
N TRP A 162 -9.30 -52.89 -4.11
CA TRP A 162 -10.07 -53.92 -4.77
C TRP A 162 -11.60 -53.80 -4.49
N SER A 163 -11.98 -52.86 -3.61
CA SER A 163 -13.38 -52.62 -3.28
C SER A 163 -14.08 -51.64 -4.22
N GLU A 164 -15.35 -51.90 -4.52
CA GLU A 164 -16.25 -50.92 -5.14
C GLU A 164 -16.18 -49.51 -4.53
N GLN A 165 -15.94 -49.40 -3.23
CA GLN A 165 -15.94 -48.10 -2.57
C GLN A 165 -14.76 -47.27 -3.09
N PHE A 166 -13.72 -47.95 -3.58
CA PHE A 166 -12.57 -47.24 -4.11
C PHE A 166 -12.98 -46.20 -5.13
N TYR A 167 -13.99 -46.54 -5.93
CA TYR A 167 -14.43 -45.63 -6.98
C TYR A 167 -15.04 -44.33 -6.48
N ASP A 168 -15.42 -44.32 -5.21
CA ASP A 168 -15.99 -43.11 -4.66
C ASP A 168 -14.96 -42.00 -4.60
N PHE A 169 -13.67 -42.35 -4.60
CA PHE A 169 -12.60 -41.36 -4.66
C PHE A 169 -12.75 -40.39 -5.85
N PHE A 170 -13.23 -40.88 -6.98
CA PHE A 170 -13.48 -40.01 -8.14
C PHE A 170 -14.56 -38.94 -7.88
N ARG A 171 -15.38 -39.15 -6.88
CA ARG A 171 -16.34 -38.13 -6.48
C ARG A 171 -15.67 -37.22 -5.44
N TYR A 172 -15.12 -37.86 -4.42
CA TYR A 172 -14.47 -37.19 -3.31
C TYR A 172 -13.40 -36.18 -3.73
N VAL A 173 -12.58 -36.52 -4.72
CA VAL A 173 -11.50 -35.59 -5.11
C VAL A 173 -11.99 -34.32 -5.77
N GLU A 174 -13.26 -34.30 -6.18
CA GLU A 174 -13.82 -33.13 -6.87
C GLU A 174 -14.85 -32.37 -6.05
N MET A 175 -14.87 -32.66 -4.76
CA MET A 175 -15.73 -31.95 -3.82
C MET A 175 -15.40 -30.48 -3.85
N SER A 176 -16.42 -29.66 -3.73
CA SER A 176 -16.21 -28.24 -3.81
C SER A 176 -15.51 -27.72 -2.54
N THR A 177 -15.63 -28.43 -1.41
CA THR A 177 -14.84 -28.12 -0.21
C THR A 177 -13.43 -28.64 -0.40
N PHE A 178 -12.50 -27.73 -0.71
CA PHE A 178 -11.14 -28.10 -1.11
C PHE A 178 -10.31 -28.89 -0.07
N ASP A 179 -10.49 -28.59 1.22
CA ASP A 179 -9.75 -29.31 2.29
C ASP A 179 -9.97 -30.81 2.28
N ILE A 180 -11.22 -31.23 2.16
CA ILE A 180 -11.57 -32.63 2.10
C ILE A 180 -11.06 -33.23 0.76
N ALA A 181 -11.30 -32.52 -0.34
CA ALA A 181 -10.82 -32.95 -1.64
C ALA A 181 -9.31 -33.23 -1.62
N SER A 182 -8.52 -32.25 -1.18
CA SER A 182 -7.07 -32.45 -1.06
C SER A 182 -6.72 -33.71 -0.29
N ASP A 183 -7.41 -33.91 0.84
CA ASP A 183 -7.33 -35.11 1.65
C ASP A 183 -7.72 -36.39 0.89
N ALA A 184 -8.93 -36.43 0.34
CA ALA A 184 -9.34 -37.57 -0.47
C ALA A 184 -8.33 -37.82 -1.55
N PHE A 185 -7.84 -36.75 -2.16
CA PHE A 185 -6.91 -36.92 -3.26
C PHE A 185 -5.60 -37.46 -2.73
N ALA A 186 -5.20 -37.01 -1.55
CA ALA A 186 -3.94 -37.49 -0.99
C ALA A 186 -3.93 -39.00 -0.75
N THR A 187 -5.10 -39.59 -0.42
CA THR A 187 -5.28 -41.02 -0.14
C THR A 187 -5.32 -41.84 -1.42
N PHE A 188 -6.06 -41.31 -2.39
CA PHE A 188 -6.11 -41.83 -3.74
C PHE A 188 -4.68 -41.91 -4.25
N LYS A 189 -3.94 -40.80 -4.29
CA LYS A 189 -2.55 -40.83 -4.77
C LYS A 189 -1.72 -41.92 -4.04
N ASP A 190 -1.97 -42.06 -2.75
CA ASP A 190 -1.28 -43.05 -1.92
C ASP A 190 -1.66 -44.47 -2.30
N LEU A 191 -2.95 -44.75 -2.46
CA LEU A 191 -3.34 -46.08 -2.86
C LEU A 191 -2.64 -46.47 -4.17
N LEU A 192 -2.53 -45.53 -5.10
CA LEU A 192 -1.98 -45.82 -6.44
C LEU A 192 -0.45 -45.83 -6.54
N THR A 193 0.26 -45.37 -5.50
CA THR A 193 1.70 -45.27 -5.64
C THR A 193 2.53 -45.88 -4.54
N ARG A 194 1.97 -46.12 -3.35
CA ARG A 194 2.78 -46.65 -2.27
C ARG A 194 3.26 -48.10 -2.50
N HIS A 195 2.33 -49.00 -2.78
CA HIS A 195 2.65 -50.41 -2.91
C HIS A 195 2.66 -50.73 -4.37
N LYS A 196 3.86 -50.74 -4.92
CA LYS A 196 4.06 -50.61 -6.36
C LYS A 196 3.58 -51.81 -7.14
N LEU A 197 3.98 -53.00 -6.72
CA LEU A 197 3.47 -54.20 -7.36
C LEU A 197 1.93 -54.29 -7.18
N LEU A 198 1.42 -53.94 -6.00
CA LEU A 198 -0.03 -53.94 -5.77
C LEU A 198 -0.80 -53.04 -6.75
N SER A 199 -0.43 -51.76 -6.82
CA SER A 199 -0.99 -50.83 -7.80
C SER A 199 -0.91 -51.32 -9.24
N ALA A 200 0.27 -51.81 -9.62
CA ALA A 200 0.49 -52.23 -10.98
C ALA A 200 -0.50 -53.35 -11.30
N GLU A 201 -0.58 -54.34 -10.43
CA GLU A 201 -1.58 -55.40 -10.52
C GLU A 201 -2.98 -54.81 -10.71
N PHE A 202 -3.35 -53.87 -9.85
CA PHE A 202 -4.69 -53.30 -9.89
C PHE A 202 -5.03 -52.51 -11.16
N LEU A 203 -4.10 -51.70 -11.66
CA LEU A 203 -4.32 -50.97 -12.92
C LEU A 203 -4.40 -51.93 -14.11
N GLU A 204 -3.59 -52.97 -14.10
CA GLU A 204 -3.60 -53.99 -15.13
C GLU A 204 -4.95 -54.69 -15.19
N GLN A 205 -5.44 -55.12 -14.02
CA GLN A 205 -6.69 -55.86 -13.93
C GLN A 205 -7.92 -54.97 -14.21
N HIS A 206 -7.84 -53.71 -13.81
CA HIS A 206 -9.02 -52.84 -13.87
C HIS A 206 -8.89 -51.67 -14.83
N TYR A 207 -7.97 -51.79 -15.78
CA TYR A 207 -7.68 -50.77 -16.76
C TYR A 207 -8.93 -50.07 -17.25
N ASP A 208 -9.73 -50.76 -18.03
CA ASP A 208 -10.92 -50.18 -18.60
C ASP A 208 -11.71 -49.29 -17.64
N ARG A 209 -12.06 -49.80 -16.47
CA ARG A 209 -12.92 -49.01 -15.59
C ARG A 209 -12.17 -47.84 -14.98
N PHE A 210 -10.99 -48.12 -14.44
CA PHE A 210 -10.16 -47.10 -13.87
C PHE A 210 -9.95 -45.93 -14.83
N PHE A 211 -9.39 -46.24 -16.00
CA PHE A 211 -8.99 -45.19 -16.95
C PHE A 211 -10.14 -44.47 -17.61
N SER A 212 -11.28 -45.12 -17.67
CA SER A 212 -12.52 -44.46 -18.01
C SER A 212 -12.83 -43.36 -17.00
N GLU A 213 -12.65 -43.67 -15.72
CA GLU A 213 -12.88 -42.70 -14.66
C GLU A 213 -11.79 -41.61 -14.61
N TYR A 214 -10.53 -42.00 -14.74
CA TYR A 214 -9.43 -41.03 -14.70
C TYR A 214 -9.49 -40.04 -15.85
N GLU A 215 -10.00 -40.49 -16.98
CA GLU A 215 -10.26 -39.60 -18.10
C GLU A 215 -11.15 -38.42 -17.71
N LYS A 216 -12.25 -38.67 -16.99
CA LYS A 216 -13.14 -37.57 -16.57
C LYS A 216 -12.43 -36.51 -15.70
N LEU A 217 -11.45 -36.94 -14.91
CA LEU A 217 -10.64 -36.01 -14.13
C LEU A 217 -9.79 -35.10 -14.99
N LEU A 218 -9.26 -35.61 -16.11
CA LEU A 218 -8.39 -34.82 -16.97
C LEU A 218 -9.20 -33.79 -17.73
N HIS A 219 -10.52 -33.95 -17.71
CA HIS A 219 -11.49 -33.02 -18.33
C HIS A 219 -12.23 -32.22 -17.29
N SER A 220 -11.81 -32.32 -16.03
CA SER A 220 -12.51 -31.71 -14.90
C SER A 220 -12.62 -30.20 -14.96
N GLU A 221 -13.75 -29.69 -14.47
CA GLU A 221 -13.86 -28.28 -14.09
C GLU A 221 -13.38 -28.16 -12.63
N ASN A 222 -12.28 -27.41 -12.48
CA ASN A 222 -11.45 -27.42 -11.27
C ASN A 222 -9.99 -27.53 -11.66
N TYR A 223 -9.33 -26.38 -11.65
CA TYR A 223 -7.94 -26.20 -12.00
C TYR A 223 -7.03 -27.23 -11.30
N VAL A 224 -7.27 -27.44 -10.01
CA VAL A 224 -6.46 -28.35 -9.21
C VAL A 224 -6.75 -29.83 -9.54
N THR A 225 -8.04 -30.17 -9.64
CA THR A 225 -8.39 -31.53 -10.05
C THR A 225 -7.66 -31.87 -11.35
N LYS A 226 -7.87 -31.07 -12.40
CA LYS A 226 -7.19 -31.26 -13.67
C LYS A 226 -5.66 -31.28 -13.51
N ARG A 227 -5.09 -30.28 -12.83
CA ARG A 227 -3.64 -30.18 -12.72
C ARG A 227 -3.01 -31.35 -11.96
N GLN A 228 -3.55 -31.63 -10.76
CA GLN A 228 -3.08 -32.75 -9.93
C GLN A 228 -3.24 -34.08 -10.69
N SER A 229 -4.43 -34.33 -11.22
CA SER A 229 -4.66 -35.55 -11.99
C SER A 229 -3.67 -35.73 -13.14
N LEU A 230 -3.29 -34.63 -13.78
CA LEU A 230 -2.39 -34.69 -14.91
C LEU A 230 -0.97 -35.07 -14.49
N LYS A 231 -0.46 -34.38 -13.47
CA LYS A 231 0.85 -34.67 -12.89
C LYS A 231 0.96 -36.14 -12.48
N LEU A 232 -0.06 -36.65 -11.79
CA LEU A 232 -0.03 -38.02 -11.31
C LEU A 232 -0.07 -39.02 -12.48
N LEU A 233 -0.86 -38.74 -13.51
CA LEU A 233 -0.84 -39.60 -14.67
C LEU A 233 0.60 -39.79 -15.14
N GLY A 234 1.32 -38.66 -15.26
CA GLY A 234 2.68 -38.67 -15.78
C GLY A 234 3.60 -39.51 -14.91
N GLU A 235 3.48 -39.33 -13.60
CA GLU A 235 4.28 -40.09 -12.63
C GLU A 235 3.95 -41.57 -12.67
N LEU A 236 2.68 -41.90 -12.89
CA LEU A 236 2.23 -43.28 -13.02
C LEU A 236 2.81 -43.93 -14.27
N LEU A 237 2.74 -43.21 -15.40
CA LEU A 237 3.15 -43.81 -16.67
C LEU A 237 4.67 -44.05 -16.74
N LEU A 238 5.43 -43.18 -16.08
CA LEU A 238 6.88 -43.28 -16.09
C LEU A 238 7.45 -44.24 -15.05
N ASP A 239 6.66 -44.57 -14.02
CA ASP A 239 7.06 -45.57 -13.06
C ASP A 239 7.16 -46.94 -13.74
N ARG A 240 8.37 -47.50 -13.76
CA ARG A 240 8.63 -48.79 -14.40
C ARG A 240 7.72 -49.96 -14.01
N HIS A 241 7.20 -49.94 -12.78
CA HIS A 241 6.23 -50.94 -12.35
C HIS A 241 5.02 -50.95 -13.27
N ASN A 242 4.69 -49.80 -13.83
CA ASN A 242 3.49 -49.68 -14.62
C ASN A 242 3.76 -49.79 -16.13
N PHE A 243 4.88 -50.42 -16.47
CA PHE A 243 5.41 -50.47 -17.83
C PHE A 243 4.33 -50.84 -18.84
N THR A 244 3.59 -51.90 -18.51
CA THR A 244 2.51 -52.44 -19.33
C THR A 244 1.26 -51.57 -19.36
N ILE A 245 1.03 -50.81 -18.30
CA ILE A 245 -0.06 -49.85 -18.27
C ILE A 245 0.27 -48.70 -19.22
N MET A 246 1.54 -48.27 -19.23
CA MET A 246 1.98 -47.22 -20.12
C MET A 246 1.83 -47.62 -21.60
N THR A 247 2.26 -48.82 -21.96
CA THR A 247 2.24 -49.16 -23.39
C THR A 247 0.81 -49.29 -23.90
N LYS A 248 -0.11 -49.68 -23.02
CA LYS A 248 -1.52 -49.69 -23.39
C LYS A 248 -1.98 -48.25 -23.56
N TYR A 249 -1.63 -47.40 -22.59
CA TYR A 249 -2.12 -46.02 -22.60
C TYR A 249 -1.64 -45.24 -23.81
N ILE A 250 -0.36 -45.36 -24.12
CA ILE A 250 0.23 -44.56 -25.21
C ILE A 250 -0.05 -45.16 -26.58
N SER A 251 -0.82 -46.23 -26.60
CA SER A 251 -1.20 -46.85 -27.88
C SER A 251 -2.61 -46.43 -28.35
N LYS A 252 -3.35 -45.73 -27.50
CA LYS A 252 -4.76 -45.42 -27.80
C LYS A 252 -4.84 -44.00 -28.34
N PRO A 253 -5.54 -43.82 -29.49
CA PRO A 253 -5.65 -42.55 -30.21
C PRO A 253 -6.32 -41.43 -29.40
N GLU A 254 -7.35 -41.74 -28.61
CA GLU A 254 -7.98 -40.74 -27.74
C GLU A 254 -7.03 -40.14 -26.69
N ASN A 255 -6.23 -40.99 -26.06
CA ASN A 255 -5.28 -40.51 -25.05
C ASN A 255 -4.29 -39.54 -25.66
N LEU A 256 -3.91 -39.81 -26.91
CA LEU A 256 -3.02 -38.90 -27.61
C LEU A 256 -3.75 -37.62 -27.96
N LYS A 257 -4.94 -37.76 -28.54
CA LYS A 257 -5.72 -36.56 -28.89
C LYS A 257 -5.78 -35.66 -27.67
N LEU A 258 -6.15 -36.22 -26.53
CA LEU A 258 -6.35 -35.43 -25.31
C LEU A 258 -5.11 -34.68 -24.82
N MET A 259 -3.99 -35.38 -24.68
CA MET A 259 -2.69 -34.73 -24.37
C MET A 259 -2.37 -33.62 -25.36
N MET A 260 -2.56 -33.90 -26.66
CA MET A 260 -2.30 -32.89 -27.67
C MET A 260 -3.11 -31.60 -27.45
N ASN A 261 -4.37 -31.76 -27.00
CA ASN A 261 -5.21 -30.59 -26.72
C ASN A 261 -4.77 -29.86 -25.45
N LEU A 262 -4.41 -30.60 -24.41
CA LEU A 262 -3.98 -29.97 -23.17
C LEU A 262 -2.72 -29.14 -23.38
N LEU A 263 -2.00 -29.40 -24.46
CA LEU A 263 -0.81 -28.62 -24.79
C LEU A 263 -1.19 -27.18 -25.09
N ARG A 264 -2.46 -26.99 -25.46
CA ARG A 264 -2.96 -25.66 -25.80
C ARG A 264 -3.87 -25.10 -24.71
N ASP A 265 -3.80 -25.67 -23.51
CA ASP A 265 -4.57 -25.18 -22.36
C ASP A 265 -4.17 -23.76 -21.99
N LYS A 266 -5.15 -23.01 -21.49
CA LYS A 266 -4.91 -21.72 -20.83
C LYS A 266 -3.79 -21.76 -19.75
N SER A 267 -3.66 -22.88 -19.03
CA SER A 267 -2.65 -23.00 -17.96
C SER A 267 -1.26 -23.48 -18.38
N ARG A 268 -0.28 -22.59 -18.29
CA ARG A 268 1.12 -22.88 -18.59
C ARG A 268 1.67 -24.12 -17.90
N ASN A 269 1.19 -24.39 -16.68
CA ASN A 269 1.62 -25.57 -15.96
C ASN A 269 0.90 -26.83 -16.45
N ILE A 270 -0.40 -26.73 -16.67
CA ILE A 270 -1.13 -27.85 -17.26
C ILE A 270 -0.47 -28.26 -18.58
N GLN A 271 -0.18 -27.30 -19.44
CA GLN A 271 0.43 -27.64 -20.71
C GLN A 271 1.81 -28.30 -20.55
N PHE A 272 2.56 -27.83 -19.56
CA PHE A 272 3.87 -28.40 -19.25
C PHE A 272 3.79 -29.88 -18.81
N GLU A 273 2.79 -30.25 -18.00
CA GLU A 273 2.64 -31.67 -17.65
C GLU A 273 2.12 -32.46 -18.85
N ALA A 274 1.17 -31.89 -19.60
CA ALA A 274 0.69 -32.51 -20.84
C ALA A 274 1.86 -32.78 -21.77
N PHE A 275 2.78 -31.85 -21.83
CA PHE A 275 4.01 -32.02 -22.61
C PHE A 275 4.78 -33.25 -22.18
N HIS A 276 4.90 -33.47 -20.87
CA HIS A 276 5.68 -34.62 -20.39
C HIS A 276 5.01 -35.96 -20.57
N VAL A 277 3.69 -36.00 -20.68
CA VAL A 277 3.00 -37.24 -21.13
C VAL A 277 3.13 -37.39 -22.65
N PHE A 278 3.07 -36.25 -23.35
CA PHE A 278 3.12 -36.24 -24.82
C PHE A 278 4.42 -36.82 -25.35
N LYS A 279 5.56 -36.43 -24.77
CA LYS A 279 6.88 -36.94 -25.18
C LYS A 279 6.97 -38.48 -25.22
N VAL A 280 6.27 -39.13 -24.30
CA VAL A 280 6.25 -40.59 -24.18
C VAL A 280 5.48 -41.24 -25.32
N PHE A 281 4.41 -40.59 -25.78
CA PHE A 281 3.72 -41.06 -26.98
C PHE A 281 4.70 -41.04 -28.13
N VAL A 282 5.47 -39.96 -28.24
CA VAL A 282 6.36 -39.75 -29.37
C VAL A 282 7.63 -40.60 -29.30
N ALA A 283 8.24 -40.73 -28.11
CA ALA A 283 9.49 -41.48 -28.00
C ALA A 283 9.27 -42.99 -28.14
N ASN A 284 8.02 -43.42 -27.97
CA ASN A 284 7.64 -44.80 -28.16
C ASN A 284 8.19 -45.36 -29.49
N PRO A 285 9.02 -46.42 -29.43
CA PRO A 285 9.57 -46.97 -30.67
C PRO A 285 8.64 -47.99 -31.34
N ASN A 286 7.50 -48.28 -30.73
CA ASN A 286 6.56 -49.25 -31.28
C ASN A 286 5.19 -48.64 -31.40
N LYS A 287 5.12 -47.57 -32.19
CA LYS A 287 3.88 -46.80 -32.35
C LYS A 287 2.90 -47.56 -33.23
N THR A 288 1.62 -47.50 -32.89
CA THR A 288 0.58 -48.17 -33.67
C THR A 288 0.14 -47.22 -34.77
N GLN A 289 -0.45 -47.76 -35.83
CA GLN A 289 -0.75 -46.93 -37.00
C GLN A 289 -1.71 -45.75 -36.67
N PRO A 290 -2.81 -46.00 -35.94
CA PRO A 290 -3.64 -44.88 -35.51
C PRO A 290 -2.85 -43.75 -34.85
N ILE A 291 -1.88 -44.12 -34.01
CA ILE A 291 -1.01 -43.14 -33.36
C ILE A 291 -0.14 -42.37 -34.36
N LEU A 292 0.44 -43.09 -35.32
CA LEU A 292 1.35 -42.49 -36.26
C LEU A 292 0.61 -41.57 -37.21
N ASP A 293 -0.58 -41.99 -37.63
CA ASP A 293 -1.42 -41.21 -38.56
C ASP A 293 -1.78 -39.83 -38.00
N ILE A 294 -1.99 -39.78 -36.68
CA ILE A 294 -2.25 -38.51 -36.01
C ILE A 294 -1.02 -37.61 -36.06
N LEU A 295 0.11 -38.11 -35.55
CA LEU A 295 1.39 -37.41 -35.61
C LEU A 295 1.79 -37.02 -37.03
N LEU A 296 1.51 -37.89 -38.01
CA LEU A 296 1.75 -37.56 -39.40
C LEU A 296 0.82 -36.46 -39.90
N LYS A 297 -0.49 -36.59 -39.67
CA LYS A 297 -1.44 -35.54 -40.06
C LYS A 297 -0.97 -34.15 -39.59
N ASN A 298 -0.36 -34.13 -38.40
CA ASN A 298 0.01 -32.89 -37.73
C ASN A 298 1.51 -32.60 -37.70
N GLN A 299 2.29 -33.28 -38.56
CA GLN A 299 3.74 -33.08 -38.60
C GLN A 299 4.13 -31.60 -38.79
N ALA A 300 3.55 -30.96 -39.80
CA ALA A 300 3.85 -29.54 -40.08
C ALA A 300 3.66 -28.66 -38.84
N LYS A 301 2.49 -28.76 -38.20
CA LYS A 301 2.18 -27.90 -37.05
C LYS A 301 3.02 -28.25 -35.83
N LEU A 302 3.18 -29.55 -35.58
CA LEU A 302 3.97 -29.99 -34.43
C LEU A 302 5.38 -29.44 -34.46
N ILE A 303 6.04 -29.56 -35.61
CA ILE A 303 7.41 -29.08 -35.74
C ILE A 303 7.54 -27.61 -35.34
N GLU A 304 6.64 -26.75 -35.85
CA GLU A 304 6.65 -25.31 -35.49
C GLU A 304 6.21 -25.08 -34.04
N PHE A 305 5.05 -25.61 -33.68
CA PHE A 305 4.50 -25.43 -32.34
C PHE A 305 5.52 -25.71 -31.22
N LEU A 306 6.09 -26.92 -31.25
CA LEU A 306 7.11 -27.32 -30.26
C LEU A 306 8.31 -26.39 -30.23
N SER A 307 8.70 -25.89 -31.41
CA SER A 307 9.81 -24.96 -31.56
C SER A 307 9.47 -23.56 -31.03
N LYS A 308 8.22 -23.34 -30.64
CA LYS A 308 7.81 -22.06 -30.06
C LYS A 308 7.27 -22.28 -28.66
N PHE A 309 7.05 -23.55 -28.32
CA PHE A 309 6.41 -23.93 -27.06
C PHE A 309 7.17 -23.40 -25.85
N GLN A 310 6.49 -22.55 -25.08
CA GLN A 310 7.08 -21.91 -23.90
C GLN A 310 8.55 -21.50 -24.15
N ASN A 311 8.75 -20.66 -25.17
CA ASN A 311 10.07 -20.11 -25.47
C ASN A 311 10.72 -19.39 -24.29
N ASP A 312 9.88 -18.79 -23.45
CA ASP A 312 10.31 -18.20 -22.19
C ASP A 312 10.53 -19.31 -21.16
N ARG A 313 11.75 -19.40 -20.61
CA ARG A 313 12.06 -20.22 -19.42
C ARG A 313 13.40 -19.87 -18.77
N GLN A 318 17.67 -27.85 -19.92
CA GLN A 318 17.31 -29.27 -20.03
C GLN A 318 15.96 -29.50 -20.73
N PHE A 319 14.97 -28.69 -20.37
CA PHE A 319 13.65 -28.73 -21.01
C PHE A 319 13.80 -28.43 -22.51
N ASN A 320 14.66 -27.47 -22.85
CA ASN A 320 14.98 -27.13 -24.23
C ASN A 320 15.66 -28.27 -25.00
N ASP A 321 16.35 -29.13 -24.27
CA ASP A 321 16.99 -30.32 -24.81
C ASP A 321 15.97 -31.37 -25.23
N GLU A 322 14.88 -31.47 -24.46
CA GLU A 322 13.80 -32.42 -24.72
C GLU A 322 12.90 -31.98 -25.87
N LYS A 323 12.65 -30.68 -25.96
CA LYS A 323 11.96 -30.09 -27.11
C LYS A 323 12.73 -30.34 -28.40
N THR A 324 14.05 -30.40 -28.30
CA THR A 324 14.91 -30.62 -29.46
C THR A 324 14.82 -32.06 -29.97
N TYR A 325 14.93 -33.03 -29.06
CA TYR A 325 14.82 -34.43 -29.42
C TYR A 325 13.43 -34.78 -30.00
N LEU A 326 12.39 -34.16 -29.44
CA LEU A 326 11.01 -34.32 -29.93
C LEU A 326 10.80 -33.88 -31.37
N VAL A 327 11.23 -32.65 -31.67
CA VAL A 327 11.13 -32.07 -33.01
C VAL A 327 11.80 -33.00 -34.02
N LYS A 328 12.98 -33.51 -33.67
CA LYS A 328 13.72 -34.43 -34.52
C LYS A 328 12.93 -35.74 -34.70
N GLN A 329 12.42 -36.28 -33.60
CA GLN A 329 11.62 -37.52 -33.62
C GLN A 329 10.40 -37.40 -34.53
N ILE A 330 9.82 -36.21 -34.60
CA ILE A 330 8.68 -35.93 -35.48
C ILE A 330 9.15 -35.62 -36.91
N ARG A 331 10.28 -34.94 -37.00
CA ARG A 331 10.97 -34.65 -38.27
C ARG A 331 11.33 -35.97 -38.97
N ASP A 332 11.64 -37.00 -38.20
CA ASP A 332 12.05 -38.29 -38.74
C ASP A 332 10.88 -39.19 -39.13
N LEU A 333 9.66 -38.75 -38.82
CA LEU A 333 8.47 -39.55 -39.10
C LEU A 333 8.23 -39.73 -40.59
N LYS A 334 8.09 -40.98 -40.98
CA LYS A 334 7.94 -41.35 -42.39
C LYS A 334 6.69 -42.19 -42.60
N ARG A 335 5.98 -41.94 -43.70
CA ARG A 335 4.83 -42.74 -44.09
C ARG A 335 5.24 -44.18 -44.39
N PRO A 336 4.49 -45.17 -43.84
CA PRO A 336 4.72 -46.61 -43.89
C PRO A 336 5.61 -47.10 -45.05
N SER B 3 -21.20 -20.05 5.84
CA SER B 3 -20.28 -20.88 5.02
C SER B 3 -20.92 -21.13 3.66
N PHE B 4 -21.51 -22.32 3.52
CA PHE B 4 -22.54 -22.67 2.53
C PHE B 4 -22.34 -22.37 1.02
N LEU B 5 -21.34 -21.57 0.65
CA LEU B 5 -21.03 -21.36 -0.77
C LEU B 5 -19.54 -21.32 -1.10
N PRO B 6 -19.10 -22.17 -2.05
CA PRO B 6 -17.76 -22.17 -2.60
C PRO B 6 -17.75 -21.54 -3.99
N GLU B 7 -18.22 -20.30 -4.07
CA GLU B 7 -18.43 -19.62 -5.35
C GLU B 7 -17.92 -18.18 -5.32
N GLY B 8 -16.99 -17.85 -6.22
CA GLY B 8 -16.37 -16.53 -6.28
C GLY B 8 -17.33 -15.37 -6.48
N GLY B 9 -18.33 -15.56 -7.33
CA GLY B 9 -19.37 -14.56 -7.59
C GLY B 9 -20.13 -14.12 -6.35
N CYS B 10 -20.22 -15.00 -5.35
CA CYS B 10 -20.98 -14.73 -4.12
C CYS B 10 -20.26 -13.79 -3.14
N TYR B 11 -19.04 -13.37 -3.49
CA TYR B 11 -18.23 -12.49 -2.64
C TYR B 11 -17.85 -11.18 -3.36
N GLU B 12 -18.29 -10.04 -2.83
CA GLU B 12 -17.75 -8.79 -3.33
C GLU B 12 -16.40 -8.52 -2.69
N LEU B 13 -15.34 -8.61 -3.51
CA LEU B 13 -13.99 -8.30 -3.07
C LEU B 13 -13.75 -6.77 -2.87
N LEU B 14 -13.62 -6.38 -1.61
CA LEU B 14 -13.34 -5.00 -1.21
C LEU B 14 -11.85 -4.79 -0.88
N THR B 15 -11.59 -3.81 -0.03
CA THR B 15 -10.24 -3.46 0.43
C THR B 15 -9.22 -4.60 0.45
N VAL B 16 -8.06 -4.34 -0.12
CA VAL B 16 -6.81 -5.04 0.21
C VAL B 16 -6.43 -4.75 1.67
N ILE B 17 -6.44 -5.78 2.50
CA ILE B 17 -6.18 -5.61 3.93
C ILE B 17 -4.79 -6.13 4.37
N GLY B 18 -4.16 -6.89 3.47
CA GLY B 18 -2.85 -7.49 3.67
C GLY B 18 -2.36 -8.25 2.44
N LYS B 19 -1.12 -8.72 2.50
CA LYS B 19 -0.49 -9.53 1.45
C LYS B 19 0.37 -10.61 2.09
N GLY B 20 0.96 -11.50 1.31
CA GLY B 20 1.79 -12.56 1.87
C GLY B 20 2.15 -13.71 0.95
N PHE B 21 2.70 -14.75 1.57
CA PHE B 21 3.27 -15.92 0.87
C PHE B 21 4.12 -15.54 -0.32
N GLU B 22 5.34 -15.06 -0.03
CA GLU B 22 6.30 -14.66 -1.05
C GLU B 22 5.68 -13.66 -2.02
N ASP B 23 4.84 -12.78 -1.50
CA ASP B 23 4.09 -11.77 -2.28
C ASP B 23 3.03 -12.34 -3.24
N LEU B 24 2.67 -13.61 -3.04
CA LEU B 24 1.76 -14.29 -3.96
C LEU B 24 0.33 -14.36 -3.42
N MET B 25 0.11 -13.75 -2.27
CA MET B 25 -1.21 -13.81 -1.66
C MET B 25 -1.72 -12.42 -1.49
N THR B 26 -2.97 -12.21 -1.89
CA THR B 26 -3.66 -10.98 -1.54
C THR B 26 -4.75 -11.31 -0.53
N VAL B 27 -4.78 -10.54 0.57
CA VAL B 27 -5.80 -10.66 1.60
C VAL B 27 -6.84 -9.54 1.44
N ASN B 28 -7.99 -9.91 0.88
CA ASN B 28 -9.15 -9.03 0.74
C ASN B 28 -10.15 -9.20 1.86
N LEU B 29 -10.59 -8.05 2.39
CA LEU B 29 -11.88 -7.91 3.02
C LEU B 29 -12.94 -8.17 1.95
N ALA B 30 -13.84 -9.11 2.20
CA ALA B 30 -14.98 -9.27 1.31
C ALA B 30 -16.32 -9.02 2.03
N ARG B 31 -17.37 -8.82 1.24
CA ARG B 31 -18.75 -8.87 1.72
C ARG B 31 -19.33 -10.14 1.13
N TYR B 32 -19.74 -11.06 2.00
CA TYR B 32 -20.43 -12.28 1.57
C TYR B 32 -21.87 -11.93 1.23
N LYS B 33 -22.20 -12.05 -0.04
CA LYS B 33 -23.47 -11.56 -0.58
C LYS B 33 -24.73 -12.25 -0.04
N PRO B 34 -24.76 -13.60 0.05
CA PRO B 34 -25.96 -14.28 0.54
C PRO B 34 -26.48 -13.90 1.93
N THR B 35 -25.64 -13.35 2.80
CA THR B 35 -26.09 -12.90 4.12
C THR B 35 -25.68 -11.48 4.51
N GLY B 36 -24.65 -10.96 3.86
CA GLY B 36 -24.22 -9.56 4.09
C GLY B 36 -23.11 -9.44 5.11
N GLU B 37 -22.55 -10.57 5.54
CA GLU B 37 -21.44 -10.56 6.49
C GLU B 37 -20.13 -10.14 5.81
N TYR B 38 -19.35 -9.35 6.53
CA TYR B 38 -18.01 -9.00 6.08
C TYR B 38 -16.96 -9.95 6.69
N VAL B 39 -16.36 -10.71 5.80
CA VAL B 39 -15.43 -11.75 6.16
C VAL B 39 -14.11 -11.38 5.51
N THR B 40 -13.06 -12.13 5.85
CA THR B 40 -11.81 -12.00 5.11
C THR B 40 -11.77 -13.03 4.01
N VAL B 41 -11.22 -12.65 2.86
CA VAL B 41 -10.90 -13.62 1.79
C VAL B 41 -9.41 -13.59 1.35
N ARG B 42 -8.74 -14.73 1.59
CA ARG B 42 -7.29 -14.90 1.37
C ARG B 42 -7.03 -15.62 0.03
N ARG B 43 -6.55 -14.87 -0.97
CA ARG B 43 -6.45 -15.42 -2.34
C ARG B 43 -5.02 -15.63 -2.86
N ILE B 44 -4.80 -16.81 -3.46
CA ILE B 44 -3.49 -17.14 -4.03
C ILE B 44 -3.61 -17.72 -5.43
N ASN B 45 -2.95 -17.09 -6.39
CA ASN B 45 -2.90 -17.57 -7.76
C ASN B 45 -2.00 -18.79 -7.85
N LEU B 46 -2.63 -19.97 -7.92
CA LEU B 46 -1.94 -21.27 -7.96
C LEU B 46 -1.12 -21.51 -9.23
N GLU B 47 -1.29 -20.66 -10.25
CA GLU B 47 -0.45 -20.73 -11.44
C GLU B 47 0.99 -20.31 -11.14
N ALA B 48 1.16 -19.43 -10.15
CA ALA B 48 2.49 -18.94 -9.78
C ALA B 48 3.11 -19.80 -8.68
N CYS B 49 2.37 -20.82 -8.28
CA CYS B 49 2.82 -21.73 -7.24
C CYS B 49 3.39 -23.00 -7.84
N SER B 50 4.57 -23.39 -7.35
CA SER B 50 5.18 -24.65 -7.70
C SER B 50 4.31 -25.77 -7.13
N ASN B 51 4.52 -27.00 -7.61
CA ASN B 51 3.80 -28.13 -7.05
C ASN B 51 3.97 -28.18 -5.55
N GLU B 52 5.20 -27.96 -5.09
CA GLU B 52 5.54 -28.03 -3.66
C GLU B 52 4.83 -26.94 -2.91
N MET B 53 4.65 -25.78 -3.55
CA MET B 53 3.94 -24.66 -2.91
C MET B 53 2.47 -24.99 -2.70
N VAL B 54 1.86 -25.66 -3.67
CA VAL B 54 0.47 -26.07 -3.56
C VAL B 54 0.34 -27.02 -2.36
N THR B 55 1.10 -28.12 -2.40
CA THR B 55 1.25 -29.02 -1.29
C THR B 55 1.35 -28.27 0.05
N PHE B 56 2.29 -27.35 0.13
CA PHE B 56 2.55 -26.60 1.34
C PHE B 56 1.33 -25.81 1.80
N LEU B 57 0.62 -25.17 0.86
CA LEU B 57 -0.62 -24.51 1.20
C LEU B 57 -1.67 -25.53 1.67
N GLN B 58 -1.73 -26.69 1.02
CA GLN B 58 -2.67 -27.73 1.44
C GLN B 58 -2.49 -28.15 2.91
N GLY B 59 -1.25 -28.14 3.39
CA GLY B 59 -0.92 -28.50 4.77
C GLY B 59 -1.53 -27.56 5.78
N GLU B 60 -1.60 -26.27 5.42
CA GLU B 60 -2.18 -25.28 6.30
C GLU B 60 -3.66 -25.57 6.53
N LEU B 61 -4.37 -25.88 5.46
CA LEU B 61 -5.79 -26.21 5.55
C LEU B 61 -6.07 -27.49 6.35
N HIS B 62 -5.03 -28.26 6.65
CA HIS B 62 -5.17 -29.50 7.43
C HIS B 62 -4.91 -29.19 8.90
N VAL B 63 -3.67 -28.79 9.18
CA VAL B 63 -3.25 -28.34 10.49
C VAL B 63 -4.35 -27.51 11.16
N SER B 64 -5.01 -26.67 10.37
CA SER B 64 -5.98 -25.71 10.88
C SER B 64 -7.44 -26.18 10.91
N LYS B 65 -7.65 -27.48 10.94
CA LYS B 65 -9.00 -27.99 11.15
C LYS B 65 -8.87 -28.97 12.28
N LEU B 66 -7.63 -29.33 12.58
CA LEU B 66 -7.30 -30.06 13.79
C LEU B 66 -7.48 -29.18 15.01
N PHE B 67 -7.23 -27.88 14.86
CA PHE B 67 -7.21 -26.93 15.96
C PHE B 67 -8.56 -26.32 16.20
N ASN B 68 -8.91 -26.21 17.48
CA ASN B 68 -10.15 -25.61 17.89
C ASN B 68 -9.98 -24.92 19.25
N HIS B 69 -9.67 -23.63 19.20
CA HIS B 69 -9.31 -22.87 20.37
C HIS B 69 -9.88 -21.43 20.33
N PRO B 70 -10.31 -20.94 21.51
CA PRO B 70 -10.86 -19.59 21.59
C PRO B 70 -9.92 -18.56 20.99
N ASN B 71 -8.60 -18.70 21.21
CA ASN B 71 -7.62 -17.75 20.67
C ASN B 71 -6.98 -18.15 19.33
N ILE B 72 -7.44 -19.24 18.71
CA ILE B 72 -6.91 -19.62 17.39
C ILE B 72 -7.91 -19.29 16.27
N VAL B 73 -7.46 -18.48 15.32
CA VAL B 73 -8.29 -18.05 14.22
C VAL B 73 -8.69 -19.26 13.31
N PRO B 74 -9.98 -19.64 13.33
CA PRO B 74 -10.35 -20.77 12.49
C PRO B 74 -10.69 -20.33 11.05
N TYR B 75 -10.79 -21.32 10.19
CA TYR B 75 -11.19 -21.11 8.81
C TYR B 75 -12.67 -21.44 8.72
N ARG B 76 -13.34 -21.02 7.66
CA ARG B 76 -14.80 -21.13 7.59
C ARG B 76 -15.28 -21.78 6.29
N ALA B 77 -14.53 -21.54 5.22
CA ALA B 77 -14.76 -22.15 3.92
C ALA B 77 -13.45 -22.15 3.17
N THR B 78 -13.22 -23.23 2.41
CA THR B 78 -12.01 -23.37 1.61
C THR B 78 -12.37 -23.94 0.23
N PHE B 79 -11.97 -23.24 -0.83
CA PHE B 79 -12.33 -23.67 -2.19
C PHE B 79 -11.49 -23.05 -3.27
N ILE B 80 -11.63 -23.61 -4.46
CA ILE B 80 -10.95 -23.15 -5.66
C ILE B 80 -11.93 -22.33 -6.49
N ALA B 81 -11.48 -21.15 -6.93
CA ALA B 81 -12.26 -20.27 -7.79
C ALA B 81 -12.07 -20.60 -9.27
N ASP B 82 -11.03 -20.01 -9.86
CA ASP B 82 -10.63 -20.33 -11.23
C ASP B 82 -9.33 -21.08 -11.02
N ASN B 83 -8.23 -20.35 -10.96
CA ASN B 83 -6.95 -20.90 -10.53
C ASN B 83 -6.48 -20.42 -9.16
N GLU B 84 -7.38 -19.82 -8.38
CA GLU B 84 -6.98 -19.37 -7.05
C GLU B 84 -7.56 -20.24 -5.94
N LEU B 85 -6.70 -20.60 -4.99
CA LEU B 85 -7.15 -21.11 -3.71
C LEU B 85 -7.71 -19.91 -2.96
N TRP B 86 -8.97 -20.05 -2.57
CA TRP B 86 -9.60 -19.05 -1.73
C TRP B 86 -9.74 -19.67 -0.36
N VAL B 87 -9.30 -18.96 0.66
CA VAL B 87 -9.55 -19.37 2.04
C VAL B 87 -10.37 -18.26 2.72
N VAL B 88 -11.53 -18.63 3.25
CA VAL B 88 -12.41 -17.68 3.91
C VAL B 88 -12.17 -17.71 5.42
N THR B 89 -11.99 -16.52 6.02
CA THR B 89 -11.92 -16.39 7.48
C THR B 89 -12.71 -15.16 7.95
N SER B 90 -12.75 -14.93 9.26
CA SER B 90 -13.45 -13.79 9.80
C SER B 90 -12.56 -12.56 9.77
N PHE B 91 -13.18 -11.42 9.56
CA PHE B 91 -12.47 -10.17 9.52
C PHE B 91 -12.29 -9.78 10.97
N MET B 92 -11.08 -9.34 11.30
CA MET B 92 -10.77 -8.89 12.65
C MET B 92 -10.55 -7.39 12.59
N ALA B 93 -11.58 -6.66 12.97
CA ALA B 93 -11.72 -5.24 12.69
C ALA B 93 -10.47 -4.37 12.90
N TYR B 94 -9.72 -4.57 13.98
CA TYR B 94 -8.51 -3.76 14.20
C TYR B 94 -7.34 -4.13 13.28
N GLY B 95 -7.41 -5.31 12.68
CA GLY B 95 -6.29 -5.83 11.91
C GLY B 95 -5.36 -6.70 12.74
N SER B 96 -4.08 -6.68 12.38
CA SER B 96 -3.02 -7.28 13.17
C SER B 96 -2.43 -6.29 14.18
N ALA B 97 -1.67 -6.83 15.12
CA ALA B 97 -0.89 -6.03 16.06
C ALA B 97 0.07 -5.11 15.32
N LYS B 98 0.75 -5.64 14.29
CA LYS B 98 1.68 -4.86 13.45
C LYS B 98 0.94 -3.71 12.83
N ASP B 99 -0.20 -4.01 12.21
CA ASP B 99 -1.03 -2.97 11.61
C ASP B 99 -1.26 -1.77 12.54
N LEU B 100 -1.55 -2.05 13.81
CA LEU B 100 -1.74 -1.04 14.86
C LEU B 100 -0.46 -0.29 15.23
N ILE B 101 0.65 -1.03 15.34
CA ILE B 101 1.98 -0.40 15.50
C ILE B 101 2.36 0.55 14.32
N CYS B 102 2.10 0.12 13.08
CA CYS B 102 2.49 0.89 11.89
C CYS B 102 1.54 2.04 11.57
N THR B 103 0.39 2.05 12.24
CA THR B 103 -0.65 3.03 11.96
C THR B 103 -0.67 4.17 12.99
N HIS B 104 -0.93 3.83 14.24
CA HIS B 104 -0.93 4.85 15.26
C HIS B 104 0.13 4.63 16.32
N PHE B 105 0.20 3.42 16.86
CA PHE B 105 1.12 3.12 17.95
C PHE B 105 2.57 2.91 17.48
N MET B 106 3.04 3.83 16.63
CA MET B 106 4.37 3.76 16.01
C MET B 106 5.55 3.58 16.97
N ASP B 107 5.42 4.08 18.19
CA ASP B 107 6.46 3.87 19.17
C ASP B 107 6.07 2.85 20.23
N GLY B 108 5.23 1.90 19.83
CA GLY B 108 4.75 0.83 20.72
C GLY B 108 3.38 1.04 21.33
N MET B 109 2.88 -0.01 21.99
CA MET B 109 1.57 0.02 22.62
C MET B 109 1.77 0.19 24.12
N ASN B 110 0.69 0.46 24.86
CA ASN B 110 0.78 0.56 26.32
C ASN B 110 0.92 -0.83 26.93
N GLU B 111 1.44 -0.89 28.17
CA GLU B 111 1.76 -2.19 28.79
C GLU B 111 0.58 -3.12 29.00
N LEU B 112 -0.58 -2.56 29.32
CA LEU B 112 -1.78 -3.35 29.64
C LEU B 112 -2.40 -3.99 28.39
N ALA B 113 -2.32 -3.30 27.27
CA ALA B 113 -2.78 -3.86 26.01
C ALA B 113 -1.86 -5.00 25.60
N ILE B 114 -0.55 -4.77 25.71
CA ILE B 114 0.42 -5.80 25.38
C ILE B 114 0.23 -7.05 26.24
N ALA B 115 -0.08 -6.87 27.53
CA ALA B 115 -0.39 -8.02 28.41
C ALA B 115 -1.58 -8.83 27.88
N TYR B 116 -2.64 -8.14 27.46
CA TYR B 116 -3.82 -8.81 26.94
C TYR B 116 -3.51 -9.52 25.63
N ILE B 117 -2.77 -8.83 24.77
CA ILE B 117 -2.34 -9.41 23.51
C ILE B 117 -1.48 -10.64 23.78
N LEU B 118 -0.57 -10.56 24.73
CA LEU B 118 0.35 -11.65 24.92
C LEU B 118 -0.25 -12.83 25.69
N GLN B 119 -1.33 -12.57 26.44
CA GLN B 119 -2.05 -13.66 27.10
C GLN B 119 -2.71 -14.59 26.10
N GLY B 120 -3.49 -14.01 25.19
CA GLY B 120 -4.17 -14.75 24.13
C GLY B 120 -3.25 -15.65 23.33
N VAL B 121 -2.14 -15.08 22.87
CA VAL B 121 -1.08 -15.80 22.13
C VAL B 121 -0.62 -17.04 22.90
N LEU B 122 -0.38 -16.85 24.21
CA LEU B 122 0.10 -17.90 25.08
C LEU B 122 -0.95 -18.97 25.37
N LYS B 123 -2.22 -18.60 25.46
CA LYS B 123 -3.28 -19.61 25.52
C LYS B 123 -3.30 -20.40 24.21
N ALA B 124 -3.09 -19.69 23.10
CA ALA B 124 -3.06 -20.35 21.81
C ALA B 124 -1.86 -21.30 21.69
N LEU B 125 -0.67 -20.83 22.05
CA LEU B 125 0.56 -21.60 21.88
C LEU B 125 0.60 -22.84 22.77
N ASP B 126 -0.05 -22.74 23.93
CA ASP B 126 -0.18 -23.84 24.88
C ASP B 126 -1.03 -24.97 24.30
N TYR B 127 -2.09 -24.61 23.57
CA TYR B 127 -2.92 -25.59 22.90
C TYR B 127 -2.18 -26.24 21.72
N ILE B 128 -1.58 -25.42 20.85
CA ILE B 128 -0.82 -26.00 19.73
C ILE B 128 0.41 -26.81 20.24
N HIS B 129 1.00 -26.40 21.35
CA HIS B 129 2.08 -27.18 21.95
C HIS B 129 1.59 -28.54 22.49
N HIS B 130 0.44 -28.52 23.17
CA HIS B 130 -0.28 -29.71 23.69
C HIS B 130 -0.68 -30.68 22.59
N MET B 131 -0.91 -30.15 21.39
CA MET B 131 -1.32 -30.96 20.25
C MET B 131 -0.14 -31.49 19.46
N GLY B 132 1.08 -31.24 19.93
CA GLY B 132 2.29 -31.75 19.28
C GLY B 132 2.94 -30.87 18.21
N TYR B 133 2.56 -29.59 18.14
CA TYR B 133 3.03 -28.65 17.10
C TYR B 133 3.95 -27.51 17.58
N VAL B 134 4.69 -26.92 16.63
CA VAL B 134 5.48 -25.72 16.85
C VAL B 134 4.90 -24.77 15.86
N HIS B 135 4.72 -23.50 16.26
CA HIS B 135 4.10 -22.49 15.39
C HIS B 135 5.04 -22.01 14.29
N ARG B 136 6.20 -21.48 14.71
CA ARG B 136 7.29 -21.03 13.83
C ARG B 136 7.09 -19.65 13.16
N SER B 137 5.93 -19.02 13.35
CA SER B 137 5.73 -17.68 12.83
C SER B 137 5.08 -16.69 13.83
N VAL B 138 5.62 -16.61 15.03
CA VAL B 138 5.08 -15.76 16.07
C VAL B 138 5.69 -14.37 15.99
N LYS B 139 4.85 -13.43 15.52
CA LYS B 139 5.23 -12.04 15.26
C LYS B 139 3.96 -11.20 15.32
N ALA B 140 4.12 -9.88 15.47
CA ALA B 140 2.96 -8.98 15.61
C ALA B 140 1.99 -9.05 14.42
N SER B 141 2.52 -9.08 13.19
CA SER B 141 1.66 -9.22 12.02
C SER B 141 0.77 -10.49 12.03
N HIS B 142 1.15 -11.47 12.85
CA HIS B 142 0.36 -12.68 13.05
C HIS B 142 -0.46 -12.71 14.36
N ILE B 143 -0.73 -11.55 14.95
CA ILE B 143 -1.72 -11.48 16.02
C ILE B 143 -2.90 -10.60 15.57
N LEU B 144 -4.11 -11.19 15.58
CA LEU B 144 -5.31 -10.50 15.05
C LEU B 144 -6.35 -10.17 16.11
N ILE B 145 -6.90 -8.94 16.07
CA ILE B 145 -7.85 -8.48 17.12
C ILE B 145 -9.28 -8.20 16.62
N SER B 146 -10.23 -8.86 17.29
CA SER B 146 -11.65 -8.83 16.96
C SER B 146 -12.22 -7.46 17.24
N VAL B 147 -13.39 -7.16 16.67
CA VAL B 147 -14.07 -5.89 16.94
C VAL B 147 -14.34 -5.79 18.44
N ASP B 148 -14.61 -6.94 19.06
CA ASP B 148 -14.94 -7.05 20.49
C ASP B 148 -13.72 -7.29 21.38
N GLY B 149 -12.52 -7.17 20.83
CA GLY B 149 -11.30 -7.27 21.64
C GLY B 149 -10.74 -8.66 21.91
N LYS B 150 -11.39 -9.69 21.37
CA LYS B 150 -10.93 -11.07 21.51
C LYS B 150 -9.67 -11.24 20.71
N VAL B 151 -8.58 -11.68 21.34
CA VAL B 151 -7.31 -11.79 20.63
C VAL B 151 -7.13 -13.20 20.09
N TYR B 152 -6.54 -13.28 18.90
CA TYR B 152 -6.48 -14.49 18.08
C TYR B 152 -5.11 -14.65 17.42
N LEU B 153 -4.51 -15.83 17.55
CA LEU B 153 -3.27 -16.13 16.83
C LEU B 153 -3.58 -16.64 15.43
N SER B 154 -2.81 -16.16 14.45
CA SER B 154 -2.85 -16.64 13.07
C SER B 154 -1.52 -17.28 12.68
N GLY B 155 -1.18 -17.22 11.39
CA GLY B 155 0.10 -17.70 10.91
C GLY B 155 0.22 -19.22 10.92
N LEU B 156 -0.91 -19.92 10.86
CA LEU B 156 -0.88 -21.40 10.95
C LEU B 156 0.03 -22.09 9.92
N ARG B 157 0.22 -21.45 8.78
CA ARG B 157 0.93 -21.98 7.61
C ARG B 157 2.35 -22.42 7.86
N SER B 158 3.01 -21.81 8.87
CA SER B 158 4.36 -22.26 9.27
C SER B 158 4.37 -23.35 10.35
N ASN B 159 3.19 -23.78 10.81
CA ASN B 159 3.05 -24.83 11.83
C ASN B 159 3.60 -26.18 11.40
N LEU B 160 4.33 -26.83 12.30
CA LEU B 160 5.00 -28.11 12.07
C LEU B 160 4.62 -29.09 13.16
N SER B 161 4.35 -30.33 12.77
CA SER B 161 4.02 -31.37 13.71
C SER B 161 5.34 -31.95 14.19
N MET B 162 5.49 -32.13 15.49
CA MET B 162 6.66 -32.81 16.04
C MET B 162 6.38 -34.31 16.24
N ILE B 163 5.21 -34.73 15.78
CA ILE B 163 4.73 -36.10 15.92
C ILE B 163 5.13 -36.87 14.68
N SER B 164 6.06 -37.81 14.87
CA SER B 164 6.67 -38.55 13.77
C SER B 164 6.65 -40.06 14.08
N HIS B 165 6.26 -40.87 13.08
CA HIS B 165 6.01 -42.31 13.25
C HIS B 165 5.03 -42.53 14.40
N GLY B 166 4.01 -41.69 14.50
CA GLY B 166 3.11 -41.72 15.65
C GLY B 166 3.73 -41.36 17.00
N GLN B 167 5.03 -41.07 17.06
CA GLN B 167 5.64 -40.66 18.34
C GLN B 167 5.97 -39.16 18.36
N ARG B 168 5.73 -38.52 19.50
CA ARG B 168 6.12 -37.14 19.65
C ARG B 168 7.63 -37.07 19.84
N GLN B 169 8.30 -36.26 19.03
CA GLN B 169 9.77 -36.17 19.11
C GLN B 169 10.21 -35.09 20.11
N ARG B 170 11.43 -35.22 20.61
CA ARG B 170 11.95 -34.33 21.64
C ARG B 170 12.34 -33.00 21.00
N VAL B 171 13.11 -33.11 19.92
CA VAL B 171 13.48 -31.97 19.08
C VAL B 171 13.21 -32.32 17.64
N VAL B 172 13.12 -31.29 16.81
CA VAL B 172 12.98 -31.46 15.38
C VAL B 172 14.15 -30.70 14.71
N HIS B 173 14.32 -30.88 13.40
CA HIS B 173 15.47 -30.25 12.72
C HIS B 173 15.11 -29.46 11.46
N ASP B 174 13.81 -29.33 11.18
CA ASP B 174 13.37 -28.78 9.94
C ASP B 174 13.72 -27.29 9.84
N PHE B 175 14.35 -26.92 8.71
CA PHE B 175 14.57 -25.52 8.43
C PHE B 175 13.41 -24.99 7.60
N PRO B 176 12.56 -24.13 8.21
CA PRO B 176 11.26 -23.82 7.67
C PRO B 176 11.40 -23.16 6.32
N LYS B 177 10.60 -23.62 5.36
CA LYS B 177 10.63 -23.06 4.03
C LYS B 177 9.75 -21.80 3.92
N TYR B 178 9.99 -21.02 2.87
CA TYR B 178 9.22 -19.80 2.55
C TYR B 178 9.19 -18.84 3.71
N SER B 179 10.33 -18.76 4.39
CA SER B 179 10.39 -18.12 5.70
C SER B 179 11.40 -16.98 5.81
N VAL B 180 11.75 -16.40 4.67
CA VAL B 180 12.61 -15.22 4.63
C VAL B 180 12.12 -14.06 5.56
N LYS B 181 10.87 -13.65 5.43
CA LYS B 181 10.29 -12.55 6.23
C LYS B 181 10.11 -12.81 7.74
N VAL B 182 10.43 -14.01 8.22
CA VAL B 182 10.23 -14.32 9.65
C VAL B 182 11.55 -14.39 10.43
N LEU B 183 12.64 -14.59 9.68
CA LEU B 183 14.01 -14.70 10.23
C LEU B 183 14.31 -13.96 11.56
N PRO B 184 14.04 -12.65 11.65
CA PRO B 184 14.29 -11.98 12.94
C PRO B 184 13.58 -12.58 14.16
N TRP B 185 12.49 -13.31 13.96
CA TRP B 185 11.69 -13.84 15.07
C TRP B 185 12.14 -15.22 15.53
N LEU B 186 12.96 -15.86 14.70
CA LEU B 186 13.28 -17.29 14.90
C LEU B 186 14.41 -17.51 15.89
N SER B 187 14.24 -18.49 16.77
CA SER B 187 15.24 -18.75 17.79
C SER B 187 16.62 -19.08 17.19
N PRO B 188 17.70 -18.80 17.95
CA PRO B 188 19.05 -19.17 17.52
C PRO B 188 19.23 -20.67 17.20
N GLU B 189 18.53 -21.54 17.91
CA GLU B 189 18.58 -22.96 17.59
C GLU B 189 17.81 -23.36 16.31
N VAL B 190 16.76 -22.62 15.96
CA VAL B 190 16.10 -22.79 14.66
C VAL B 190 17.08 -22.50 13.54
N LEU B 191 17.91 -21.48 13.74
CA LEU B 191 18.72 -20.99 12.63
C LEU B 191 20.07 -21.68 12.49
N GLN B 192 20.66 -22.16 13.58
CA GLN B 192 21.99 -22.76 13.44
C GLN B 192 21.95 -24.15 12.85
N GLN B 193 20.73 -24.65 12.65
CA GLN B 193 20.49 -25.87 11.88
C GLN B 193 21.49 -26.98 12.20
N ASN B 194 21.67 -27.28 13.48
CA ASN B 194 22.65 -28.29 13.88
C ASN B 194 22.03 -29.54 14.50
N LEU B 195 22.90 -30.43 14.97
CA LEU B 195 22.52 -31.71 15.57
C LEU B 195 21.66 -31.57 16.84
N GLN B 196 21.64 -30.36 17.40
CA GLN B 196 20.89 -30.08 18.62
C GLN B 196 19.39 -29.95 18.32
N GLY B 197 19.08 -29.48 17.11
CA GLY B 197 17.70 -29.23 16.71
C GLY B 197 17.00 -28.22 17.58
N TYR B 198 15.66 -28.29 17.60
CA TYR B 198 14.81 -27.38 18.38
C TYR B 198 13.42 -27.96 18.62
N ASP B 199 12.61 -27.23 19.39
CA ASP B 199 11.32 -27.69 19.94
C ASP B 199 10.37 -26.49 20.14
N ALA B 200 9.34 -26.66 20.98
CA ALA B 200 8.30 -25.66 21.14
C ALA B 200 8.76 -24.41 21.89
N LYS B 201 9.83 -24.53 22.66
CA LYS B 201 10.38 -23.36 23.38
C LYS B 201 11.06 -22.37 22.42
N SER B 202 11.31 -22.79 21.18
CA SER B 202 11.76 -21.89 20.14
C SER B 202 10.68 -20.86 19.83
N ASP B 203 9.41 -21.24 19.98
CA ASP B 203 8.32 -20.28 19.81
C ASP B 203 8.31 -19.29 20.94
N ILE B 204 8.77 -19.73 22.11
CA ILE B 204 8.81 -18.85 23.26
C ILE B 204 9.81 -17.71 23.01
N TYR B 205 10.95 -18.02 22.38
CA TYR B 205 11.95 -17.00 22.07
C TYR B 205 11.33 -15.94 21.17
N SER B 206 10.48 -16.39 20.25
CA SER B 206 9.78 -15.52 19.30
C SER B 206 8.79 -14.62 20.02
N VAL B 207 8.13 -15.16 21.05
CA VAL B 207 7.17 -14.39 21.85
C VAL B 207 7.85 -13.20 22.52
N GLY B 208 9.09 -13.44 22.97
CA GLY B 208 9.92 -12.40 23.56
C GLY B 208 10.24 -11.31 22.54
N ILE B 209 10.51 -11.73 21.30
CA ILE B 209 10.77 -10.78 20.21
C ILE B 209 9.51 -10.01 19.86
N THR B 210 8.38 -10.71 19.75
CA THR B 210 7.07 -10.06 19.56
C THR B 210 6.82 -9.04 20.68
N ALA B 211 7.22 -9.36 21.90
CA ALA B 211 7.12 -8.40 23.01
C ALA B 211 7.95 -7.11 22.82
N CYS B 212 9.24 -7.23 22.50
CA CYS B 212 10.08 -6.09 22.15
C CYS B 212 9.51 -5.32 20.97
N GLU B 213 8.91 -6.04 20.02
CA GLU B 213 8.29 -5.40 18.86
C GLU B 213 7.07 -4.55 19.26
N LEU B 214 6.15 -5.15 20.01
CA LEU B 214 4.96 -4.44 20.51
C LEU B 214 5.30 -3.30 21.48
N ALA B 215 6.29 -3.52 22.35
CA ALA B 215 6.74 -2.46 23.28
C ALA B 215 7.46 -1.30 22.60
N ASN B 216 8.27 -1.60 21.59
CA ASN B 216 9.26 -0.66 21.07
C ASN B 216 8.91 -0.03 19.73
N GLY B 217 7.85 -0.53 19.10
CA GLY B 217 7.42 -0.01 17.79
C GLY B 217 8.09 -0.65 16.60
N HIS B 218 9.24 -1.28 16.79
CA HIS B 218 10.00 -1.87 15.70
C HIS B 218 10.61 -3.20 16.10
N VAL B 219 10.65 -4.13 15.17
CA VAL B 219 11.22 -5.43 15.48
C VAL B 219 12.73 -5.37 15.65
N PRO B 220 13.23 -6.10 16.66
CA PRO B 220 14.64 -6.45 16.81
C PRO B 220 15.34 -6.82 15.49
N PHE B 221 16.56 -6.31 15.37
CA PHE B 221 17.50 -6.63 14.29
C PHE B 221 17.01 -5.98 13.01
N ASP B 223 15.70 -5.16 10.45
CA ASP B 223 15.75 -4.22 9.34
C ASP B 223 17.10 -4.26 8.63
N MET B 224 18.04 -5.03 9.17
CA MET B 224 19.35 -5.21 8.53
C MET B 224 19.45 -6.51 7.69
N PRO B 225 20.55 -6.68 6.93
CA PRO B 225 20.78 -7.93 6.19
C PRO B 225 20.67 -9.16 7.08
N ALA B 226 20.09 -10.22 6.52
CA ALA B 226 19.80 -11.42 7.28
C ALA B 226 21.06 -12.06 7.87
N THR B 227 22.17 -11.97 7.17
CA THR B 227 23.45 -12.51 7.66
C THR B 227 23.93 -11.86 8.96
N GLN B 228 23.84 -10.54 9.03
CA GLN B 228 24.34 -9.79 10.18
C GLN B 228 23.55 -10.02 11.48
N MET B 229 22.28 -10.40 11.35
CA MET B 229 21.48 -10.74 12.53
C MET B 229 21.67 -12.19 12.97
N LEU B 230 22.31 -12.97 12.11
CA LEU B 230 22.78 -14.30 12.47
C LEU B 230 24.11 -14.20 13.20
N LEU B 231 24.90 -13.17 12.87
CA LEU B 231 26.12 -12.84 13.61
C LEU B 231 25.77 -12.54 15.06
N GLU B 232 24.74 -11.72 15.26
CA GLU B 232 24.12 -11.52 16.56
C GLU B 232 23.35 -12.80 16.90
N LYS B 233 22.35 -12.74 17.77
CA LYS B 233 21.57 -13.93 18.16
C LYS B 233 22.46 -15.02 18.77
N LEU B 234 23.45 -15.49 17.99
CA LEU B 234 24.55 -16.31 18.52
C LEU B 234 25.34 -15.53 19.59
N VAL B 238 20.06 -10.76 21.37
CA VAL B 238 19.15 -10.51 22.49
C VAL B 238 18.87 -9.02 22.70
N PRO B 239 17.70 -8.53 22.20
CA PRO B 239 17.22 -7.16 22.38
C PRO B 239 16.53 -6.97 23.73
N CYS B 240 15.96 -5.78 23.93
CA CYS B 240 15.31 -5.42 25.18
C CYS B 240 14.21 -4.39 24.93
N LEU B 241 13.43 -4.09 25.97
CA LEU B 241 12.31 -3.17 25.85
C LEU B 241 12.80 -1.73 25.74
N PHE B 290 8.51 0.81 31.69
CA PHE B 290 7.74 -0.46 31.88
C PHE B 290 7.82 -1.07 33.30
N SER B 291 6.83 -1.90 33.65
CA SER B 291 6.83 -2.46 35.02
C SER B 291 7.85 -3.60 35.10
N PRO B 292 8.56 -3.72 36.24
CA PRO B 292 9.66 -4.71 36.36
C PRO B 292 9.28 -6.12 35.97
N HIS B 293 7.99 -6.46 36.10
CA HIS B 293 7.50 -7.78 35.68
C HIS B 293 7.55 -7.97 34.16
N PHE B 294 7.31 -6.89 33.42
CA PHE B 294 7.33 -6.90 31.94
C PHE B 294 8.75 -7.20 31.47
N HIS B 295 9.73 -6.48 32.02
CA HIS B 295 11.16 -6.72 31.75
C HIS B 295 11.56 -8.16 32.04
N HIS B 296 11.13 -8.63 33.20
CA HIS B 296 11.39 -9.98 33.67
C HIS B 296 10.79 -11.00 32.71
N PHE B 297 9.54 -10.77 32.33
CA PHE B 297 8.82 -11.66 31.42
C PHE B 297 9.64 -11.82 30.14
N VAL B 298 10.00 -10.68 29.55
CA VAL B 298 10.81 -10.58 28.34
C VAL B 298 12.22 -11.17 28.51
N GLU B 299 12.88 -10.83 29.62
CA GLU B 299 14.21 -11.37 29.94
C GLU B 299 14.17 -12.89 29.91
N GLN B 300 13.06 -13.44 30.38
CA GLN B 300 12.85 -14.88 30.48
C GLN B 300 12.63 -15.55 29.14
N CYS B 301 11.87 -14.89 28.26
CA CYS B 301 11.57 -15.42 26.94
C CYS B 301 12.82 -15.51 26.08
N LEU B 302 13.78 -14.62 26.29
CA LEU B 302 14.88 -14.44 25.33
C LEU B 302 16.17 -15.24 25.63
N GLN B 303 16.12 -16.13 26.61
CA GLN B 303 17.30 -16.89 27.06
C GLN B 303 17.98 -17.70 25.95
N ARG B 304 19.31 -17.67 25.94
CA ARG B 304 20.13 -18.38 24.94
C ARG B 304 19.84 -19.88 24.94
N ASN B 305 19.71 -20.45 26.14
CA ASN B 305 19.40 -21.87 26.29
C ASN B 305 17.89 -22.11 26.30
N PRO B 306 17.39 -22.83 25.28
CA PRO B 306 15.95 -23.14 25.16
C PRO B 306 15.37 -23.81 26.41
N ASP B 307 16.16 -24.65 27.06
CA ASP B 307 15.67 -25.38 28.22
C ASP B 307 15.33 -24.45 29.38
N ALA B 308 16.00 -23.30 29.44
CA ALA B 308 15.82 -22.37 30.53
C ALA B 308 14.55 -21.54 30.37
N ARG B 309 14.04 -21.42 29.15
CA ARG B 309 12.85 -20.60 28.91
C ARG B 309 11.62 -21.34 29.47
N PRO B 310 10.68 -20.60 30.08
CA PRO B 310 9.45 -21.21 30.59
C PRO B 310 8.60 -21.70 29.45
N SER B 311 7.75 -22.69 29.70
CA SER B 311 6.79 -23.11 28.70
C SER B 311 5.61 -22.15 28.69
N ALA B 312 4.59 -22.42 27.88
CA ALA B 312 3.46 -21.53 27.70
C ALA B 312 2.54 -21.46 28.93
N SER B 313 2.06 -22.63 29.38
CA SER B 313 1.14 -22.69 30.52
C SER B 313 1.72 -22.15 31.81
N THR B 314 2.99 -22.44 32.08
CA THR B 314 3.59 -21.84 33.27
C THR B 314 3.84 -20.37 33.02
N LEU B 315 4.25 -20.03 31.80
CA LEU B 315 4.50 -18.63 31.46
C LEU B 315 3.20 -17.83 31.45
N LEU B 316 2.05 -18.50 31.29
CA LEU B 316 0.74 -17.89 31.48
C LEU B 316 0.54 -17.41 32.90
N ASN B 317 1.18 -18.09 33.86
CA ASN B 317 1.08 -17.70 35.28
C ASN B 317 2.02 -16.57 35.72
N HIS B 318 2.88 -16.10 34.82
CA HIS B 318 3.84 -15.07 35.16
C HIS B 318 3.13 -13.88 35.78
N SER B 319 3.77 -13.29 36.79
CA SER B 319 3.22 -12.11 37.52
C SER B 319 2.82 -10.95 36.61
N PHE B 320 3.49 -10.87 35.47
CA PHE B 320 3.22 -9.84 34.46
C PHE B 320 1.75 -9.87 34.04
N PHE B 321 1.09 -11.00 34.21
CA PHE B 321 -0.31 -11.13 33.84
C PHE B 321 -1.27 -10.85 35.00
N LYS B 322 -0.75 -10.73 36.22
CA LYS B 322 -1.58 -10.40 37.37
C LYS B 322 -2.35 -9.10 37.10
N GLN B 323 -1.69 -8.12 36.46
CA GLN B 323 -2.34 -6.86 36.07
C GLN B 323 -3.61 -7.01 35.19
N ILE B 324 -3.81 -8.18 34.57
CA ILE B 324 -5.07 -8.45 33.86
C ILE B 324 -6.17 -8.85 34.84
N LYS B 325 -7.11 -7.93 35.06
CA LYS B 325 -8.20 -8.12 36.00
C LYS B 325 -9.52 -8.52 35.33
N ARG B 326 -9.81 -7.90 34.19
CA ARG B 326 -11.02 -8.20 33.42
C ARG B 326 -10.70 -9.04 32.19
N ARG B 327 -11.73 -9.34 31.39
CA ARG B 327 -11.57 -10.12 30.18
C ARG B 327 -11.26 -9.17 29.02
N ALA B 328 -10.53 -9.66 28.03
CA ALA B 328 -10.12 -8.85 26.87
C ALA B 328 -11.30 -8.17 26.15
N SER B 329 -12.44 -8.85 26.10
CA SER B 329 -13.69 -8.30 25.53
C SER B 329 -14.06 -6.94 26.11
N GLU B 330 -13.95 -6.83 27.42
CA GLU B 330 -14.40 -5.65 28.15
C GLU B 330 -13.23 -4.83 28.71
N ALA B 331 -12.07 -4.91 28.06
CA ALA B 331 -10.89 -4.15 28.50
C ALA B 331 -9.96 -3.70 27.35
N LEU B 332 -9.76 -4.56 26.35
CA LEU B 332 -8.80 -4.29 25.26
C LEU B 332 -9.16 -3.11 24.33
N PRO B 333 -10.44 -3.02 23.86
CA PRO B 333 -10.79 -1.95 22.93
C PRO B 333 -10.47 -0.52 23.42
N GLU B 334 -10.35 -0.36 24.73
CA GLU B 334 -10.11 0.97 25.30
C GLU B 334 -8.62 1.27 25.56
N LEU B 335 -7.79 0.25 25.63
CA LEU B 335 -6.33 0.47 25.67
C LEU B 335 -5.79 0.56 24.23
N LEU B 336 -6.72 0.71 23.28
CA LEU B 336 -6.39 0.93 21.90
C LEU B 336 -7.21 2.09 21.36
N ARG B 337 -7.44 3.13 22.17
CA ARG B 337 -8.58 4.05 21.92
C ARG B 337 -8.41 5.35 21.12
N PRO B 338 -7.17 5.85 20.93
CA PRO B 338 -7.27 6.86 19.87
C PRO B 338 -7.70 6.12 18.58
N VAL B 339 -7.18 4.90 18.41
CA VAL B 339 -7.62 3.98 17.35
C VAL B 339 -9.01 3.40 17.70
N THR B 340 -9.74 2.93 16.69
CA THR B 340 -11.05 2.28 16.88
C THR B 340 -11.43 1.53 15.60
N PRO B 341 -12.18 0.42 15.74
CA PRO B 341 -12.35 -0.42 14.55
C PRO B 341 -13.48 0.04 13.62
N ILE B 342 -13.27 -0.14 12.32
CA ILE B 342 -14.29 0.05 11.29
C ILE B 342 -15.50 -0.88 11.48
N THR B 343 -16.67 -0.29 11.61
CA THR B 343 -17.90 -1.04 11.88
C THR B 343 -18.93 -0.83 10.77
N ASN B 344 -18.82 0.27 10.05
CA ASN B 344 -19.75 0.62 8.99
C ASN B 344 -19.07 0.51 7.64
N PHE B 345 -19.56 -0.40 6.79
CA PHE B 345 -18.88 -0.74 5.56
C PHE B 345 -19.53 -0.15 4.30
N GLU B 346 -20.62 0.59 4.49
CA GLU B 346 -21.39 1.16 3.37
C GLU B 346 -20.96 2.58 2.99
N GLY B 347 -19.95 3.10 3.69
CA GLY B 347 -19.28 4.33 3.31
C GLY B 347 -17.99 4.01 2.58
N SER B 348 -17.50 4.95 1.78
CA SER B 348 -16.26 4.79 1.02
C SER B 348 -14.99 4.65 1.90
N GLN B 349 -15.20 4.51 3.20
CA GLN B 349 -14.12 4.21 4.14
C GLN B 349 -13.30 3.01 3.64
N SER B 350 -13.98 1.99 3.15
CA SER B 350 -13.31 0.79 2.64
C SER B 350 -12.28 1.08 1.54
N GLN B 351 -12.39 2.23 0.88
CA GLN B 351 -11.49 2.53 -0.23
C GLN B 351 -10.60 3.76 -0.10
N ASP B 352 -10.39 4.27 1.10
CA ASP B 352 -9.44 5.36 1.29
C ASP B 352 -7.99 4.86 1.20
N HIS B 353 -7.08 5.74 0.76
CA HIS B 353 -5.70 5.33 0.46
C HIS B 353 -4.95 4.59 1.59
N SER B 354 -5.23 4.97 2.83
CA SER B 354 -4.58 4.42 4.00
C SER B 354 -5.28 3.19 4.59
N GLY B 355 -5.99 2.44 3.76
CA GLY B 355 -6.69 1.24 4.23
C GLY B 355 -7.83 1.47 5.23
N ILE B 356 -8.01 0.52 6.13
CA ILE B 356 -9.14 0.55 7.04
C ILE B 356 -8.72 0.26 8.47
N PHE B 357 -7.41 0.21 8.70
CA PHE B 357 -6.88 -0.02 10.05
C PHE B 357 -6.29 1.27 10.63
N GLY B 358 -6.46 1.47 11.93
CA GLY B 358 -5.85 2.58 12.63
C GLY B 358 -6.66 3.86 12.55
N LEU B 359 -7.96 3.68 12.33
CA LEU B 359 -8.91 4.79 12.24
C LEU B 359 -9.13 5.41 13.59
N VAL B 360 -9.06 6.74 13.61
CA VAL B 360 -9.20 7.54 14.82
C VAL B 360 -10.47 8.38 14.71
N THR B 361 -11.59 7.83 15.20
CA THR B 361 -12.86 8.59 15.25
C THR B 361 -13.50 8.53 16.64
N ASP B 370 -7.11 -25.16 -33.74
CA ASP B 370 -6.58 -26.31 -33.02
C ASP B 370 -6.26 -27.47 -34.01
N TRP B 371 -5.96 -28.65 -33.49
CA TRP B 371 -5.33 -29.74 -34.26
C TRP B 371 -6.23 -30.43 -35.29
N GLU B 372 -5.63 -31.09 -36.26
CA GLU B 372 -6.39 -31.85 -37.26
C GLU B 372 -6.62 -33.28 -36.78
N PHE B 373 -7.81 -33.54 -36.24
CA PHE B 373 -8.16 -34.86 -35.74
C PHE B 373 -9.23 -35.57 -36.58
N GLY C 5 28.18 -17.53 -4.97
CA GLY C 5 27.56 -16.25 -5.46
C GLY C 5 26.14 -16.13 -4.94
N LYS C 6 25.96 -15.33 -3.89
CA LYS C 6 24.78 -15.34 -2.99
C LYS C 6 25.08 -16.20 -1.76
N TYR C 7 25.91 -17.22 -1.95
CA TYR C 7 26.30 -18.10 -0.85
C TYR C 7 27.59 -17.63 -0.19
N LEU C 8 27.62 -17.69 1.14
CA LEU C 8 28.84 -17.39 1.88
C LEU C 8 29.67 -18.64 2.16
N MET C 9 30.95 -18.58 1.79
CA MET C 9 31.87 -19.73 1.85
C MET C 9 32.46 -20.03 3.22
N GLY C 10 31.98 -21.11 3.84
CA GLY C 10 32.50 -21.60 5.12
C GLY C 10 33.67 -22.56 4.97
N ASP C 11 33.72 -23.58 5.82
CA ASP C 11 34.88 -24.48 5.88
C ASP C 11 34.74 -25.80 5.12
N LEU C 12 35.88 -26.47 4.95
CA LEU C 12 36.00 -27.78 4.32
C LEU C 12 35.09 -28.81 5.00
N LEU C 13 34.59 -29.74 4.20
CA LEU C 13 33.75 -30.84 4.71
C LEU C 13 34.22 -32.22 4.25
N GLY C 14 34.79 -32.28 3.05
CA GLY C 14 35.25 -33.55 2.49
C GLY C 14 35.90 -33.41 1.13
N GLU C 15 36.69 -34.41 0.76
CA GLU C 15 37.40 -34.40 -0.51
C GLU C 15 37.41 -35.78 -1.16
N GLY C 16 37.14 -35.81 -2.46
CA GLY C 16 37.22 -37.04 -3.23
C GLY C 16 38.01 -36.85 -4.51
N SER C 17 37.53 -37.50 -5.57
CA SER C 17 38.24 -37.55 -6.85
C SER C 17 37.96 -36.32 -7.70
N TYR C 18 36.75 -35.78 -7.56
CA TYR C 18 36.28 -34.70 -8.43
C TYR C 18 36.45 -33.31 -7.81
N GLY C 19 36.73 -33.27 -6.52
CA GLY C 19 37.01 -32.01 -5.86
C GLY C 19 36.66 -31.92 -4.40
N LYS C 20 36.67 -30.68 -3.90
CA LYS C 20 36.46 -30.35 -2.50
C LYS C 20 35.02 -29.95 -2.21
N VAL C 21 34.46 -30.49 -1.13
CA VAL C 21 33.13 -30.14 -0.66
C VAL C 21 33.27 -29.25 0.57
N LYS C 22 32.65 -28.07 0.50
CA LYS C 22 32.72 -27.09 1.59
C LYS C 22 31.33 -26.67 2.03
N GLU C 23 31.20 -26.34 3.31
CA GLU C 23 29.96 -25.80 3.86
C GLU C 23 29.65 -24.46 3.22
N VAL C 24 28.38 -24.24 2.93
CA VAL C 24 27.91 -22.96 2.42
C VAL C 24 26.73 -22.45 3.24
N LEU C 25 26.29 -21.24 2.94
CA LEU C 25 25.25 -20.59 3.72
C LEU C 25 24.42 -19.70 2.81
N ASP C 26 23.12 -20.02 2.69
CA ASP C 26 22.24 -19.17 1.89
C ASP C 26 22.17 -17.79 2.51
N SER C 27 22.49 -16.77 1.71
CA SER C 27 22.54 -15.39 2.20
C SER C 27 21.16 -14.75 2.37
N GLU C 28 20.18 -15.22 1.61
CA GLU C 28 18.84 -14.66 1.60
C GLU C 28 17.92 -15.22 2.71
N THR C 29 18.10 -16.49 3.08
CA THR C 29 17.33 -17.09 4.20
C THR C 29 18.14 -17.88 5.24
N LEU C 30 19.45 -17.94 5.03
CA LEU C 30 20.40 -18.55 5.97
C LEU C 30 20.23 -20.06 6.08
N CYS C 31 19.87 -20.71 4.99
CA CYS C 31 19.85 -22.14 4.99
C CYS C 31 21.28 -22.67 4.93
N ARG C 32 21.60 -23.60 5.84
CA ARG C 32 22.85 -24.35 5.79
C ARG C 32 22.87 -25.29 4.60
N ARG C 33 23.76 -25.05 3.65
CA ARG C 33 23.93 -25.93 2.49
C ARG C 33 25.38 -26.42 2.33
N ALA C 34 25.59 -27.34 1.38
CA ALA C 34 26.94 -27.78 1.01
C ALA C 34 27.20 -27.44 -0.45
N VAL C 35 28.47 -27.47 -0.85
CA VAL C 35 28.87 -27.04 -2.18
C VAL C 35 30.00 -27.91 -2.70
N LYS C 36 29.84 -28.40 -3.92
CA LYS C 36 30.85 -29.21 -4.57
C LYS C 36 31.65 -28.31 -5.49
N ILE C 37 32.93 -28.10 -5.17
CA ILE C 37 33.80 -27.23 -5.96
C ILE C 37 34.55 -28.03 -7.01
N LEU C 38 34.24 -27.77 -8.28
CA LEU C 38 34.81 -28.50 -9.41
C LEU C 38 35.69 -27.59 -10.26
N LYS C 39 36.92 -28.05 -10.52
CA LYS C 39 37.88 -27.24 -11.26
C LYS C 39 37.93 -27.55 -12.76
N LYS C 40 37.84 -26.50 -13.58
CA LYS C 40 37.85 -26.61 -15.04
C LYS C 40 39.04 -27.44 -15.59
N LYS C 41 40.25 -27.10 -15.14
CA LYS C 41 41.48 -27.77 -15.60
C LYS C 41 41.67 -29.19 -15.03
N LYS C 42 41.08 -29.47 -13.87
CA LYS C 42 41.17 -30.80 -13.25
C LYS C 42 40.29 -31.81 -13.99
N LEU C 43 39.11 -31.37 -14.40
CA LEU C 43 38.18 -32.20 -15.16
C LEU C 43 38.72 -32.55 -16.56
N ARG C 44 39.53 -31.65 -17.12
CA ARG C 44 40.24 -31.88 -18.38
C ARG C 44 41.22 -33.06 -18.26
N ARG C 45 41.89 -33.18 -17.11
CA ARG C 45 42.83 -34.28 -16.84
C ARG C 45 42.13 -35.63 -16.73
N ILE C 46 40.94 -35.64 -16.12
CA ILE C 46 40.17 -36.85 -15.89
C ILE C 46 39.31 -37.16 -17.11
N PRO C 47 39.50 -38.34 -17.73
CA PRO C 47 38.74 -38.72 -18.93
C PRO C 47 37.22 -38.69 -18.69
N ASN C 48 36.50 -38.12 -19.66
CA ASN C 48 35.03 -37.98 -19.61
C ASN C 48 34.49 -37.14 -18.45
N GLY C 49 35.40 -36.58 -17.65
CA GLY C 49 35.04 -35.86 -16.43
C GLY C 49 33.91 -34.86 -16.59
N GLU C 50 34.05 -33.99 -17.59
CA GLU C 50 33.08 -32.93 -17.85
C GLU C 50 31.73 -33.50 -18.27
N ALA C 51 31.75 -34.63 -18.97
CA ALA C 51 30.54 -35.36 -19.34
C ALA C 51 29.98 -36.20 -18.19
N ASN C 52 30.86 -36.72 -17.33
CA ASN C 52 30.46 -37.47 -16.13
C ASN C 52 29.72 -36.58 -15.14
N VAL C 53 30.05 -35.30 -15.17
CA VAL C 53 29.45 -34.31 -14.27
C VAL C 53 28.15 -33.76 -14.88
N LYS C 54 28.18 -33.48 -16.18
CA LYS C 54 26.99 -33.11 -16.93
C LYS C 54 25.86 -34.09 -16.58
N LYS C 55 26.15 -35.39 -16.70
CA LYS C 55 25.24 -36.47 -16.32
C LYS C 55 24.65 -36.37 -14.89
N GLU C 56 25.50 -36.49 -13.86
CA GLU C 56 25.05 -36.41 -12.46
C GLU C 56 24.10 -35.24 -12.23
N ILE C 57 24.48 -34.05 -12.69
CA ILE C 57 23.62 -32.89 -12.60
C ILE C 57 22.23 -33.15 -13.20
N GLN C 58 22.19 -33.91 -14.29
CA GLN C 58 20.92 -34.12 -15.01
C GLN C 58 20.01 -35.16 -14.35
N LEU C 59 20.61 -36.13 -13.67
CA LEU C 59 19.81 -37.07 -12.87
C LEU C 59 19.16 -36.26 -11.77
N LEU C 60 20.00 -35.75 -10.88
CA LEU C 60 19.57 -35.03 -9.68
C LEU C 60 18.49 -34.00 -9.96
N ARG C 61 18.42 -33.49 -11.18
CA ARG C 61 17.45 -32.47 -11.53
C ARG C 61 16.07 -33.06 -11.76
N ARG C 62 16.00 -34.38 -11.84
CA ARG C 62 14.74 -35.05 -12.12
C ARG C 62 14.25 -35.97 -10.98
N LEU C 63 15.18 -36.54 -10.22
CA LEU C 63 14.86 -37.34 -9.05
C LEU C 63 14.40 -36.43 -7.89
N ARG C 64 13.43 -36.90 -7.09
CA ARG C 64 13.06 -36.26 -5.82
C ARG C 64 12.47 -37.25 -4.82
N HIS C 65 13.18 -37.45 -3.72
CA HIS C 65 12.81 -38.43 -2.71
C HIS C 65 13.57 -38.17 -1.41
N LYS C 66 12.92 -38.53 -0.30
CA LYS C 66 13.46 -38.36 1.02
C LYS C 66 14.80 -39.08 1.21
N ASN C 67 15.12 -40.04 0.33
CA ASN C 67 16.37 -40.79 0.48
C ASN C 67 17.34 -40.67 -0.70
N VAL C 68 17.35 -39.50 -1.35
CA VAL C 68 18.29 -39.22 -2.45
C VAL C 68 18.84 -37.81 -2.28
N ILE C 69 20.14 -37.63 -2.44
CA ILE C 69 20.72 -36.32 -2.19
C ILE C 69 20.09 -35.30 -3.15
N GLN C 70 19.80 -34.12 -2.62
CA GLN C 70 19.14 -33.07 -3.39
C GLN C 70 20.13 -32.01 -3.86
N LEU C 71 20.03 -31.65 -5.13
CA LEU C 71 20.80 -30.57 -5.72
C LEU C 71 19.97 -29.30 -5.69
N VAL C 72 20.55 -28.25 -5.11
CA VAL C 72 19.83 -27.00 -4.90
C VAL C 72 20.07 -26.05 -6.05
N ASP C 73 21.33 -25.96 -6.49
CA ASP C 73 21.74 -25.00 -7.50
C ASP C 73 23.10 -25.34 -8.09
N VAL C 74 23.35 -24.88 -9.32
CA VAL C 74 24.66 -25.00 -9.96
C VAL C 74 25.16 -23.61 -10.35
N LEU C 75 26.39 -23.29 -9.97
CA LEU C 75 26.96 -21.96 -10.20
C LEU C 75 28.23 -22.00 -11.08
N TYR C 76 28.62 -20.83 -11.60
CA TYR C 76 29.77 -20.69 -12.50
C TYR C 76 30.58 -19.40 -12.30
N ASN C 77 31.85 -19.45 -12.71
CA ASN C 77 32.79 -18.31 -12.67
C ASN C 77 34.03 -18.57 -13.52
N GLU C 78 34.40 -17.61 -14.35
CA GLU C 78 35.69 -17.66 -15.02
C GLU C 78 36.50 -16.41 -14.71
N LYS C 82 36.12 -22.60 -13.02
CA LYS C 82 35.66 -23.15 -11.76
C LYS C 82 34.12 -23.20 -11.71
N MET C 83 33.59 -24.28 -11.12
CA MET C 83 32.16 -24.59 -11.16
C MET C 83 31.66 -25.18 -9.84
N TYR C 84 30.50 -24.71 -9.39
CA TYR C 84 29.99 -24.99 -8.05
C TYR C 84 28.66 -25.79 -8.08
N MET C 85 28.59 -26.88 -7.31
CA MET C 85 27.37 -27.72 -7.21
C MET C 85 26.77 -27.69 -5.80
N VAL C 86 25.69 -26.91 -5.62
CA VAL C 86 25.14 -26.72 -4.28
C VAL C 86 24.20 -27.84 -3.82
N MET C 87 24.65 -28.60 -2.82
CA MET C 87 23.85 -29.68 -2.27
C MET C 87 23.24 -29.26 -0.93
N GLU C 88 22.17 -29.95 -0.53
CA GLU C 88 21.62 -29.81 0.81
C GLU C 88 22.68 -30.22 1.83
N TYR C 89 22.65 -29.60 2.99
CA TYR C 89 23.62 -29.89 4.04
C TYR C 89 23.35 -31.25 4.63
N CYS C 90 24.40 -32.05 4.71
CA CYS C 90 24.39 -33.29 5.47
C CYS C 90 25.50 -33.23 6.52
N VAL C 91 25.26 -33.88 7.67
CA VAL C 91 26.21 -33.80 8.77
C VAL C 91 27.39 -34.75 8.56
N CYS C 92 27.10 -35.94 8.04
CA CYS C 92 28.09 -37.02 8.00
C CYS C 92 27.79 -38.13 7.01
N GLY C 93 28.85 -38.68 6.44
CA GLY C 93 28.77 -39.92 5.66
C GLY C 93 28.81 -41.11 6.59
N MET C 94 28.18 -42.21 6.19
CA MET C 94 28.11 -43.42 7.02
C MET C 94 29.48 -43.98 7.37
N GLN C 95 30.47 -43.70 6.52
CA GLN C 95 31.79 -44.29 6.65
C GLN C 95 32.61 -43.68 7.79
N GLU C 96 32.57 -42.37 7.99
CA GLU C 96 33.31 -41.79 9.11
C GLU C 96 32.62 -42.14 10.42
N MET C 97 31.29 -42.19 10.39
CA MET C 97 30.54 -42.78 11.48
C MET C 97 31.12 -44.16 11.84
N LEU C 98 31.26 -45.02 10.83
CA LEU C 98 31.83 -46.36 11.02
C LEU C 98 33.25 -46.38 11.55
N ASP C 99 34.09 -45.49 11.01
CA ASP C 99 35.49 -45.45 11.40
C ASP C 99 35.70 -44.83 12.78
N SER C 100 34.66 -44.16 13.30
CA SER C 100 34.76 -43.42 14.56
C SER C 100 34.77 -44.34 15.79
N VAL C 101 34.17 -45.52 15.64
CA VAL C 101 34.16 -46.53 16.70
C VAL C 101 35.08 -47.72 16.38
N PRO C 102 35.79 -48.23 17.40
CA PRO C 102 36.79 -49.28 17.26
C PRO C 102 36.30 -50.55 16.55
N GLU C 103 35.03 -50.91 16.76
CA GLU C 103 34.44 -52.12 16.18
C GLU C 103 34.02 -51.97 14.72
N LYS C 104 34.07 -50.73 14.21
CA LYS C 104 33.70 -50.39 12.81
C LYS C 104 32.33 -50.90 12.34
N ARG C 105 31.33 -50.85 13.23
CA ARG C 105 30.00 -51.35 12.91
C ARG C 105 28.96 -50.63 13.77
N PHE C 106 27.68 -50.84 13.47
CA PHE C 106 26.60 -50.29 14.28
C PHE C 106 25.88 -51.40 15.04
N PRO C 107 25.23 -51.04 16.17
CA PRO C 107 24.26 -51.95 16.79
C PRO C 107 23.19 -52.34 15.78
N VAL C 108 22.70 -53.57 15.91
CA VAL C 108 21.70 -54.11 15.01
C VAL C 108 20.57 -53.11 14.77
N CYS C 109 20.12 -52.44 15.82
CA CYS C 109 18.99 -51.51 15.71
C CYS C 109 19.26 -50.28 14.80
N GLN C 110 20.43 -49.68 14.95
CA GLN C 110 20.79 -48.48 14.21
C GLN C 110 20.98 -48.80 12.72
N ALA C 111 21.64 -49.92 12.45
CA ALA C 111 21.83 -50.43 11.10
C ALA C 111 20.51 -50.74 10.40
N HIS C 112 19.61 -51.38 11.14
CA HIS C 112 18.32 -51.77 10.58
C HIS C 112 17.56 -50.54 10.14
N GLY C 113 17.57 -49.53 11.01
CA GLY C 113 16.99 -48.23 10.73
C GLY C 113 17.56 -47.59 9.48
N TYR C 114 18.89 -47.59 9.34
CA TYR C 114 19.52 -47.07 8.13
C TYR C 114 19.16 -47.93 6.92
N PHE C 115 19.29 -49.25 7.06
CA PHE C 115 19.06 -50.21 5.98
C PHE C 115 17.68 -50.06 5.40
N CYS C 116 16.68 -49.85 6.26
CA CYS C 116 15.32 -49.60 5.77
C CYS C 116 15.22 -48.34 4.92
N GLN C 117 15.97 -47.32 5.30
CA GLN C 117 15.94 -46.06 4.56
C GLN C 117 16.61 -46.20 3.19
N LEU C 118 17.73 -46.93 3.17
CA LEU C 118 18.39 -47.28 1.94
C LEU C 118 17.40 -47.95 0.98
N ILE C 119 16.75 -49.02 1.43
CA ILE C 119 15.85 -49.79 0.57
C ILE C 119 14.76 -48.92 -0.02
N ASP C 120 14.15 -48.06 0.80
CA ASP C 120 13.20 -47.05 0.33
C ASP C 120 13.81 -46.25 -0.82
N GLY C 121 15.06 -45.79 -0.67
CA GLY C 121 15.73 -44.99 -1.69
C GLY C 121 16.02 -45.77 -2.96
N LEU C 122 16.57 -46.96 -2.79
CA LEU C 122 16.79 -47.87 -3.90
C LEU C 122 15.49 -48.17 -4.62
N GLU C 123 14.45 -48.57 -3.89
CA GLU C 123 13.16 -48.81 -4.53
C GLU C 123 12.74 -47.61 -5.38
N TYR C 124 13.11 -46.42 -4.97
CA TYR C 124 12.67 -45.24 -5.69
C TYR C 124 13.48 -45.04 -6.99
N LEU C 125 14.80 -45.20 -6.87
CA LEU C 125 15.69 -44.96 -7.99
C LEU C 125 15.39 -45.97 -9.06
N HIS C 126 15.27 -47.22 -8.65
CA HIS C 126 14.92 -48.32 -9.51
C HIS C 126 13.61 -48.10 -10.26
N SER C 127 12.62 -47.55 -9.55
CA SER C 127 11.33 -47.28 -10.18
C SER C 127 11.44 -46.15 -11.21
N GLN C 128 12.55 -45.42 -11.19
CA GLN C 128 12.82 -44.35 -12.15
C GLN C 128 13.84 -44.81 -13.19
N GLY C 129 14.16 -46.10 -13.15
CA GLY C 129 15.10 -46.68 -14.10
C GLY C 129 16.55 -46.32 -13.81
N ILE C 130 16.86 -46.04 -12.55
CA ILE C 130 18.20 -45.63 -12.19
C ILE C 130 18.97 -46.74 -11.51
N VAL C 131 20.09 -47.15 -12.09
CA VAL C 131 20.93 -48.13 -11.41
C VAL C 131 22.16 -47.45 -10.80
N HIS C 132 22.26 -47.43 -9.48
CA HIS C 132 23.25 -46.58 -8.83
C HIS C 132 24.71 -47.01 -9.05
N LYS C 133 24.97 -48.31 -8.96
CA LYS C 133 26.27 -48.91 -9.26
C LYS C 133 27.37 -48.62 -8.23
N ASP C 134 27.10 -47.72 -7.26
CA ASP C 134 28.10 -47.41 -6.25
C ASP C 134 27.51 -47.31 -4.83
N ILE C 135 26.72 -48.30 -4.43
CA ILE C 135 26.17 -48.33 -3.09
C ILE C 135 27.20 -48.84 -2.07
N LYS C 136 27.53 -47.99 -1.11
CA LYS C 136 28.48 -48.31 -0.06
C LYS C 136 28.25 -47.29 1.06
N PRO C 137 28.72 -47.57 2.29
CA PRO C 137 28.48 -46.60 3.37
C PRO C 137 28.99 -45.20 3.02
N GLY C 138 30.19 -45.11 2.43
CA GLY C 138 30.81 -43.82 2.07
C GLY C 138 29.96 -42.87 1.22
N ASN C 139 29.10 -43.44 0.40
CA ASN C 139 28.18 -42.66 -0.47
C ASN C 139 26.78 -42.50 0.12
N LEU C 140 26.63 -42.89 1.40
CA LEU C 140 25.37 -42.75 2.14
C LEU C 140 25.48 -41.65 3.18
N LEU C 141 24.79 -40.54 2.93
CA LEU C 141 24.85 -39.37 3.78
C LEU C 141 23.70 -39.35 4.80
N LEU C 142 23.94 -38.78 5.98
CA LEU C 142 22.91 -38.57 6.99
C LEU C 142 22.69 -37.08 7.27
N THR C 143 21.46 -36.72 7.60
CA THR C 143 21.14 -35.34 7.94
C THR C 143 20.97 -35.19 9.44
N THR C 144 20.87 -33.96 9.91
CA THR C 144 20.66 -33.66 11.33
C THR C 144 19.41 -34.36 11.85
N GLY C 145 18.43 -34.54 10.98
CA GLY C 145 17.17 -35.18 11.34
C GLY C 145 17.31 -36.68 11.40
N GLY C 146 18.46 -37.18 10.97
CA GLY C 146 18.70 -38.62 10.92
C GLY C 146 18.20 -39.28 9.65
N THR C 147 17.72 -38.50 8.68
CA THR C 147 17.34 -39.02 7.36
C THR C 147 18.56 -39.39 6.51
N LEU C 148 18.60 -40.63 6.04
CA LEU C 148 19.70 -41.08 5.19
C LEU C 148 19.45 -40.66 3.77
N LYS C 149 20.46 -40.07 3.17
CA LYS C 149 20.39 -39.59 1.80
C LYS C 149 21.37 -40.36 0.91
N ILE C 150 20.86 -41.02 -0.14
CA ILE C 150 21.74 -41.74 -1.08
C ILE C 150 22.37 -40.71 -1.98
N SER C 151 23.71 -40.69 -1.98
CA SER C 151 24.48 -39.69 -2.70
C SER C 151 25.43 -40.29 -3.76
N ALA C 152 26.23 -39.43 -4.39
CA ALA C 152 27.24 -39.83 -5.39
C ALA C 152 26.70 -40.66 -6.58
N LEU C 153 25.87 -40.03 -7.42
CA LEU C 153 25.21 -40.74 -8.53
C LEU C 153 26.03 -40.72 -9.83
N GLY C 154 27.35 -40.59 -9.67
CA GLY C 154 28.29 -40.34 -10.77
C GLY C 154 28.73 -41.50 -11.64
N VAL C 155 28.38 -42.72 -11.26
CA VAL C 155 28.55 -43.87 -12.16
C VAL C 155 27.19 -44.58 -12.33
N ALA C 156 26.12 -43.85 -12.06
CA ALA C 156 24.76 -44.38 -12.18
C ALA C 156 24.33 -44.53 -13.63
N GLU C 157 23.57 -45.59 -13.89
CA GLU C 157 23.10 -45.86 -15.24
C GLU C 157 21.59 -45.66 -15.28
N ALA C 158 21.12 -44.89 -16.27
CA ALA C 158 19.70 -44.72 -16.46
C ALA C 158 19.23 -45.70 -17.53
N LEU C 159 18.20 -46.50 -17.21
CA LEU C 159 17.63 -47.44 -18.18
C LEU C 159 16.65 -46.72 -19.11
N HIS C 160 16.71 -47.08 -20.38
CA HIS C 160 15.80 -46.55 -21.37
C HIS C 160 14.36 -46.82 -20.91
N PRO C 161 13.45 -45.83 -21.04
CA PRO C 161 12.07 -46.02 -20.58
C PRO C 161 11.39 -47.23 -21.21
N PHE C 162 11.78 -47.60 -22.42
CA PHE C 162 11.05 -48.63 -23.17
C PHE C 162 11.76 -49.97 -23.21
N ALA C 163 12.89 -50.05 -22.51
CA ALA C 163 13.46 -51.33 -22.11
C ALA C 163 12.54 -51.90 -21.02
N ALA C 164 11.90 -53.04 -21.31
CA ALA C 164 11.07 -53.73 -20.30
C ALA C 164 11.96 -54.38 -19.24
N ASP C 165 13.26 -54.14 -19.36
CA ASP C 165 14.26 -54.92 -18.68
C ASP C 165 15.41 -54.08 -18.10
N ASP C 166 15.98 -54.55 -16.98
CA ASP C 166 17.00 -53.81 -16.22
C ASP C 166 18.46 -54.16 -16.57
N THR C 167 18.68 -54.72 -17.76
CA THR C 167 20.01 -55.14 -18.22
C THR C 167 21.01 -53.99 -18.24
N CYS C 168 22.22 -54.24 -17.75
CA CYS C 168 23.32 -53.28 -17.81
C CYS C 168 24.59 -53.93 -18.29
N ARG C 169 25.57 -53.10 -18.67
CA ARG C 169 26.85 -53.58 -19.21
C ARG C 169 28.13 -52.96 -18.62
N THR C 170 28.03 -51.78 -18.00
CA THR C 170 29.21 -51.05 -17.48
C THR C 170 29.61 -51.48 -16.06
N SER C 171 30.71 -50.91 -15.57
CA SER C 171 31.18 -51.17 -14.20
C SER C 171 31.36 -49.88 -13.40
N GLN C 172 32.58 -49.64 -12.94
CA GLN C 172 32.97 -48.40 -12.27
C GLN C 172 32.37 -48.24 -10.87
N GLY C 173 31.84 -49.32 -10.31
CA GLY C 173 31.56 -49.32 -8.87
C GLY C 173 32.81 -49.38 -8.04
N SER C 174 32.63 -49.54 -6.74
CA SER C 174 33.72 -49.82 -5.83
C SER C 174 33.92 -51.35 -5.73
N PRO C 175 35.09 -51.85 -6.19
CA PRO C 175 35.45 -53.26 -6.28
C PRO C 175 34.92 -54.19 -5.18
N ALA C 176 35.31 -53.92 -3.93
CA ALA C 176 34.86 -54.72 -2.76
C ALA C 176 33.32 -54.82 -2.61
N PHE C 177 32.60 -53.98 -3.35
CA PHE C 177 31.14 -53.90 -3.25
C PHE C 177 30.44 -54.40 -4.51
N GLN C 178 31.24 -54.90 -5.45
CA GLN C 178 30.78 -55.22 -6.79
C GLN C 178 30.51 -56.73 -6.89
N PRO C 179 29.46 -57.13 -7.64
CA PRO C 179 28.96 -58.51 -7.68
C PRO C 179 29.78 -59.42 -8.60
N PRO C 180 29.61 -60.75 -8.48
CA PRO C 180 30.37 -61.71 -9.28
C PRO C 180 30.22 -61.50 -10.79
N GLU C 181 29.03 -61.07 -11.23
CA GLU C 181 28.75 -60.77 -12.65
C GLU C 181 29.76 -59.76 -13.19
N ILE C 182 30.08 -58.76 -12.37
CA ILE C 182 30.98 -57.72 -12.83
C ILE C 182 32.43 -58.19 -12.74
N ALA C 183 32.77 -58.81 -11.60
CA ALA C 183 34.09 -59.38 -11.36
C ALA C 183 34.50 -60.35 -12.45
N ASN C 184 33.51 -61.07 -13.01
CA ASN C 184 33.76 -62.02 -14.07
C ASN C 184 33.60 -61.44 -15.49
N GLY C 185 33.40 -60.13 -15.60
CA GLY C 185 33.22 -59.47 -16.90
C GLY C 185 31.77 -59.45 -17.34
N LEU C 186 31.40 -60.45 -18.14
CA LEU C 186 30.00 -60.79 -18.50
C LEU C 186 29.31 -59.92 -19.55
N ASP C 187 29.44 -58.60 -19.44
CA ASP C 187 29.04 -57.67 -20.51
C ASP C 187 27.53 -57.49 -20.65
N THR C 188 26.74 -58.28 -19.93
CA THR C 188 25.33 -57.96 -19.59
C THR C 188 24.90 -58.71 -18.33
N PHE C 189 24.12 -58.01 -17.50
CA PHE C 189 23.68 -58.54 -16.23
C PHE C 189 22.50 -57.69 -15.77
N SER C 190 21.67 -58.26 -14.90
CA SER C 190 20.63 -57.49 -14.23
C SER C 190 21.25 -56.35 -13.41
N GLY C 191 20.80 -55.13 -13.72
CA GLY C 191 21.26 -53.92 -13.03
C GLY C 191 20.79 -53.82 -11.59
N PHE C 192 19.51 -54.09 -11.34
CA PHE C 192 18.96 -53.91 -10.01
C PHE C 192 19.63 -54.85 -9.04
N LYS C 193 19.97 -56.05 -9.52
CA LYS C 193 20.60 -57.01 -8.63
C LYS C 193 22.08 -56.69 -8.33
N VAL C 194 22.65 -55.77 -9.11
CA VAL C 194 23.97 -55.18 -8.78
C VAL C 194 23.84 -54.28 -7.52
N ASP C 195 22.90 -53.34 -7.53
CA ASP C 195 22.57 -52.53 -6.35
C ASP C 195 22.26 -53.36 -5.11
N ILE C 196 21.40 -54.36 -5.28
CA ILE C 196 21.07 -55.28 -4.20
C ILE C 196 22.32 -55.95 -3.61
N TRP C 197 23.19 -56.51 -4.47
CA TRP C 197 24.46 -57.07 -4.01
C TRP C 197 25.27 -56.05 -3.21
N SER C 198 25.40 -54.83 -3.72
CA SER C 198 26.11 -53.79 -3.01
C SER C 198 25.47 -53.51 -1.64
N ALA C 199 24.14 -53.48 -1.61
CA ALA C 199 23.40 -53.26 -0.38
C ALA C 199 23.64 -54.39 0.62
N GLY C 200 23.86 -55.60 0.10
CA GLY C 200 24.19 -56.76 0.94
C GLY C 200 25.54 -56.60 1.61
N VAL C 201 26.54 -56.24 0.83
CA VAL C 201 27.86 -55.97 1.35
C VAL C 201 27.82 -54.84 2.38
N THR C 202 26.95 -53.84 2.19
CA THR C 202 26.96 -52.72 3.12
C THR C 202 26.31 -53.10 4.44
N LEU C 203 25.28 -53.95 4.34
CA LEU C 203 24.60 -54.51 5.52
C LEU C 203 25.57 -55.38 6.30
N TYR C 204 26.29 -56.21 5.55
CA TYR C 204 27.28 -57.10 6.12
C TYR C 204 28.25 -56.24 6.94
N ASN C 205 28.75 -55.20 6.27
CA ASN C 205 29.71 -54.31 6.90
C ASN C 205 29.18 -53.60 8.15
N ILE C 206 28.04 -52.91 8.03
CA ILE C 206 27.54 -52.10 9.14
C ILE C 206 27.05 -52.91 10.35
N THR C 207 26.73 -54.19 10.15
CA THR C 207 26.32 -55.02 11.27
C THR C 207 27.50 -55.80 11.82
N THR C 208 28.53 -55.96 11.00
CA THR C 208 29.59 -56.93 11.27
C THR C 208 30.95 -56.27 11.54
N GLY C 209 31.23 -55.19 10.80
CA GLY C 209 32.55 -54.54 10.85
C GLY C 209 33.58 -55.24 9.98
N LEU C 210 33.12 -56.11 9.11
CA LEU C 210 33.99 -56.89 8.26
C LEU C 210 33.46 -56.83 6.85
N TYR C 211 34.18 -57.42 5.91
CA TYR C 211 33.73 -57.48 4.53
C TYR C 211 33.58 -58.93 4.13
N PRO C 212 32.66 -59.22 3.21
CA PRO C 212 32.52 -60.62 2.83
C PRO C 212 33.70 -61.11 1.96
N PHE C 213 34.24 -60.21 1.15
CA PHE C 213 35.34 -60.55 0.23
C PHE C 213 36.57 -59.65 0.45
N GLU C 214 37.76 -60.20 0.21
CA GLU C 214 39.01 -59.45 0.34
C GLU C 214 40.01 -59.76 -0.78
N GLY C 215 41.13 -59.05 -0.77
CA GLY C 215 42.20 -59.23 -1.74
C GLY C 215 43.27 -58.19 -1.52
N ASP C 216 44.53 -58.61 -1.59
CA ASP C 216 45.67 -57.72 -1.42
C ASP C 216 45.74 -56.58 -2.45
N ASN C 217 45.12 -56.81 -3.62
CA ASN C 217 44.96 -55.81 -4.68
C ASN C 217 43.69 -56.15 -5.46
N ILE C 218 43.18 -55.21 -6.26
CA ILE C 218 41.92 -55.39 -6.99
C ILE C 218 41.80 -56.71 -7.75
N TYR C 219 42.92 -57.20 -8.28
CA TYR C 219 42.91 -58.41 -9.10
C TYR C 219 42.55 -59.67 -8.31
N LYS C 220 43.18 -59.83 -7.15
CA LYS C 220 42.89 -60.96 -6.26
C LYS C 220 41.51 -60.79 -5.61
N LEU C 221 41.12 -59.54 -5.37
CA LEU C 221 39.79 -59.22 -4.88
C LEU C 221 38.71 -59.67 -5.87
N PHE C 222 38.89 -59.33 -7.14
CA PHE C 222 37.96 -59.72 -8.21
C PHE C 222 37.98 -61.20 -8.51
N GLU C 223 39.13 -61.84 -8.25
CA GLU C 223 39.26 -63.29 -8.38
C GLU C 223 38.41 -63.94 -7.29
N ASN C 224 38.64 -63.52 -6.05
CA ASN C 224 37.87 -64.01 -4.90
C ASN C 224 36.37 -63.79 -5.02
N ILE C 225 35.97 -62.62 -5.55
CA ILE C 225 34.53 -62.33 -5.79
C ILE C 225 33.96 -63.20 -6.93
N GLY C 226 34.70 -63.31 -8.02
CA GLY C 226 34.39 -64.21 -9.13
C GLY C 226 34.09 -65.61 -8.67
N LYS C 227 34.90 -66.13 -7.76
CA LYS C 227 34.65 -67.44 -7.13
C LYS C 227 33.39 -67.42 -6.27
N GLY C 228 33.19 -66.35 -5.50
CA GLY C 228 31.95 -66.10 -4.76
C GLY C 228 31.81 -66.78 -3.42
N SER C 229 32.83 -67.51 -3.00
CA SER C 229 32.85 -68.10 -1.66
C SER C 229 33.13 -67.04 -0.60
N TYR C 230 32.26 -66.99 0.40
CA TYR C 230 32.45 -66.07 1.52
C TYR C 230 31.96 -66.73 2.81
N ALA C 231 32.33 -66.15 3.95
CA ALA C 231 31.81 -66.61 5.25
C ALA C 231 30.97 -65.53 5.93
N ILE C 232 30.12 -65.96 6.86
CA ILE C 232 29.36 -65.05 7.70
C ILE C 232 29.82 -65.26 9.14
N PRO C 233 30.16 -64.15 9.84
CA PRO C 233 30.79 -64.17 11.17
C PRO C 233 30.17 -65.06 12.26
N GLY C 234 28.87 -65.31 12.21
CA GLY C 234 28.31 -66.37 13.08
C GLY C 234 27.93 -66.01 14.52
N ASP C 235 28.41 -64.86 15.00
CA ASP C 235 27.75 -64.16 16.11
C ASP C 235 26.67 -63.28 15.49
N CYS C 236 26.41 -63.55 14.21
CA CYS C 236 25.49 -62.80 13.40
C CYS C 236 24.04 -63.04 13.80
N GLY C 237 23.64 -64.31 13.77
CA GLY C 237 22.26 -64.64 14.09
C GLY C 237 21.50 -65.10 12.88
N PRO C 238 20.66 -66.13 13.05
CA PRO C 238 19.90 -66.72 11.96
C PRO C 238 19.13 -65.69 11.12
N PRO C 239 18.25 -64.84 11.73
CA PRO C 239 17.52 -63.88 10.88
C PRO C 239 18.43 -63.17 9.89
N LEU C 240 19.42 -62.46 10.43
CA LEU C 240 20.29 -61.60 9.65
C LEU C 240 21.19 -62.31 8.64
N SER C 241 21.74 -63.46 9.03
CA SER C 241 22.60 -64.20 8.13
C SER C 241 21.83 -64.75 6.93
N ASP C 242 20.57 -65.13 7.13
CA ASP C 242 19.72 -65.59 6.03
C ASP C 242 19.48 -64.50 4.99
N LEU C 243 19.14 -63.29 5.44
CA LEU C 243 18.90 -62.17 4.54
C LEU C 243 20.17 -61.84 3.77
N LEU C 244 21.31 -61.76 4.47
CA LEU C 244 22.59 -61.55 3.79
C LEU C 244 22.84 -62.66 2.78
N LYS C 245 22.65 -63.92 3.19
CA LYS C 245 22.84 -65.05 2.29
C LYS C 245 22.00 -64.85 1.03
N GLY C 246 20.81 -64.30 1.20
CA GLY C 246 19.92 -64.02 0.08
C GLY C 246 20.37 -62.85 -0.78
N MET C 247 20.96 -61.85 -0.15
CA MET C 247 21.41 -60.68 -0.90
C MET C 247 22.77 -60.93 -1.56
N LEU C 248 23.49 -61.92 -1.04
CA LEU C 248 24.81 -62.25 -1.57
C LEU C 248 24.82 -63.57 -2.35
N GLU C 249 23.65 -63.98 -2.84
CA GLU C 249 23.55 -65.11 -3.77
C GLU C 249 24.40 -64.85 -5.00
N TYR C 250 25.12 -65.89 -5.42
CA TYR C 250 25.99 -65.87 -6.59
C TYR C 250 25.26 -65.54 -7.90
N GLU C 251 24.18 -66.27 -8.16
CA GLU C 251 23.39 -66.06 -9.35
C GLU C 251 22.33 -65.01 -9.10
N PRO C 252 22.35 -63.90 -9.87
CA PRO C 252 21.32 -62.88 -9.81
C PRO C 252 19.92 -63.46 -9.64
N ALA C 253 19.56 -64.47 -10.45
CA ALA C 253 18.21 -65.05 -10.40
C ALA C 253 17.78 -65.46 -8.98
N LYS C 254 18.64 -66.18 -8.27
CA LYS C 254 18.37 -66.55 -6.87
C LYS C 254 18.46 -65.36 -5.88
N ARG C 255 19.29 -64.38 -6.20
CA ARG C 255 19.51 -63.20 -5.34
C ARG C 255 18.19 -62.44 -5.15
N PHE C 256 17.97 -61.92 -3.94
CA PHE C 256 16.69 -61.29 -3.58
C PHE C 256 16.31 -60.12 -4.45
N SER C 257 14.99 -59.95 -4.65
CA SER C 257 14.42 -58.72 -5.16
C SER C 257 14.23 -57.80 -3.96
N ILE C 258 13.86 -56.54 -4.20
CA ILE C 258 13.62 -55.62 -3.08
C ILE C 258 12.42 -56.11 -2.26
N ARG C 259 11.42 -56.66 -2.95
CA ARG C 259 10.27 -57.22 -2.27
C ARG C 259 10.66 -58.34 -1.30
N GLN C 260 11.44 -59.31 -1.77
CA GLN C 260 11.94 -60.37 -0.92
C GLN C 260 12.71 -59.84 0.32
N ILE C 261 13.47 -58.77 0.15
CA ILE C 261 14.11 -58.07 1.29
C ILE C 261 13.04 -57.46 2.26
N ARG C 262 11.99 -56.83 1.74
CA ARG C 262 10.98 -56.22 2.60
C ARG C 262 10.15 -57.25 3.35
N GLN C 263 10.08 -58.46 2.80
CA GLN C 263 9.30 -59.55 3.38
C GLN C 263 10.11 -60.35 4.37
N HIS C 264 11.43 -60.17 4.36
CA HIS C 264 12.28 -60.97 5.20
C HIS C 264 12.00 -60.71 6.67
N SER C 265 12.13 -61.76 7.47
CA SER C 265 11.92 -61.70 8.90
C SER C 265 12.80 -60.67 9.63
N TRP C 266 14.01 -60.44 9.12
CA TRP C 266 14.92 -59.50 9.76
C TRP C 266 14.51 -58.07 9.44
N PHE C 267 13.96 -57.85 8.25
CA PHE C 267 13.51 -56.52 7.82
C PHE C 267 12.26 -56.06 8.56
N ARG C 268 11.23 -56.91 8.62
CA ARG C 268 9.95 -56.46 9.19
C ARG C 268 9.87 -56.49 10.72
N LYS C 269 10.79 -57.20 11.34
CA LYS C 269 10.90 -57.21 12.81
C LYS C 269 11.19 -55.81 13.32
N LYS C 270 10.66 -55.50 14.50
CA LYS C 270 11.04 -54.30 15.23
C LYS C 270 12.17 -54.69 16.16
N HIS C 271 13.28 -53.95 16.09
CA HIS C 271 14.40 -54.22 16.95
C HIS C 271 14.38 -53.27 18.16
N PRO C 272 14.50 -53.82 19.39
CA PRO C 272 14.67 -52.96 20.56
C PRO C 272 16.01 -52.23 20.45
N PRO C 273 16.06 -50.94 20.85
CA PRO C 273 17.26 -50.13 20.65
C PRO C 273 18.17 -50.12 21.88
N GLU C 275 20.72 -51.73 23.33
CA GLU C 275 22.05 -51.12 23.38
C GLU C 275 21.98 -49.57 23.29
N ALA C 276 22.85 -48.97 22.46
CA ALA C 276 22.96 -47.51 22.33
C ALA C 276 23.64 -47.12 21.01
N PRO C 277 23.11 -46.08 20.33
CA PRO C 277 23.53 -45.80 18.96
C PRO C 277 24.93 -45.20 18.86
N VAL C 278 25.47 -45.13 17.64
CA VAL C 278 26.73 -44.45 17.36
C VAL C 278 26.40 -42.97 17.07
N PRO C 279 27.04 -42.06 17.82
CA PRO C 279 26.51 -40.71 18.02
C PRO C 279 26.64 -39.69 16.89
N ILE C 280 27.51 -39.94 15.91
CA ILE C 280 27.97 -38.89 14.97
C ILE C 280 29.18 -38.14 15.58
N PRO C 281 30.37 -38.27 14.96
CA PRO C 281 31.63 -37.69 15.43
C PRO C 281 31.60 -36.17 15.66
N PRO C 282 32.54 -35.64 16.48
CA PRO C 282 32.53 -34.20 16.78
C PRO C 282 33.41 -33.33 15.86
N SER C 283 34.50 -33.90 15.34
CA SER C 283 35.53 -33.16 14.56
C SER C 283 36.03 -31.88 15.25
N ASP C 288 31.68 -29.92 17.72
CA ASP C 288 30.70 -30.17 18.78
C ASP C 288 29.41 -30.75 18.20
N ARG C 289 28.54 -29.88 17.71
CA ARG C 289 27.29 -30.28 17.03
C ARG C 289 27.31 -29.86 15.56
N TRP C 290 28.44 -29.29 15.15
CA TRP C 290 28.70 -28.83 13.76
C TRP C 290 27.95 -27.54 13.44
N THR C 294 29.86 -23.34 11.30
CA THR C 294 31.11 -22.75 10.83
C THR C 294 30.97 -21.26 10.52
N VAL C 295 29.74 -20.85 10.20
CA VAL C 295 29.41 -19.50 9.73
C VAL C 295 29.96 -18.34 10.58
N VAL C 296 30.38 -18.65 11.81
CA VAL C 296 30.73 -17.63 12.81
C VAL C 296 31.75 -16.55 12.35
N PRO C 297 33.04 -16.92 12.15
CA PRO C 297 34.02 -15.86 11.88
C PRO C 297 33.94 -15.31 10.45
N TYR C 298 33.41 -16.11 9.53
CA TYR C 298 33.22 -15.71 8.14
C TYR C 298 32.17 -14.61 8.00
N LEU C 299 31.53 -14.26 9.11
CA LEU C 299 30.46 -13.28 9.13
C LEU C 299 31.01 -11.85 9.23
N GLU C 300 32.15 -11.72 9.92
CA GLU C 300 32.78 -10.43 10.17
C GLU C 300 33.56 -9.94 8.96
N LYS D 10 -3.64 45.92 -40.38
CA LYS D 10 -5.09 46.15 -40.10
C LYS D 10 -5.33 46.84 -38.74
N SER D 11 -6.20 47.85 -38.76
CA SER D 11 -6.42 48.74 -37.62
C SER D 11 -7.50 48.26 -36.62
N PRO D 12 -7.51 48.85 -35.40
CA PRO D 12 -8.61 48.55 -34.46
C PRO D 12 -10.01 48.68 -35.08
N ALA D 13 -10.30 49.79 -35.74
CA ALA D 13 -11.57 49.97 -36.46
C ALA D 13 -11.85 48.86 -37.49
N ASP D 14 -10.80 48.37 -38.15
CA ASP D 14 -10.91 47.24 -39.08
C ASP D 14 -11.29 45.96 -38.35
N ILE D 15 -10.55 45.67 -37.28
CA ILE D 15 -10.78 44.48 -36.46
C ILE D 15 -12.21 44.46 -35.89
N VAL D 16 -12.62 45.57 -35.26
CA VAL D 16 -13.97 45.71 -34.73
C VAL D 16 -15.07 45.52 -35.80
N LYS D 17 -14.86 46.12 -36.97
CA LYS D 17 -15.85 46.03 -38.06
C LYS D 17 -16.03 44.58 -38.52
N ASN D 18 -14.92 43.90 -38.83
CA ASN D 18 -14.95 42.47 -39.20
C ASN D 18 -15.59 41.65 -38.10
N LEU D 19 -15.24 41.95 -36.85
CA LEU D 19 -15.80 41.21 -35.74
C LEU D 19 -17.32 41.42 -35.69
N LYS D 20 -17.76 42.66 -35.83
CA LYS D 20 -19.18 42.98 -35.79
C LYS D 20 -19.89 42.24 -36.92
N GLU D 21 -19.31 42.32 -38.12
CA GLU D 21 -19.87 41.69 -39.31
C GLU D 21 -19.94 40.17 -39.20
N SER D 22 -18.83 39.56 -38.82
CA SER D 22 -18.72 38.10 -38.77
C SER D 22 -19.65 37.50 -37.74
N MET D 23 -19.80 38.21 -36.62
CA MET D 23 -20.76 37.84 -35.59
C MET D 23 -22.18 37.88 -36.14
N ALA D 24 -22.53 38.98 -36.83
CA ALA D 24 -23.84 39.07 -37.50
C ALA D 24 -24.13 37.79 -38.31
N VAL D 25 -23.14 37.36 -39.09
CA VAL D 25 -23.20 36.11 -39.84
C VAL D 25 -23.56 34.89 -38.96
N LEU D 26 -22.85 34.68 -37.83
CA LEU D 26 -23.11 33.51 -36.97
C LEU D 26 -24.50 33.54 -36.32
N GLU D 27 -24.99 34.75 -36.06
CA GLU D 27 -26.30 35.00 -35.48
C GLU D 27 -27.40 34.69 -36.48
N LYS D 28 -27.21 35.16 -37.72
CA LYS D 28 -28.14 34.93 -38.83
C LYS D 28 -28.86 33.58 -38.76
N GLN D 29 -30.19 33.65 -38.81
CA GLN D 29 -31.12 32.52 -38.63
C GLN D 29 -30.60 31.11 -38.95
N ASP D 30 -30.14 30.91 -40.19
CA ASP D 30 -29.72 29.60 -40.70
C ASP D 30 -29.10 29.81 -42.08
N ILE D 31 -27.80 29.53 -42.21
CA ILE D 31 -27.10 29.74 -43.50
C ILE D 31 -26.24 28.57 -43.93
N SER D 32 -25.56 28.74 -45.07
CA SER D 32 -24.65 27.75 -45.62
C SER D 32 -23.53 27.41 -44.65
N ASP D 33 -23.11 26.14 -44.67
CA ASP D 33 -22.05 25.66 -43.80
C ASP D 33 -20.72 26.31 -44.11
N LYS D 34 -20.50 26.59 -45.40
CA LYS D 34 -19.28 27.24 -45.86
C LYS D 34 -19.01 28.58 -45.17
N LYS D 35 -20.06 29.38 -44.99
CA LYS D 35 -19.92 30.71 -44.41
C LYS D 35 -19.79 30.70 -42.89
N ALA D 36 -20.34 29.67 -42.25
CA ALA D 36 -20.21 29.50 -40.79
C ALA D 36 -18.79 29.19 -40.36
N GLU D 37 -18.05 28.48 -41.21
CA GLU D 37 -16.67 28.10 -40.97
C GLU D 37 -15.74 29.31 -41.11
N LYS D 38 -15.97 30.10 -42.15
CA LYS D 38 -15.23 31.34 -42.40
C LYS D 38 -15.47 32.37 -41.30
N ALA D 39 -16.73 32.51 -40.87
CA ALA D 39 -17.10 33.43 -39.80
C ALA D 39 -16.56 32.99 -38.42
N THR D 40 -16.61 31.68 -38.17
CA THR D 40 -16.02 31.10 -36.97
C THR D 40 -14.53 31.41 -36.92
N GLU D 41 -13.82 31.19 -38.03
CA GLU D 41 -12.40 31.57 -38.14
C GLU D 41 -12.21 33.08 -37.94
N GLU D 42 -13.03 33.88 -38.61
CA GLU D 42 -12.99 35.35 -38.48
C GLU D 42 -13.32 35.85 -37.07
N VAL D 43 -14.08 35.07 -36.30
CA VAL D 43 -14.35 35.50 -34.96
C VAL D 43 -13.12 35.22 -34.11
N SER D 44 -12.54 34.04 -34.30
CA SER D 44 -11.38 33.62 -33.51
C SER D 44 -10.17 34.51 -33.83
N LYS D 45 -9.86 34.63 -35.12
CA LYS D 45 -8.73 35.43 -35.57
C LYS D 45 -8.75 36.86 -35.02
N ASN D 46 -9.91 37.52 -35.04
CA ASN D 46 -9.97 38.93 -34.65
C ASN D 46 -9.91 39.14 -33.14
N LEU D 47 -10.62 38.29 -32.41
CA LEU D 47 -10.55 38.24 -30.96
C LEU D 47 -9.09 38.07 -30.50
N VAL D 48 -8.31 37.27 -31.22
CA VAL D 48 -6.91 37.11 -30.87
C VAL D 48 -6.18 38.45 -31.04
N ALA D 49 -6.48 39.16 -32.11
CA ALA D 49 -5.82 40.44 -32.37
C ALA D 49 -6.23 41.50 -31.34
N MET D 50 -7.48 41.48 -30.92
CA MET D 50 -7.90 42.37 -29.86
C MET D 50 -7.14 42.11 -28.56
N LYS D 51 -7.23 40.87 -28.04
CA LYS D 51 -6.50 40.53 -26.83
C LYS D 51 -5.08 41.05 -26.95
N GLU D 52 -4.42 40.72 -28.06
CA GLU D 52 -3.03 41.11 -28.28
C GLU D 52 -2.77 42.61 -28.36
N ILE D 53 -3.76 43.39 -28.79
CA ILE D 53 -3.66 44.85 -28.70
C ILE D 53 -3.71 45.23 -27.23
N LEU D 54 -4.73 44.75 -26.53
CA LEU D 54 -4.94 45.11 -25.13
C LEU D 54 -3.84 44.63 -24.17
N TYR D 55 -3.32 43.43 -24.40
CA TYR D 55 -2.35 42.82 -23.50
C TYR D 55 -0.91 42.89 -24.01
N GLY D 56 -0.75 43.15 -25.31
CA GLY D 56 0.56 43.13 -25.94
C GLY D 56 1.04 41.70 -26.15
N THR D 57 2.30 41.56 -26.55
CA THR D 57 2.94 40.25 -26.75
C THR D 57 4.24 40.18 -25.94
N ASN D 58 5.36 39.96 -26.64
CA ASN D 58 6.70 39.93 -26.05
C ASN D 58 7.79 39.89 -27.09
N LYS D 60 6.87 43.81 -27.04
CA LYS D 60 5.84 44.77 -27.40
C LYS D 60 4.75 44.90 -26.31
N GLU D 61 4.97 45.82 -25.37
CA GLU D 61 3.99 46.14 -24.33
C GLU D 61 2.74 46.77 -24.95
N PRO D 62 1.63 46.85 -24.20
CA PRO D 62 0.39 47.41 -24.75
C PRO D 62 0.58 48.80 -25.35
N GLN D 63 0.16 48.95 -26.60
CA GLN D 63 0.30 50.20 -27.34
C GLN D 63 -0.74 51.23 -26.87
N THR D 64 -0.29 52.18 -26.06
CA THR D 64 -1.14 53.22 -25.47
C THR D 64 -2.20 53.81 -26.41
N GLU D 65 -1.83 54.03 -27.67
CA GLU D 65 -2.68 54.71 -28.64
C GLU D 65 -3.69 53.79 -29.30
N ALA D 66 -3.28 52.56 -29.59
CA ALA D 66 -4.15 51.60 -30.27
C ALA D 66 -5.26 51.19 -29.34
N VAL D 67 -4.95 51.15 -28.04
CA VAL D 67 -5.91 50.80 -26.98
C VAL D 67 -7.00 51.86 -26.89
N ALA D 68 -6.59 53.14 -26.90
CA ALA D 68 -7.55 54.23 -26.93
C ALA D 68 -8.52 54.03 -28.09
N GLN D 69 -7.98 53.87 -29.30
CA GLN D 69 -8.79 53.63 -30.50
C GLN D 69 -9.75 52.44 -30.32
N LEU D 70 -9.22 51.30 -29.86
CA LEU D 70 -10.00 50.06 -29.85
C LEU D 70 -11.17 50.17 -28.89
N ALA D 71 -10.92 50.86 -27.77
CA ALA D 71 -11.96 51.13 -26.79
C ALA D 71 -13.06 51.97 -27.43
N GLN D 72 -12.68 53.05 -28.10
CA GLN D 72 -13.68 53.92 -28.69
C GLN D 72 -14.52 53.17 -29.74
N GLU D 73 -13.88 52.31 -30.53
CA GLU D 73 -14.60 51.54 -31.53
C GLU D 73 -15.56 50.55 -30.88
N LEU D 74 -15.11 49.94 -29.78
CA LEU D 74 -15.90 48.93 -29.11
C LEU D 74 -17.20 49.55 -28.62
N TYR D 75 -17.08 50.71 -27.96
CA TYR D 75 -18.24 51.45 -27.51
C TYR D 75 -19.19 51.73 -28.66
N ASN D 76 -18.71 52.36 -29.73
CA ASN D 76 -19.58 52.72 -30.86
C ASN D 76 -20.19 51.54 -31.62
N SER D 77 -19.49 50.42 -31.65
CA SER D 77 -19.95 49.28 -32.44
C SER D 77 -21.13 48.54 -31.80
N GLY D 78 -21.31 48.69 -30.49
CA GLY D 78 -22.28 47.89 -29.74
C GLY D 78 -21.73 46.49 -29.51
N LEU D 79 -20.59 46.22 -30.16
CA LEU D 79 -19.93 44.91 -30.14
C LEU D 79 -19.74 44.30 -28.74
N LEU D 80 -19.60 45.16 -27.73
CA LEU D 80 -19.41 44.75 -26.35
C LEU D 80 -20.66 44.08 -25.82
N SER D 81 -21.82 44.58 -26.21
CA SER D 81 -23.09 43.96 -25.82
C SER D 81 -23.33 42.67 -26.62
N THR D 82 -22.96 42.71 -27.90
CA THR D 82 -23.14 41.59 -28.81
C THR D 82 -22.33 40.36 -28.41
N LEU D 83 -21.06 40.59 -28.06
CA LEU D 83 -20.17 39.53 -27.65
C LEU D 83 -20.65 38.79 -26.38
N VAL D 84 -21.33 39.50 -25.49
CA VAL D 84 -21.90 38.90 -24.26
C VAL D 84 -23.17 38.10 -24.55
N ALA D 85 -24.10 38.72 -25.25
CA ALA D 85 -25.35 38.07 -25.64
C ALA D 85 -25.12 36.79 -26.43
N ASP D 86 -24.17 36.83 -27.37
CA ASP D 86 -24.00 35.72 -28.28
C ASP D 86 -22.69 34.95 -28.04
N LEU D 87 -22.27 34.96 -26.78
CA LEU D 87 -21.08 34.24 -26.33
C LEU D 87 -21.15 32.76 -26.67
N GLN D 88 -22.37 32.23 -26.74
CA GLN D 88 -22.62 30.82 -27.06
C GLN D 88 -22.18 30.47 -28.50
N LEU D 89 -22.18 31.45 -29.37
CA LEU D 89 -21.87 31.21 -30.77
C LEU D 89 -20.38 31.19 -31.04
N ILE D 90 -19.59 31.55 -30.02
CA ILE D 90 -18.15 31.70 -30.17
C ILE D 90 -17.45 30.41 -29.76
N ASP D 91 -16.33 30.10 -30.42
CA ASP D 91 -15.52 28.91 -30.13
C ASP D 91 -14.94 28.91 -28.70
N PHE D 92 -14.41 27.77 -28.28
CA PHE D 92 -13.86 27.63 -26.93
C PHE D 92 -12.83 28.71 -26.59
N GLU D 93 -11.73 28.77 -27.33
CA GLU D 93 -10.65 29.74 -27.07
C GLU D 93 -11.08 31.19 -27.24
N GLY D 94 -12.02 31.44 -28.14
CA GLY D 94 -12.60 32.78 -28.32
C GLY D 94 -13.40 33.31 -27.13
N LYS D 95 -14.10 32.42 -26.43
CA LYS D 95 -14.87 32.79 -25.24
C LYS D 95 -13.95 33.30 -24.13
N LYS D 96 -12.86 32.56 -23.90
CA LYS D 96 -11.76 33.00 -23.02
C LYS D 96 -11.21 34.37 -23.45
N ASP D 97 -10.94 34.54 -24.74
CA ASP D 97 -10.54 35.85 -25.25
C ASP D 97 -11.60 36.96 -25.03
N VAL D 98 -12.89 36.65 -25.24
CA VAL D 98 -13.96 37.65 -24.98
C VAL D 98 -13.77 38.19 -23.57
N ALA D 99 -13.71 37.28 -22.60
CA ALA D 99 -13.62 37.65 -21.19
C ALA D 99 -12.38 38.49 -20.91
N GLN D 100 -11.25 38.11 -21.52
CA GLN D 100 -9.95 38.76 -21.32
C GLN D 100 -10.01 40.19 -21.82
N ILE D 101 -10.62 40.37 -22.99
CA ILE D 101 -10.82 41.66 -23.60
C ILE D 101 -11.72 42.49 -22.67
N PHE D 102 -12.86 41.90 -22.33
CA PHE D 102 -13.79 42.51 -21.41
C PHE D 102 -13.11 42.94 -20.11
N ASN D 103 -12.44 42.01 -19.44
CA ASN D 103 -11.71 42.36 -18.22
C ASN D 103 -10.74 43.54 -18.40
N ASN D 104 -10.12 43.66 -19.57
CA ASN D 104 -9.13 44.71 -19.76
C ASN D 104 -9.69 46.11 -20.01
N ILE D 105 -10.62 46.24 -20.95
CA ILE D 105 -11.26 47.52 -21.20
C ILE D 105 -12.05 48.00 -20.00
N LEU D 106 -12.53 47.07 -19.18
CA LEU D 106 -13.21 47.40 -17.96
C LEU D 106 -12.35 48.27 -17.06
N ARG D 107 -11.05 48.01 -17.04
CA ARG D 107 -10.14 48.70 -16.15
C ARG D 107 -9.54 49.97 -16.75
N ARG D 108 -9.91 50.26 -17.99
CA ARG D 108 -9.50 51.49 -18.66
C ARG D 108 -9.84 52.71 -17.82
N GLN D 109 -8.89 53.63 -17.71
CA GLN D 109 -9.05 54.79 -16.85
C GLN D 109 -8.43 56.06 -17.42
N ILE D 110 -9.27 57.08 -17.63
CA ILE D 110 -8.81 58.37 -18.13
C ILE D 110 -9.23 59.46 -17.15
N GLY D 111 -8.25 60.26 -16.70
CA GLY D 111 -8.44 61.17 -15.57
C GLY D 111 -9.07 60.47 -14.37
N THR D 112 -10.19 61.01 -13.91
CA THR D 112 -10.95 60.44 -12.81
C THR D 112 -12.06 59.54 -13.36
N ARG D 113 -12.09 59.37 -14.67
CA ARG D 113 -13.18 58.64 -15.29
C ARG D 113 -12.80 57.20 -15.61
N THR D 114 -13.81 56.36 -15.59
CA THR D 114 -13.65 54.96 -15.93
C THR D 114 -14.63 54.60 -17.05
N PRO D 115 -14.27 54.87 -18.32
CA PRO D 115 -15.19 54.86 -19.49
C PRO D 115 -16.06 53.61 -19.72
N THR D 116 -15.52 52.42 -19.49
CA THR D 116 -16.29 51.19 -19.72
C THR D 116 -17.41 50.98 -18.70
N VAL D 117 -17.17 51.39 -17.44
CA VAL D 117 -18.19 51.38 -16.41
C VAL D 117 -19.33 52.31 -16.83
N GLU D 118 -18.96 53.49 -17.29
CA GLU D 118 -19.90 54.41 -17.92
C GLU D 118 -20.63 53.78 -19.10
N TYR D 119 -19.94 53.01 -19.94
CA TYR D 119 -20.64 52.39 -21.07
C TYR D 119 -21.74 51.47 -20.55
N ILE D 120 -21.35 50.51 -19.70
CA ILE D 120 -22.24 49.51 -19.12
C ILE D 120 -23.41 50.14 -18.35
N CYS D 121 -23.15 51.26 -17.68
CA CYS D 121 -24.23 51.98 -16.98
C CYS D 121 -25.35 52.42 -17.90
N THR D 122 -25.05 52.53 -19.21
CA THR D 122 -26.06 52.89 -20.24
C THR D 122 -26.58 51.64 -20.96
N GLN D 123 -26.15 50.47 -20.51
CA GLN D 123 -26.50 49.24 -21.18
C GLN D 123 -26.50 48.11 -20.18
N GLN D 124 -27.34 48.24 -19.16
CA GLN D 124 -27.22 47.45 -17.96
C GLN D 124 -27.60 45.99 -18.17
N ASN D 125 -28.32 45.72 -19.26
CA ASN D 125 -28.65 44.36 -19.64
C ASN D 125 -27.43 43.46 -19.87
N ILE D 126 -26.27 44.07 -20.14
CA ILE D 126 -25.02 43.35 -20.15
C ILE D 126 -24.77 42.62 -18.81
N LEU D 127 -25.07 43.30 -17.70
CA LEU D 127 -24.85 42.72 -16.40
C LEU D 127 -25.80 41.55 -16.15
N PHE D 128 -27.06 41.72 -16.54
CA PHE D 128 -28.06 40.68 -16.35
C PHE D 128 -27.84 39.50 -17.28
N MET D 129 -27.39 39.76 -18.50
CA MET D 129 -27.01 38.67 -19.38
C MET D 129 -25.85 37.86 -18.79
N LEU D 130 -24.88 38.54 -18.21
CA LEU D 130 -23.75 37.86 -17.62
C LEU D 130 -24.22 36.99 -16.45
N LEU D 131 -25.08 37.57 -15.61
CA LEU D 131 -25.70 36.87 -14.50
C LEU D 131 -26.39 35.58 -15.00
N LYS D 132 -27.18 35.71 -16.06
CA LYS D 132 -27.99 34.57 -16.51
C LYS D 132 -27.08 33.44 -17.02
N GLY D 133 -25.83 33.79 -17.37
CA GLY D 133 -24.80 32.84 -17.78
C GLY D 133 -24.61 31.63 -16.88
N TYR D 134 -24.81 31.80 -15.56
CA TYR D 134 -24.67 30.69 -14.61
C TYR D 134 -25.59 29.52 -14.96
N GLU D 135 -26.59 29.77 -15.81
CA GLU D 135 -27.56 28.75 -16.22
C GLU D 135 -27.23 28.00 -17.51
N SER D 136 -26.22 28.48 -18.22
CA SER D 136 -25.75 27.77 -19.41
C SER D 136 -24.33 27.29 -19.14
N PRO D 137 -24.15 25.97 -18.99
CA PRO D 137 -22.89 25.36 -18.55
C PRO D 137 -21.69 25.74 -19.44
N GLU D 138 -21.93 25.84 -20.74
CA GLU D 138 -20.86 26.09 -21.69
C GLU D 138 -20.31 27.54 -21.72
N ILE D 139 -20.98 28.45 -21.00
CA ILE D 139 -20.50 29.82 -20.88
C ILE D 139 -20.46 30.33 -19.42
N ALA D 140 -20.97 29.54 -18.47
CA ALA D 140 -21.05 30.01 -17.07
C ALA D 140 -19.74 30.56 -16.54
N LEU D 141 -18.65 29.87 -16.82
CA LEU D 141 -17.34 30.24 -16.32
C LEU D 141 -16.85 31.61 -16.80
N ASN D 142 -16.94 31.85 -18.09
CA ASN D 142 -16.57 33.16 -18.63
C ASN D 142 -17.56 34.28 -18.26
N CYS D 143 -18.86 33.97 -18.16
CA CYS D 143 -19.81 34.91 -17.60
C CYS D 143 -19.40 35.25 -16.15
N GLY D 144 -19.08 34.22 -15.37
CA GLY D 144 -18.63 34.43 -14.02
C GLY D 144 -17.40 35.30 -13.97
N ILE D 145 -16.41 34.98 -14.80
CA ILE D 145 -15.18 35.76 -14.79
C ILE D 145 -15.48 37.25 -15.05
N MET D 146 -16.35 37.53 -16.01
CA MET D 146 -16.69 38.91 -16.38
C MET D 146 -17.55 39.66 -15.35
N LEU D 147 -18.54 38.97 -14.78
CA LEU D 147 -19.35 39.53 -13.70
C LEU D 147 -18.50 39.85 -12.46
N ARG D 148 -17.57 38.98 -12.12
CA ARG D 148 -16.75 39.24 -10.95
C ARG D 148 -15.92 40.49 -11.17
N GLU D 149 -15.45 40.70 -12.40
CA GLU D 149 -14.67 41.88 -12.74
C GLU D 149 -15.52 43.14 -12.67
N CYS D 150 -16.72 43.07 -13.25
CA CYS D 150 -17.69 44.15 -13.24
C CYS D 150 -17.97 44.64 -11.83
N ILE D 151 -18.18 43.69 -10.94
CA ILE D 151 -18.60 44.02 -9.60
C ILE D 151 -17.47 44.57 -8.73
N ARG D 152 -16.25 44.64 -9.27
CA ARG D 152 -15.19 45.42 -8.61
C ARG D 152 -15.52 46.89 -8.63
N HIS D 153 -16.38 47.28 -9.56
CA HIS D 153 -16.74 48.68 -9.70
C HIS D 153 -18.04 48.98 -9.00
N GLU D 154 -17.98 49.89 -8.03
CA GLU D 154 -19.13 50.17 -7.20
C GLU D 154 -20.45 50.38 -7.96
N PRO D 155 -20.51 51.27 -8.99
CA PRO D 155 -21.81 51.46 -9.64
C PRO D 155 -22.40 50.20 -10.28
N LEU D 156 -21.55 49.28 -10.76
CA LEU D 156 -22.04 48.02 -11.34
C LEU D 156 -22.54 47.04 -10.28
N ALA D 157 -21.80 46.93 -9.19
CA ALA D 157 -22.28 46.18 -8.02
C ALA D 157 -23.67 46.67 -7.53
N LYS D 158 -23.84 47.98 -7.43
CA LYS D 158 -25.14 48.55 -7.05
C LYS D 158 -26.26 48.06 -7.98
N ILE D 159 -26.04 48.14 -9.28
CA ILE D 159 -27.08 47.73 -10.23
C ILE D 159 -27.53 46.28 -9.98
N ILE D 160 -26.59 45.40 -9.67
CA ILE D 160 -26.95 44.03 -9.40
C ILE D 160 -27.64 43.87 -8.05
N LEU D 161 -26.95 44.26 -6.99
CA LEU D 161 -27.54 44.28 -5.65
C LEU D 161 -28.97 44.83 -5.65
N TRP D 162 -29.18 45.98 -6.26
CA TRP D 162 -30.53 46.55 -6.28
C TRP D 162 -31.57 45.83 -7.20
N SER D 163 -31.13 44.82 -7.96
CA SER D 163 -32.02 44.13 -8.88
C SER D 163 -32.74 42.91 -8.30
N GLU D 164 -33.95 42.69 -8.81
CA GLU D 164 -34.69 41.46 -8.64
C GLU D 164 -33.87 40.23 -8.96
N GLN D 165 -33.07 40.24 -10.03
CA GLN D 165 -32.39 38.98 -10.35
C GLN D 165 -31.23 38.59 -9.42
N PHE D 166 -30.89 39.49 -8.50
CA PHE D 166 -29.90 39.21 -7.48
C PHE D 166 -30.27 37.95 -6.68
N TYR D 167 -31.56 37.77 -6.48
CA TYR D 167 -32.05 36.67 -5.69
C TYR D 167 -31.85 35.31 -6.34
N ASP D 168 -31.50 35.31 -7.63
CA ASP D 168 -31.20 34.07 -8.35
C ASP D 168 -29.91 33.42 -7.88
N PHE D 169 -29.02 34.23 -7.29
CA PHE D 169 -27.82 33.73 -6.65
C PHE D 169 -28.17 32.63 -5.62
N PHE D 170 -29.35 32.73 -5.02
CA PHE D 170 -29.75 31.78 -3.98
C PHE D 170 -29.97 30.40 -4.57
N ARG D 171 -30.35 30.36 -5.85
CA ARG D 171 -30.41 29.11 -6.58
C ARG D 171 -29.00 28.77 -7.10
N TYR D 172 -28.29 29.75 -7.63
CA TYR D 172 -27.03 29.46 -8.32
C TYR D 172 -25.97 28.78 -7.45
N VAL D 173 -25.98 29.11 -6.16
CA VAL D 173 -25.02 28.58 -5.19
C VAL D 173 -25.36 27.16 -4.69
N GLU D 174 -26.60 26.71 -4.94
CA GLU D 174 -27.04 25.33 -4.69
C GLU D 174 -27.00 24.46 -5.98
N MET D 175 -26.04 24.73 -6.86
CA MET D 175 -25.94 24.06 -8.15
C MET D 175 -25.12 22.79 -7.97
N SER D 176 -25.57 21.69 -8.52
CA SER D 176 -24.90 20.42 -8.27
C SER D 176 -23.51 20.32 -8.89
N THR D 177 -23.20 21.23 -9.80
CA THR D 177 -21.87 21.29 -10.38
C THR D 177 -21.11 22.24 -9.51
N PHE D 178 -20.09 21.71 -8.84
CA PHE D 178 -19.36 22.48 -7.86
C PHE D 178 -18.52 23.60 -8.46
N ASP D 179 -18.00 23.38 -9.68
CA ASP D 179 -17.23 24.41 -10.36
C ASP D 179 -18.04 25.69 -10.53
N ILE D 180 -19.30 25.54 -10.94
CA ILE D 180 -20.17 26.69 -11.17
C ILE D 180 -20.78 27.19 -9.86
N ALA D 181 -21.20 26.27 -8.99
CA ALA D 181 -21.70 26.61 -7.64
C ALA D 181 -20.71 27.47 -6.87
N SER D 182 -19.43 27.06 -6.87
CA SER D 182 -18.34 27.81 -6.20
C SER D 182 -18.06 29.18 -6.81
N ASP D 183 -18.07 29.25 -8.14
CA ASP D 183 -17.95 30.51 -8.85
C ASP D 183 -19.09 31.46 -8.45
N ALA D 184 -20.33 30.99 -8.50
CA ALA D 184 -21.49 31.81 -8.14
C ALA D 184 -21.46 32.29 -6.71
N PHE D 185 -21.00 31.45 -5.79
CA PHE D 185 -20.94 31.87 -4.41
C PHE D 185 -19.83 32.91 -4.19
N ALA D 186 -18.76 32.81 -4.97
CA ALA D 186 -17.64 33.73 -4.83
C ALA D 186 -18.10 35.12 -5.27
N THR D 187 -18.83 35.19 -6.38
CA THR D 187 -19.41 36.46 -6.84
C THR D 187 -20.38 37.02 -5.78
N PHE D 188 -21.27 36.16 -5.27
CA PHE D 188 -22.20 36.46 -4.16
C PHE D 188 -21.48 37.00 -2.89
N LYS D 189 -20.51 36.27 -2.37
CA LYS D 189 -19.71 36.73 -1.25
C LYS D 189 -19.16 38.13 -1.55
N ASP D 190 -18.70 38.32 -2.79
CA ASP D 190 -18.00 39.53 -3.17
C ASP D 190 -18.95 40.71 -3.14
N LEU D 191 -20.05 40.60 -3.88
CA LEU D 191 -21.10 41.62 -3.83
C LEU D 191 -21.45 42.03 -2.42
N LEU D 192 -21.47 41.09 -1.48
CA LEU D 192 -21.90 41.41 -0.12
C LEU D 192 -20.81 42.02 0.77
N THR D 193 -19.57 42.05 0.32
CA THR D 193 -18.47 42.34 1.23
C THR D 193 -17.46 43.38 0.71
N ARG D 194 -17.33 43.52 -0.60
CA ARG D 194 -16.35 44.46 -1.14
C ARG D 194 -16.69 45.94 -0.87
N HIS D 195 -17.79 46.43 -1.42
CA HIS D 195 -18.15 47.82 -1.20
C HIS D 195 -18.98 47.90 0.07
N LYS D 196 -18.31 48.26 1.16
CA LYS D 196 -18.87 48.06 2.50
C LYS D 196 -20.07 48.95 2.77
N LEU D 197 -20.02 50.21 2.36
CA LEU D 197 -21.16 51.11 2.56
C LEU D 197 -22.37 50.70 1.72
N LEU D 198 -22.11 50.18 0.52
CA LEU D 198 -23.18 49.71 -0.36
C LEU D 198 -23.91 48.50 0.20
N SER D 199 -23.14 47.49 0.62
CA SER D 199 -23.72 46.29 1.21
C SER D 199 -24.46 46.49 2.51
N ALA D 200 -24.08 47.48 3.31
CA ALA D 200 -24.88 47.83 4.50
C ALA D 200 -26.20 48.47 4.09
N GLU D 201 -26.14 49.47 3.21
CA GLU D 201 -27.33 50.05 2.59
C GLU D 201 -28.24 48.94 2.09
N PHE D 202 -27.67 48.01 1.31
CA PHE D 202 -28.47 46.91 0.78
C PHE D 202 -29.07 46.01 1.83
N LEU D 203 -28.27 45.66 2.85
CA LEU D 203 -28.74 44.76 3.88
C LEU D 203 -29.77 45.41 4.79
N GLU D 204 -29.63 46.72 5.04
CA GLU D 204 -30.65 47.48 5.77
C GLU D 204 -31.99 47.41 5.02
N GLN D 205 -31.97 47.86 3.77
CA GLN D 205 -33.19 47.98 2.95
C GLN D 205 -33.86 46.64 2.67
N HIS D 206 -33.09 45.62 2.28
CA HIS D 206 -33.68 44.38 1.81
C HIS D 206 -33.63 43.29 2.87
N TYR D 207 -33.56 43.70 4.13
CA TYR D 207 -33.31 42.77 5.21
C TYR D 207 -34.21 41.55 5.12
N ASP D 208 -35.52 41.80 5.17
CA ASP D 208 -36.50 40.74 5.30
C ASP D 208 -36.43 39.67 4.23
N ARG D 209 -36.26 40.08 2.96
CA ARG D 209 -36.21 39.11 1.87
C ARG D 209 -34.84 38.45 1.79
N PHE D 210 -33.79 39.23 2.02
CA PHE D 210 -32.46 38.69 2.00
C PHE D 210 -32.33 37.57 3.01
N PHE D 211 -32.71 37.83 4.25
CA PHE D 211 -32.53 36.84 5.30
C PHE D 211 -33.52 35.70 5.30
N SER D 212 -34.62 35.87 4.60
CA SER D 212 -35.55 34.79 4.41
C SER D 212 -34.94 33.80 3.42
N GLU D 213 -34.14 34.32 2.49
CA GLU D 213 -33.44 33.50 1.53
C GLU D 213 -32.15 33.00 2.20
N TYR D 214 -31.44 33.87 2.92
CA TYR D 214 -30.27 33.41 3.64
C TYR D 214 -30.58 32.24 4.62
N GLU D 215 -31.61 32.43 5.44
CA GLU D 215 -32.14 31.38 6.31
C GLU D 215 -32.15 30.01 5.58
N LYS D 216 -32.74 29.96 4.38
CA LYS D 216 -32.76 28.72 3.56
C LYS D 216 -31.35 28.09 3.41
N LEU D 217 -30.33 28.91 3.13
CA LEU D 217 -28.97 28.39 2.94
C LEU D 217 -28.38 27.76 4.19
N LEU D 218 -28.71 28.28 5.37
CA LEU D 218 -28.21 27.65 6.61
C LEU D 218 -28.82 26.26 6.88
N HIS D 219 -29.86 25.88 6.09
CA HIS D 219 -30.49 24.55 6.12
C HIS D 219 -30.15 23.65 4.90
N SER D 220 -29.23 24.08 4.04
CA SER D 220 -28.86 23.29 2.86
C SER D 220 -28.32 21.89 3.18
N GLU D 221 -28.75 20.90 2.41
CA GLU D 221 -28.20 19.55 2.53
C GLU D 221 -26.81 19.43 1.91
N ASN D 222 -26.40 20.47 1.18
CA ASN D 222 -25.02 20.55 0.73
C ASN D 222 -24.10 21.05 1.86
N TYR D 223 -23.19 20.16 2.28
CA TYR D 223 -22.22 20.44 3.33
C TYR D 223 -21.48 21.75 3.06
N VAL D 224 -20.99 21.91 1.84
CA VAL D 224 -20.19 23.06 1.47
C VAL D 224 -21.04 24.33 1.56
N THR D 225 -22.25 24.27 0.99
CA THR D 225 -23.20 25.38 1.14
C THR D 225 -23.43 25.80 2.58
N LYS D 226 -23.78 24.87 3.47
CA LYS D 226 -24.04 25.19 4.87
C LYS D 226 -22.81 25.83 5.52
N ARG D 227 -21.68 25.13 5.46
CA ARG D 227 -20.45 25.59 6.05
C ARG D 227 -20.15 27.04 5.63
N GLN D 228 -20.29 27.31 4.33
CA GLN D 228 -19.88 28.60 3.76
C GLN D 228 -20.85 29.74 4.02
N SER D 229 -22.14 29.47 3.95
CA SER D 229 -23.15 30.46 4.30
C SER D 229 -23.03 30.87 5.77
N LEU D 230 -22.59 29.94 6.61
CA LEU D 230 -22.46 30.18 8.04
C LEU D 230 -21.21 31.02 8.31
N LYS D 231 -20.07 30.61 7.75
CA LYS D 231 -18.87 31.43 7.83
C LYS D 231 -19.19 32.85 7.35
N LEU D 232 -19.89 32.96 6.24
CA LEU D 232 -20.14 34.28 5.70
C LEU D 232 -21.06 35.12 6.62
N LEU D 233 -22.08 34.49 7.19
CA LEU D 233 -22.96 35.19 8.12
C LEU D 233 -22.20 35.81 9.30
N GLY D 234 -21.21 35.08 9.84
CA GLY D 234 -20.44 35.53 10.98
C GLY D 234 -19.65 36.75 10.62
N GLU D 235 -19.04 36.73 9.45
CA GLU D 235 -18.24 37.83 8.94
C GLU D 235 -19.10 39.08 8.69
N LEU D 236 -20.29 38.91 8.13
CA LEU D 236 -21.26 39.99 7.91
C LEU D 236 -21.63 40.66 9.20
N LEU D 237 -21.92 39.85 10.21
CA LEU D 237 -22.47 40.31 11.47
C LEU D 237 -21.46 41.08 12.31
N LEU D 238 -20.19 40.84 12.05
CA LEU D 238 -19.14 41.41 12.86
C LEU D 238 -18.46 42.58 12.16
N ASP D 239 -18.87 42.85 10.93
CA ASP D 239 -18.40 44.04 10.24
C ASP D 239 -19.13 45.23 10.85
N ARG D 240 -18.39 46.25 11.23
CA ARG D 240 -19.01 47.37 11.91
C ARG D 240 -20.03 48.11 11.06
N HIS D 241 -19.78 48.23 9.76
CA HIS D 241 -20.75 48.78 8.81
C HIS D 241 -22.11 48.15 8.92
N ASN D 242 -22.16 46.88 9.32
CA ASN D 242 -23.42 46.16 9.46
C ASN D 242 -24.03 46.17 10.88
N PHE D 243 -23.56 47.10 11.72
CA PHE D 243 -24.00 47.15 13.11
C PHE D 243 -25.50 46.92 13.24
N THR D 244 -26.28 47.77 12.59
CA THR D 244 -27.76 47.77 12.69
C THR D 244 -28.37 46.43 12.27
N ILE D 245 -27.84 45.86 11.19
CA ILE D 245 -28.21 44.53 10.73
C ILE D 245 -27.94 43.45 11.82
N MET D 246 -26.77 43.52 12.43
CA MET D 246 -26.45 42.58 13.49
C MET D 246 -27.51 42.66 14.60
N THR D 247 -27.72 43.85 15.14
CA THR D 247 -28.60 43.97 16.29
C THR D 247 -29.99 43.44 15.97
N LYS D 248 -30.38 43.48 14.69
CA LYS D 248 -31.65 42.91 14.29
C LYS D 248 -31.56 41.39 14.21
N TYR D 249 -30.53 40.88 13.55
CA TYR D 249 -30.35 39.44 13.41
C TYR D 249 -30.34 38.72 14.77
N ILE D 250 -29.65 39.31 15.74
CA ILE D 250 -29.44 38.66 17.02
C ILE D 250 -30.59 38.83 17.98
N SER D 251 -31.66 39.45 17.51
CA SER D 251 -32.83 39.70 18.36
C SER D 251 -34.00 38.78 18.03
N LYS D 252 -33.81 37.87 17.10
CA LYS D 252 -34.91 37.00 16.69
C LYS D 252 -34.65 35.56 17.11
N PRO D 253 -35.45 35.07 18.09
CA PRO D 253 -35.41 33.75 18.69
C PRO D 253 -35.06 32.62 17.72
N GLU D 254 -35.67 32.64 16.54
CA GLU D 254 -35.45 31.62 15.52
C GLU D 254 -33.99 31.53 15.08
N ASN D 255 -33.34 32.69 14.93
CA ASN D 255 -31.91 32.74 14.65
C ASN D 255 -31.11 32.15 15.81
N LEU D 256 -31.52 32.44 17.04
CA LEU D 256 -30.82 31.88 18.19
C LEU D 256 -30.99 30.39 18.22
N LYS D 257 -32.24 29.92 18.05
CA LYS D 257 -32.53 28.49 18.03
C LYS D 257 -31.63 27.80 17.00
N LEU D 258 -31.54 28.41 15.81
CA LEU D 258 -30.81 27.83 14.72
C LEU D 258 -29.33 27.73 15.08
N MET D 259 -28.73 28.84 15.53
CA MET D 259 -27.33 28.79 15.97
C MET D 259 -27.11 27.74 17.04
N MET D 260 -27.99 27.71 18.05
CA MET D 260 -27.91 26.73 19.12
C MET D 260 -28.00 25.30 18.60
N ASN D 261 -28.84 25.09 17.59
CA ASN D 261 -28.97 23.77 17.02
C ASN D 261 -27.79 23.35 16.17
N LEU D 262 -27.17 24.31 15.50
CA LEU D 262 -25.97 24.02 14.72
C LEU D 262 -24.74 23.67 15.60
N LEU D 263 -24.77 24.08 16.87
CA LEU D 263 -23.75 23.68 17.83
C LEU D 263 -23.66 22.15 17.96
N ARG D 264 -24.77 21.44 17.72
CA ARG D 264 -24.81 19.97 17.89
C ARG D 264 -24.69 19.17 16.59
N ASP D 265 -24.39 19.86 15.50
CA ASP D 265 -24.33 19.25 14.19
C ASP D 265 -23.31 18.14 14.02
N LYS D 266 -23.60 17.24 13.08
CA LYS D 266 -22.70 16.16 12.66
C LYS D 266 -21.24 16.62 12.57
N SER D 267 -21.04 17.80 11.99
CA SER D 267 -19.74 18.28 11.55
C SER D 267 -19.04 19.23 12.52
N ARG D 268 -17.80 18.90 12.85
CA ARG D 268 -16.96 19.71 13.72
C ARG D 268 -16.82 21.10 13.15
N ASN D 269 -16.79 21.20 11.82
CA ASN D 269 -16.56 22.50 11.19
C ASN D 269 -17.79 23.42 11.20
N ILE D 270 -18.96 22.85 10.96
CA ILE D 270 -20.18 23.62 11.03
C ILE D 270 -20.39 24.13 12.45
N GLN D 271 -20.26 23.24 13.43
CA GLN D 271 -20.50 23.63 14.80
C GLN D 271 -19.57 24.78 15.27
N PHE D 272 -18.29 24.70 14.92
CA PHE D 272 -17.35 25.83 15.11
C PHE D 272 -17.86 27.15 14.49
N GLU D 273 -18.34 27.12 13.24
CA GLU D 273 -18.90 28.32 12.63
C GLU D 273 -20.12 28.85 13.42
N ALA D 274 -21.06 27.97 13.74
CA ALA D 274 -22.20 28.37 14.56
C ALA D 274 -21.74 28.96 15.91
N PHE D 275 -20.75 28.35 16.53
CA PHE D 275 -20.15 28.93 17.73
C PHE D 275 -19.80 30.42 17.52
N HIS D 276 -19.29 30.75 16.33
CA HIS D 276 -18.84 32.11 16.03
C HIS D 276 -19.96 33.11 15.71
N VAL D 277 -21.14 32.60 15.39
CA VAL D 277 -22.32 33.46 15.29
C VAL D 277 -22.97 33.53 16.68
N PHE D 278 -23.11 32.35 17.29
CA PHE D 278 -23.67 32.22 18.63
C PHE D 278 -23.04 33.20 19.66
N LYS D 279 -21.71 33.35 19.65
CA LYS D 279 -21.04 34.31 20.54
C LYS D 279 -21.60 35.72 20.45
N VAL D 280 -22.06 36.11 19.27
CA VAL D 280 -22.56 37.46 19.06
C VAL D 280 -23.86 37.62 19.83
N PHE D 281 -24.75 36.62 19.73
CA PHE D 281 -25.97 36.63 20.50
C PHE D 281 -25.69 36.87 21.99
N VAL D 282 -24.73 36.13 22.55
CA VAL D 282 -24.47 36.16 23.99
C VAL D 282 -23.82 37.47 24.45
N ALA D 283 -22.84 37.95 23.71
CA ALA D 283 -22.10 39.15 24.11
C ALA D 283 -22.97 40.40 24.10
N ASN D 284 -24.12 40.30 23.45
CA ASN D 284 -25.04 41.42 23.39
C ASN D 284 -25.42 41.97 24.80
N PRO D 285 -25.15 43.26 25.04
CA PRO D 285 -25.62 43.90 26.28
C PRO D 285 -27.14 44.14 26.30
N ASN D 286 -27.74 44.29 25.12
CA ASN D 286 -29.15 44.66 25.03
C ASN D 286 -30.03 43.59 24.40
N LYS D 287 -29.97 42.39 24.98
CA LYS D 287 -30.82 41.28 24.54
C LYS D 287 -32.30 41.59 24.76
N THR D 288 -33.11 41.18 23.80
CA THR D 288 -34.55 41.25 23.93
C THR D 288 -35.01 40.06 24.78
N GLN D 289 -36.21 40.18 25.33
CA GLN D 289 -36.73 39.23 26.30
C GLN D 289 -36.76 37.75 25.87
N PRO D 290 -37.26 37.44 24.66
CA PRO D 290 -37.29 36.01 24.27
C PRO D 290 -35.90 35.42 24.01
N ILE D 291 -34.99 36.23 23.46
CA ILE D 291 -33.60 35.80 23.31
C ILE D 291 -33.03 35.52 24.70
N LEU D 292 -33.19 36.49 25.59
CA LEU D 292 -32.77 36.34 26.98
C LEU D 292 -33.34 35.03 27.53
N ASP D 293 -34.65 34.85 27.40
CA ASP D 293 -35.36 33.69 27.92
C ASP D 293 -34.79 32.33 27.50
N ILE D 294 -34.52 32.16 26.21
CA ILE D 294 -33.96 30.89 25.70
C ILE D 294 -32.66 30.59 26.40
N LEU D 295 -31.80 31.60 26.50
CA LEU D 295 -30.51 31.44 27.16
C LEU D 295 -30.71 31.08 28.62
N LEU D 296 -31.66 31.74 29.28
CA LEU D 296 -31.99 31.39 30.67
C LEU D 296 -32.50 29.97 30.81
N LYS D 297 -33.49 29.58 30.01
CA LYS D 297 -34.01 28.22 30.03
C LYS D 297 -32.90 27.17 29.87
N ASN D 298 -31.85 27.51 29.14
CA ASN D 298 -30.78 26.57 28.81
C ASN D 298 -29.45 26.86 29.52
N GLN D 299 -29.48 27.80 30.46
CA GLN D 299 -28.27 28.27 31.15
C GLN D 299 -27.34 27.14 31.63
N ALA D 300 -27.83 26.26 32.49
CA ALA D 300 -27.00 25.16 32.99
C ALA D 300 -26.48 24.26 31.85
N LYS D 301 -27.41 23.91 30.94
CA LYS D 301 -27.06 23.07 29.78
C LYS D 301 -25.98 23.74 28.94
N LEU D 302 -26.09 25.06 28.76
CA LEU D 302 -25.12 25.80 27.99
C LEU D 302 -23.75 25.77 28.67
N ILE D 303 -23.76 25.97 29.97
CA ILE D 303 -22.54 25.92 30.74
C ILE D 303 -21.90 24.54 30.63
N GLU D 304 -22.70 23.47 30.73
CA GLU D 304 -22.11 22.14 30.56
C GLU D 304 -21.61 21.95 29.12
N PHE D 305 -22.43 22.35 28.16
CA PHE D 305 -22.06 22.19 26.75
C PHE D 305 -20.77 22.92 26.39
N LEU D 306 -20.76 24.25 26.57
CA LEU D 306 -19.59 25.07 26.22
C LEU D 306 -18.30 24.57 26.88
N SER D 307 -18.40 24.10 28.12
CA SER D 307 -17.25 23.60 28.86
C SER D 307 -16.63 22.35 28.24
N LYS D 308 -17.46 21.50 27.65
CA LYS D 308 -16.95 20.29 27.01
C LYS D 308 -16.65 20.56 25.51
N PHE D 309 -17.15 21.69 24.99
CA PHE D 309 -17.19 21.97 23.55
C PHE D 309 -15.85 21.88 22.83
N GLN D 310 -15.68 20.81 22.05
CA GLN D 310 -14.50 20.61 21.23
C GLN D 310 -13.22 20.77 22.02
N ASN D 311 -13.15 20.11 23.18
CA ASN D 311 -11.98 20.08 24.04
C ASN D 311 -10.73 19.55 23.35
N ASP D 312 -10.86 19.22 22.07
CA ASP D 312 -9.83 18.54 21.30
C ASP D 312 -9.32 19.43 20.17
N ARG D 313 -8.49 20.43 20.52
CA ARG D 313 -7.92 21.32 19.51
C ARG D 313 -6.39 21.23 19.41
N GLU D 315 -6.10 22.17 22.26
CA GLU D 315 -5.44 23.39 22.73
C GLU D 315 -5.14 24.37 21.58
N ASP D 316 -6.12 25.21 21.27
CA ASP D 316 -5.93 26.35 20.36
C ASP D 316 -5.33 27.51 21.16
N GLU D 317 -6.13 28.01 22.12
CA GLU D 317 -5.78 29.06 23.09
C GLU D 317 -6.74 30.23 22.95
N GLN D 318 -6.76 30.85 21.78
CA GLN D 318 -7.70 31.93 21.52
C GLN D 318 -9.14 31.39 21.65
N PHE D 319 -9.34 30.20 21.08
CA PHE D 319 -10.60 29.47 21.19
C PHE D 319 -10.95 29.12 22.64
N ASN D 320 -9.97 28.60 23.39
CA ASN D 320 -10.14 28.32 24.81
C ASN D 320 -10.52 29.57 25.59
N ASP D 321 -9.97 30.71 25.17
CA ASP D 321 -10.26 32.01 25.77
C ASP D 321 -11.66 32.46 25.41
N GLU D 322 -12.09 32.13 24.20
CA GLU D 322 -13.41 32.48 23.74
C GLU D 322 -14.49 31.68 24.51
N LYS D 323 -14.27 30.37 24.70
CA LYS D 323 -15.23 29.55 25.48
C LYS D 323 -15.34 30.09 26.90
N THR D 324 -14.17 30.28 27.52
CA THR D 324 -14.06 30.85 28.85
C THR D 324 -14.85 32.15 29.00
N TYR D 325 -14.57 33.12 28.14
CA TYR D 325 -15.30 34.38 28.14
C TYR D 325 -16.83 34.16 28.01
N LEU D 326 -17.26 33.27 27.11
CA LEU D 326 -18.70 32.94 26.94
C LEU D 326 -19.34 32.28 28.15
N VAL D 327 -18.68 31.27 28.72
CA VAL D 327 -19.20 30.60 29.90
C VAL D 327 -19.42 31.62 31.00
N LYS D 328 -18.50 32.55 31.13
CA LYS D 328 -18.62 33.59 32.15
C LYS D 328 -19.81 34.48 31.79
N GLN D 329 -19.89 34.86 30.53
CA GLN D 329 -21.02 35.61 30.03
C GLN D 329 -22.33 34.91 30.43
N ILE D 330 -22.45 33.63 30.10
CA ILE D 330 -23.64 32.82 30.43
C ILE D 330 -23.93 32.78 31.93
N ARG D 331 -22.89 32.53 32.75
CA ARG D 331 -23.06 32.47 34.21
C ARG D 331 -23.59 33.77 34.80
N ASP D 332 -23.18 34.90 34.22
CA ASP D 332 -23.50 36.20 34.76
C ASP D 332 -24.86 36.68 34.30
N LEU D 333 -25.61 35.79 33.64
CA LEU D 333 -26.93 36.13 33.11
C LEU D 333 -27.95 36.16 34.24
N LYS D 334 -28.83 37.16 34.17
CA LYS D 334 -29.88 37.44 35.16
C LYS D 334 -31.07 38.08 34.45
N ARG D 335 -32.01 38.63 35.22
CA ARG D 335 -33.17 39.34 34.66
C ARG D 335 -33.14 40.81 35.08
N PRO D 336 -33.52 41.70 34.15
CA PRO D 336 -33.53 43.13 34.45
C PRO D 336 -34.74 43.52 35.29
N SER E 2 -20.92 13.52 -22.87
CA SER E 2 -20.47 12.69 -21.72
C SER E 2 -20.79 13.34 -20.38
N SER E 3 -22.08 13.33 -20.02
CA SER E 3 -22.55 13.90 -18.74
C SER E 3 -22.40 12.90 -17.60
N PHE E 4 -22.24 13.42 -16.39
CA PHE E 4 -22.06 12.61 -15.18
C PHE E 4 -22.93 13.15 -14.04
N LEU E 5 -23.45 12.25 -13.20
CA LEU E 5 -24.35 12.64 -12.10
C LEU E 5 -23.76 12.34 -10.71
N PRO E 6 -23.94 13.28 -9.74
CA PRO E 6 -23.50 13.11 -8.35
C PRO E 6 -24.31 12.04 -7.61
N CYS E 10 -23.94 5.28 -7.31
CA CYS E 10 -23.87 5.92 -8.61
C CYS E 10 -22.45 6.00 -9.22
N TYR E 11 -21.45 5.52 -8.48
CA TYR E 11 -20.08 5.25 -8.98
C TYR E 11 -19.58 4.07 -8.14
N GLU E 12 -19.18 2.98 -8.77
CA GLU E 12 -18.56 1.93 -7.99
C GLU E 12 -17.08 2.23 -7.84
N LEU E 13 -16.69 2.54 -6.61
CA LEU E 13 -15.31 2.80 -6.26
C LEU E 13 -14.55 1.50 -6.15
N LEU E 14 -13.33 1.49 -6.67
CA LEU E 14 -12.50 0.31 -6.66
C LEU E 14 -11.09 0.70 -6.21
N THR E 15 -10.11 0.01 -6.76
CA THR E 15 -8.67 0.25 -6.56
C THR E 15 -8.25 1.67 -6.16
N VAL E 16 -7.39 1.76 -5.15
CA VAL E 16 -6.62 2.94 -4.91
C VAL E 16 -5.52 2.94 -5.95
N ILE E 17 -5.51 3.98 -6.80
CA ILE E 17 -4.51 4.09 -7.86
C ILE E 17 -3.48 5.17 -7.56
N GLY E 18 -3.74 5.98 -6.52
CA GLY E 18 -2.80 7.02 -6.08
C GLY E 18 -3.33 7.83 -4.91
N LYS E 19 -2.47 8.69 -4.36
CA LYS E 19 -2.88 9.60 -3.28
C LYS E 19 -2.32 11.00 -3.55
N GLY E 20 -2.50 11.93 -2.62
CA GLY E 20 -1.98 13.29 -2.83
C GLY E 20 -2.59 14.34 -1.95
N PHE E 21 -2.27 15.60 -2.24
CA PHE E 21 -2.70 16.76 -1.45
C PHE E 21 -2.60 16.45 0.05
N GLU E 22 -1.36 16.41 0.54
CA GLU E 22 -1.07 16.19 1.96
C GLU E 22 -1.68 14.86 2.50
N ASP E 23 -2.12 13.98 1.61
CA ASP E 23 -2.74 12.68 1.97
C ASP E 23 -4.24 12.79 2.26
N LEU E 24 -4.80 13.92 1.88
CA LEU E 24 -6.21 14.14 2.10
C LEU E 24 -7.05 13.58 0.95
N MET E 25 -6.38 13.46 -0.20
CA MET E 25 -6.93 12.97 -1.46
C MET E 25 -6.58 11.49 -1.68
N THR E 26 -7.58 10.65 -1.95
CA THR E 26 -7.36 9.31 -2.47
C THR E 26 -7.67 9.34 -3.95
N VAL E 27 -6.87 8.62 -4.76
CA VAL E 27 -7.22 8.46 -6.19
C VAL E 27 -7.75 7.04 -6.37
N ASN E 28 -8.96 6.97 -6.94
CA ASN E 28 -9.61 5.68 -7.23
C ASN E 28 -9.86 5.44 -8.70
N LEU E 29 -9.64 4.21 -9.13
CA LEU E 29 -10.29 3.72 -10.32
C LEU E 29 -11.76 3.57 -9.91
N ALA E 30 -12.68 3.84 -10.83
CA ALA E 30 -14.11 3.66 -10.53
C ALA E 30 -14.90 3.22 -11.78
N ARG E 31 -16.03 2.56 -11.55
CA ARG E 31 -16.95 2.22 -12.62
C ARG E 31 -18.17 3.14 -12.54
N TYR E 32 -18.35 3.95 -13.57
CA TYR E 32 -19.55 4.74 -13.71
C TYR E 32 -20.70 3.80 -14.08
N LYS E 33 -21.63 3.61 -13.13
CA LYS E 33 -22.67 2.59 -13.20
C LYS E 33 -23.62 2.74 -14.38
N PRO E 34 -24.14 3.97 -14.62
CA PRO E 34 -24.98 4.19 -15.80
C PRO E 34 -24.42 3.59 -17.10
N THR E 35 -23.25 4.06 -17.55
CA THR E 35 -22.67 3.68 -18.85
C THR E 35 -21.75 2.45 -18.87
N GLY E 36 -21.22 2.08 -17.69
CA GLY E 36 -20.22 1.02 -17.58
C GLY E 36 -18.77 1.45 -17.82
N GLU E 37 -18.51 2.75 -17.94
CA GLU E 37 -17.17 3.25 -18.21
C GLU E 37 -16.27 3.36 -16.96
N TYR E 38 -15.01 2.95 -17.12
CA TYR E 38 -14.02 3.06 -16.07
C TYR E 38 -13.29 4.40 -16.16
N VAL E 39 -13.27 5.08 -15.03
CA VAL E 39 -12.72 6.42 -14.92
C VAL E 39 -11.93 6.53 -13.62
N THR E 40 -11.39 7.71 -13.38
CA THR E 40 -10.70 8.04 -12.16
C THR E 40 -11.64 8.91 -11.33
N VAL E 41 -11.77 8.61 -10.05
CA VAL E 41 -12.43 9.54 -9.12
C VAL E 41 -11.40 9.98 -8.07
N ARG E 42 -11.21 11.30 -7.99
CA ARG E 42 -10.29 11.93 -7.06
C ARG E 42 -11.15 12.47 -5.91
N ARG E 43 -10.83 12.09 -4.67
CA ARG E 43 -11.71 12.39 -3.54
C ARG E 43 -10.97 12.99 -2.37
N ILE E 44 -11.57 14.05 -1.82
CA ILE E 44 -10.98 14.80 -0.72
C ILE E 44 -12.03 15.09 0.35
N ASN E 45 -11.85 14.49 1.52
CA ASN E 45 -12.61 14.84 2.73
C ASN E 45 -12.37 16.32 3.09
N LEU E 46 -13.38 17.16 2.81
CA LEU E 46 -13.31 18.61 3.06
C LEU E 46 -13.40 18.93 4.55
N GLU E 47 -13.95 17.98 5.30
CA GLU E 47 -13.97 18.05 6.75
C GLU E 47 -12.58 18.20 7.29
N ALA E 48 -11.58 17.69 6.60
CA ALA E 48 -10.19 17.78 7.04
C ALA E 48 -9.40 18.99 6.50
N CYS E 49 -10.02 19.79 5.64
CA CYS E 49 -9.38 20.98 5.05
C CYS E 49 -9.81 22.26 5.76
N SER E 50 -8.85 23.17 5.90
CA SER E 50 -9.14 24.55 6.26
C SER E 50 -10.04 25.19 5.22
N ASN E 51 -10.73 26.27 5.59
CA ASN E 51 -11.49 27.08 4.62
C ASN E 51 -10.61 27.47 3.45
N GLU E 52 -9.33 27.69 3.71
CA GLU E 52 -8.36 28.10 2.71
C GLU E 52 -8.10 27.01 1.71
N MET E 53 -7.75 25.82 2.25
CA MET E 53 -7.59 24.61 1.48
C MET E 53 -8.76 24.39 0.52
N VAL E 54 -9.99 24.53 0.99
CA VAL E 54 -11.16 24.38 0.10
C VAL E 54 -11.08 25.36 -1.08
N THR E 55 -10.77 26.62 -0.77
CA THR E 55 -10.61 27.68 -1.75
C THR E 55 -9.49 27.33 -2.75
N PHE E 56 -8.38 26.81 -2.24
CA PHE E 56 -7.28 26.39 -3.10
C PHE E 56 -7.72 25.30 -4.07
N LEU E 57 -8.41 24.30 -3.53
CA LEU E 57 -9.09 23.30 -4.33
C LEU E 57 -10.12 23.89 -5.29
N GLN E 58 -10.90 24.87 -4.85
CA GLN E 58 -11.87 25.53 -5.75
C GLN E 58 -11.19 26.17 -6.97
N GLY E 59 -9.99 26.70 -6.75
CA GLY E 59 -9.12 27.27 -7.81
C GLY E 59 -8.63 26.29 -8.86
N GLU E 60 -8.25 25.08 -8.43
CA GLU E 60 -7.86 24.04 -9.38
C GLU E 60 -8.98 23.73 -10.39
N LEU E 61 -10.22 23.64 -9.93
CA LEU E 61 -11.38 23.35 -10.81
C LEU E 61 -11.60 24.40 -11.89
N HIS E 62 -11.60 25.66 -11.49
CA HIS E 62 -11.71 26.83 -12.37
C HIS E 62 -10.68 26.74 -13.49
N VAL E 63 -9.43 26.56 -13.10
CA VAL E 63 -8.34 26.56 -14.06
C VAL E 63 -8.44 25.39 -15.01
N SER E 64 -8.76 24.22 -14.49
CA SER E 64 -8.99 23.07 -15.36
C SER E 64 -10.11 23.31 -16.38
N LYS E 65 -11.22 23.90 -15.97
CA LYS E 65 -12.26 24.19 -16.96
C LYS E 65 -11.82 25.24 -18.00
N LEU E 66 -10.79 26.02 -17.64
CA LEU E 66 -10.18 27.00 -18.57
C LEU E 66 -9.29 26.34 -19.65
N PHE E 67 -8.60 25.28 -19.26
CA PHE E 67 -7.63 24.66 -20.14
C PHE E 67 -8.29 23.63 -21.03
N ASN E 68 -7.88 23.64 -22.31
CA ASN E 68 -8.37 22.73 -23.33
C ASN E 68 -7.26 22.46 -24.36
N HIS E 69 -6.73 21.24 -24.33
CA HIS E 69 -5.53 20.94 -25.07
C HIS E 69 -5.30 19.41 -25.11
N PRO E 70 -4.72 18.90 -26.22
CA PRO E 70 -4.55 17.44 -26.34
C PRO E 70 -3.55 16.77 -25.37
N ASN E 71 -2.66 17.54 -24.75
CA ASN E 71 -1.72 16.97 -23.76
C ASN E 71 -2.03 17.44 -22.33
N ILE E 72 -3.27 17.85 -22.12
CA ILE E 72 -3.74 18.16 -20.79
C ILE E 72 -4.92 17.25 -20.44
N VAL E 73 -4.77 16.52 -19.33
CA VAL E 73 -5.84 15.69 -18.80
C VAL E 73 -7.08 16.55 -18.51
N PRO E 74 -8.20 16.26 -19.20
CA PRO E 74 -9.41 17.05 -18.96
C PRO E 74 -10.20 16.49 -17.78
N TYR E 75 -10.90 17.36 -17.08
CA TYR E 75 -11.76 16.97 -15.97
C TYR E 75 -13.19 16.83 -16.50
N ARG E 76 -13.88 15.76 -16.14
CA ARG E 76 -15.16 15.44 -16.73
C ARG E 76 -16.35 15.81 -15.84
N ALA E 77 -16.10 15.94 -14.53
CA ALA E 77 -17.19 16.24 -13.59
C ALA E 77 -16.68 16.62 -12.22
N THR E 78 -17.40 17.53 -11.57
CA THR E 78 -17.03 17.93 -10.22
C THR E 78 -18.23 18.24 -9.34
N PHE E 79 -18.21 17.72 -8.10
CA PHE E 79 -19.39 17.83 -7.22
C PHE E 79 -19.11 17.45 -5.76
N ILE E 80 -20.03 17.76 -4.87
CA ILE E 80 -19.91 17.37 -3.49
C ILE E 80 -20.78 16.15 -3.29
N ALA E 81 -20.25 15.13 -2.62
CA ALA E 81 -21.04 13.90 -2.32
C ALA E 81 -21.68 13.92 -0.91
N ASP E 82 -20.86 13.83 0.13
CA ASP E 82 -21.37 14.22 1.42
C ASP E 82 -20.49 15.35 1.96
N ASN E 83 -19.35 15.01 2.53
CA ASN E 83 -18.39 15.98 3.03
C ASN E 83 -17.11 15.94 2.22
N GLU E 84 -17.17 15.28 1.05
CA GLU E 84 -16.02 15.10 0.19
C GLU E 84 -16.21 15.80 -1.14
N LEU E 85 -15.08 16.19 -1.73
CA LEU E 85 -15.07 16.77 -3.07
C LEU E 85 -14.60 15.70 -4.06
N TRP E 86 -15.40 15.49 -5.10
CA TRP E 86 -15.08 14.50 -6.12
C TRP E 86 -14.84 15.19 -7.46
N VAL E 87 -13.75 14.81 -8.11
CA VAL E 87 -13.41 15.28 -9.45
C VAL E 87 -13.20 13.99 -10.27
N VAL E 88 -14.03 13.84 -11.32
CA VAL E 88 -14.02 12.67 -12.22
C VAL E 88 -13.12 13.00 -13.38
N THR E 89 -12.22 12.07 -13.72
CA THR E 89 -11.32 12.26 -14.87
C THR E 89 -11.19 10.93 -15.63
N SER E 90 -10.76 11.00 -16.88
CA SER E 90 -10.50 9.77 -17.65
C SER E 90 -9.40 8.92 -17.02
N PHE E 91 -9.50 7.61 -17.20
CA PHE E 91 -8.52 6.71 -16.66
C PHE E 91 -7.35 6.60 -17.61
N MET E 92 -6.16 6.97 -17.14
CA MET E 92 -4.91 6.71 -17.84
C MET E 92 -4.33 5.35 -17.39
N ALA E 93 -4.49 4.35 -18.25
CA ALA E 93 -4.28 2.94 -17.89
C ALA E 93 -2.85 2.58 -17.52
N TYR E 94 -1.88 3.27 -18.11
CA TYR E 94 -0.47 3.05 -17.82
C TYR E 94 -0.09 3.65 -16.47
N GLY E 95 -0.91 4.58 -16.00
CA GLY E 95 -0.64 5.34 -14.80
C GLY E 95 0.23 6.53 -15.11
N SER E 96 0.90 7.06 -14.11
CA SER E 96 1.83 8.17 -14.37
C SER E 96 3.18 7.56 -14.68
N ALA E 97 4.09 8.42 -15.15
CA ALA E 97 5.45 8.02 -15.47
C ALA E 97 6.22 7.67 -14.19
N LYS E 98 5.78 8.22 -13.05
CA LYS E 98 6.35 7.81 -11.77
C LYS E 98 5.97 6.37 -11.43
N ASP E 99 4.72 5.99 -11.70
CA ASP E 99 4.32 4.59 -11.61
C ASP E 99 5.27 3.69 -12.40
N LEU E 100 5.43 3.96 -13.70
CA LEU E 100 6.23 3.12 -14.57
C LEU E 100 7.67 2.95 -14.06
N ILE E 101 8.24 4.04 -13.53
CA ILE E 101 9.58 4.01 -12.97
C ILE E 101 9.60 3.16 -11.70
N CYS E 102 8.90 3.60 -10.67
CA CYS E 102 8.80 2.90 -9.40
C CYS E 102 8.39 1.43 -9.55
N THR E 103 7.58 1.15 -10.56
CA THR E 103 6.93 -0.15 -10.69
C THR E 103 7.71 -1.17 -11.56
N HIS E 104 8.46 -0.66 -12.55
CA HIS E 104 9.20 -1.52 -13.46
C HIS E 104 10.53 -0.92 -13.96
N PHE E 105 10.50 0.29 -14.49
CA PHE E 105 11.70 0.97 -14.96
C PHE E 105 12.38 1.75 -13.82
N MET E 106 12.83 1.00 -12.82
CA MET E 106 13.46 1.56 -11.61
C MET E 106 14.80 2.24 -11.87
N ASP E 107 15.51 1.76 -12.90
CA ASP E 107 16.81 2.31 -13.27
C ASP E 107 16.66 3.32 -14.40
N GLY E 108 15.42 3.73 -14.65
CA GLY E 108 15.09 4.76 -15.66
C GLY E 108 14.42 4.21 -16.91
N MET E 109 13.92 5.09 -17.74
CA MET E 109 13.24 4.69 -18.98
C MET E 109 14.19 4.67 -20.21
N ASN E 110 13.67 4.24 -21.36
CA ASN E 110 14.41 4.29 -22.63
C ASN E 110 14.39 5.70 -23.20
N GLU E 111 15.47 6.10 -23.89
CA GLU E 111 15.57 7.52 -24.30
C GLU E 111 14.48 8.00 -25.28
N LEU E 112 14.07 7.12 -26.20
CA LEU E 112 12.96 7.43 -27.11
C LEU E 112 11.65 7.69 -26.33
N ALA E 113 11.34 6.82 -25.37
CA ALA E 113 10.18 6.98 -24.49
C ALA E 113 10.19 8.33 -23.77
N ILE E 114 11.38 8.72 -23.31
CA ILE E 114 11.57 10.03 -22.69
C ILE E 114 11.33 11.14 -23.71
N ALA E 115 11.77 10.93 -24.97
CA ALA E 115 11.55 11.92 -26.03
C ALA E 115 10.07 12.20 -26.31
N TYR E 116 9.25 11.15 -26.35
CA TYR E 116 7.78 11.32 -26.45
C TYR E 116 7.16 11.99 -25.22
N ILE E 117 7.52 11.50 -24.03
CA ILE E 117 6.98 12.02 -22.78
C ILE E 117 7.29 13.48 -22.66
N LEU E 118 8.56 13.85 -22.86
CA LEU E 118 8.95 15.24 -22.73
C LEU E 118 8.31 16.12 -23.80
N GLN E 119 8.10 15.56 -24.99
CA GLN E 119 7.44 16.26 -26.08
C GLN E 119 6.01 16.65 -25.71
N GLY E 120 5.24 15.70 -25.18
CA GLY E 120 3.86 15.97 -24.78
C GLY E 120 3.83 17.09 -23.75
N VAL E 121 4.72 16.97 -22.76
CA VAL E 121 4.86 17.93 -21.66
C VAL E 121 5.17 19.36 -22.18
N LEU E 122 6.13 19.46 -23.10
CA LEU E 122 6.50 20.75 -23.68
C LEU E 122 5.36 21.36 -24.48
N LYS E 123 4.60 20.52 -25.20
CA LYS E 123 3.42 21.03 -25.93
C LYS E 123 2.38 21.66 -24.97
N ALA E 124 2.05 20.94 -23.90
CA ALA E 124 1.10 21.41 -22.85
C ALA E 124 1.55 22.67 -22.15
N LEU E 125 2.83 22.72 -21.80
CA LEU E 125 3.41 23.90 -21.17
C LEU E 125 3.44 25.13 -22.10
N ASP E 126 3.74 24.90 -23.38
CA ASP E 126 3.62 25.95 -24.42
C ASP E 126 2.22 26.55 -24.40
N TYR E 127 1.21 25.69 -24.27
CA TYR E 127 -0.19 26.14 -24.25
C TYR E 127 -0.51 26.89 -22.94
N ILE E 128 -0.19 26.29 -21.80
CA ILE E 128 -0.45 26.98 -20.54
C ILE E 128 0.40 28.27 -20.41
N HIS E 129 1.63 28.28 -20.94
CA HIS E 129 2.45 29.51 -20.83
C HIS E 129 1.87 30.62 -21.69
N HIS E 130 1.42 30.27 -22.90
CA HIS E 130 0.64 31.15 -23.77
C HIS E 130 -0.69 31.60 -23.15
N MET E 131 -1.35 30.75 -22.34
CA MET E 131 -2.58 31.17 -21.65
C MET E 131 -2.31 32.07 -20.45
N GLY E 132 -1.02 32.38 -20.20
CA GLY E 132 -0.62 33.26 -19.10
C GLY E 132 -0.49 32.61 -17.73
N TYR E 133 -0.24 31.31 -17.70
CA TYR E 133 -0.06 30.57 -16.45
C TYR E 133 1.37 30.02 -16.28
N VAL E 134 1.69 29.63 -15.04
CA VAL E 134 2.90 28.88 -14.71
C VAL E 134 2.41 27.62 -14.03
N HIS E 135 2.92 26.48 -14.46
CA HIS E 135 2.45 25.20 -13.95
C HIS E 135 2.82 25.00 -12.47
N ARG E 136 4.13 25.00 -12.22
CA ARG E 136 4.71 24.92 -10.85
C ARG E 136 4.75 23.54 -10.19
N SER E 137 4.23 22.53 -10.89
CA SER E 137 4.45 21.17 -10.41
C SER E 137 4.88 20.13 -11.48
N VAL E 138 5.68 20.55 -12.48
CA VAL E 138 6.16 19.61 -13.53
C VAL E 138 7.12 18.59 -12.90
N LYS E 139 6.65 17.34 -12.87
CA LYS E 139 7.33 16.20 -12.26
C LYS E 139 6.68 14.93 -12.82
N ALA E 140 7.42 13.82 -12.76
CA ALA E 140 7.01 12.56 -13.39
C ALA E 140 5.68 12.02 -12.86
N SER E 141 5.43 12.24 -11.57
CA SER E 141 4.16 11.83 -10.98
C SER E 141 2.98 12.62 -11.61
N HIS E 142 3.26 13.76 -12.24
CA HIS E 142 2.23 14.49 -12.97
C HIS E 142 2.30 14.23 -14.47
N ILE E 143 2.67 13.03 -14.87
CA ILE E 143 2.66 12.73 -16.31
C ILE E 143 1.90 11.44 -16.54
N LEU E 144 0.76 11.51 -17.22
CA LEU E 144 -0.06 10.33 -17.39
C LEU E 144 0.03 9.78 -18.81
N ILE E 145 0.27 8.49 -18.95
CA ILE E 145 0.22 7.84 -20.29
C ILE E 145 -1.08 7.06 -20.49
N SER E 146 -1.86 7.54 -21.46
CA SER E 146 -3.15 7.00 -21.86
C SER E 146 -3.11 5.50 -22.17
N VAL E 147 -4.30 4.92 -22.14
CA VAL E 147 -4.60 3.53 -22.57
C VAL E 147 -4.03 3.15 -23.96
N ASP E 148 -3.50 4.13 -24.68
CA ASP E 148 -2.93 3.92 -26.02
C ASP E 148 -1.92 4.99 -26.47
N GLY E 149 -0.97 5.33 -25.59
CA GLY E 149 0.19 6.17 -25.93
C GLY E 149 0.10 7.68 -25.72
N LYS E 150 -1.12 8.19 -25.52
CA LYS E 150 -1.31 9.63 -25.42
C LYS E 150 -0.78 10.15 -24.09
N VAL E 151 0.19 11.05 -24.14
CA VAL E 151 0.79 11.61 -22.93
C VAL E 151 0.09 12.90 -22.48
N TYR E 152 -0.20 12.95 -21.17
CA TYR E 152 -0.92 14.03 -20.52
C TYR E 152 -0.10 14.63 -19.38
N LEU E 153 -0.12 15.95 -19.27
CA LEU E 153 0.40 16.64 -18.11
C LEU E 153 -0.76 16.88 -17.17
N SER E 154 -0.56 16.55 -15.89
CA SER E 154 -1.55 16.81 -14.84
C SER E 154 -1.04 17.83 -13.83
N GLY E 155 -1.44 17.72 -12.57
CA GLY E 155 -0.98 18.65 -11.54
C GLY E 155 -1.44 20.09 -11.70
N LEU E 156 -2.65 20.31 -12.18
CA LEU E 156 -3.13 21.71 -12.37
C LEU E 156 -3.31 22.47 -11.07
N ARG E 157 -3.43 21.75 -9.97
CA ARG E 157 -3.64 22.35 -8.67
C ARG E 157 -2.63 23.48 -8.38
N SER E 158 -1.41 23.31 -8.88
CA SER E 158 -0.32 24.24 -8.58
C SER E 158 -0.23 25.43 -9.53
N ASN E 159 -1.10 25.44 -10.55
CA ASN E 159 -1.10 26.47 -11.58
C ASN E 159 -1.50 27.86 -11.11
N LEU E 160 -0.54 28.77 -11.20
CA LEU E 160 -0.70 30.15 -10.82
C LEU E 160 -0.78 31.00 -12.09
N SER E 161 -1.69 31.97 -12.10
CA SER E 161 -1.92 32.84 -13.25
C SER E 161 -1.03 34.08 -13.19
N MET E 162 -0.46 34.45 -14.33
CA MET E 162 0.42 35.60 -14.38
C MET E 162 -0.29 36.86 -14.88
N ILE E 163 -1.59 36.72 -15.15
CA ILE E 163 -2.44 37.85 -15.49
C ILE E 163 -3.02 38.37 -14.19
N SER E 164 -2.63 39.59 -13.84
CA SER E 164 -3.02 40.22 -12.60
C SER E 164 -3.31 41.71 -12.86
N HIS E 165 -4.40 42.19 -12.29
CA HIS E 165 -4.93 43.54 -12.51
C HIS E 165 -5.37 43.69 -13.98
N GLY E 166 -5.91 42.61 -14.55
CA GLY E 166 -6.27 42.57 -15.96
C GLY E 166 -5.11 42.87 -16.90
N GLN E 167 -3.90 42.91 -16.36
CA GLN E 167 -2.68 43.04 -17.16
C GLN E 167 -1.78 41.83 -16.95
N ARG E 168 -0.83 41.65 -17.85
CA ARG E 168 0.10 40.53 -17.79
C ARG E 168 1.38 41.00 -17.07
N GLN E 169 1.76 40.27 -16.02
CA GLN E 169 2.97 40.60 -15.26
C GLN E 169 4.16 39.90 -15.85
N ARG E 170 5.28 40.61 -15.88
CA ARG E 170 6.53 40.04 -16.37
C ARG E 170 6.98 38.94 -15.43
N VAL E 171 6.94 39.23 -14.12
CA VAL E 171 7.33 38.28 -13.09
C VAL E 171 6.26 38.13 -12.03
N VAL E 172 6.31 36.99 -11.35
CA VAL E 172 5.48 36.72 -10.18
C VAL E 172 6.40 36.56 -8.94
N HIS E 173 5.84 36.69 -7.73
CA HIS E 173 6.63 36.48 -6.51
C HIS E 173 5.96 35.51 -5.51
N ASP E 174 5.11 34.63 -6.02
CA ASP E 174 4.23 33.84 -5.16
C ASP E 174 4.89 32.52 -4.80
N PHE E 175 5.17 32.33 -3.51
CA PHE E 175 5.66 31.05 -3.06
C PHE E 175 4.48 30.05 -2.99
N PRO E 176 4.53 28.97 -3.78
CA PRO E 176 3.37 28.05 -3.90
C PRO E 176 3.02 27.30 -2.61
N LYS E 177 1.74 27.34 -2.24
CA LYS E 177 1.27 26.62 -1.07
C LYS E 177 1.25 25.12 -1.33
N TYR E 178 1.34 24.33 -0.26
CA TYR E 178 1.17 22.86 -0.30
C TYR E 178 2.17 22.20 -1.27
N SER E 179 3.40 22.70 -1.22
CA SER E 179 4.41 22.36 -2.21
C SER E 179 5.62 21.59 -1.66
N VAL E 180 5.53 21.12 -0.40
CA VAL E 180 6.64 20.42 0.25
C VAL E 180 7.23 19.31 -0.64
N LYS E 181 6.37 18.45 -1.18
CA LYS E 181 6.79 17.33 -2.04
C LYS E 181 7.48 17.80 -3.31
N VAL E 182 6.93 18.84 -3.92
CA VAL E 182 7.42 19.38 -5.19
C VAL E 182 8.80 20.04 -5.11
N LEU E 183 9.13 20.57 -3.93
CA LEU E 183 10.40 21.31 -3.65
C LEU E 183 11.61 21.01 -4.57
N PRO E 184 12.04 19.72 -4.67
CA PRO E 184 13.11 19.33 -5.61
C PRO E 184 12.96 19.79 -7.06
N TRP E 185 11.73 19.80 -7.57
CA TRP E 185 11.44 20.14 -8.96
C TRP E 185 11.35 21.66 -9.24
N LEU E 186 11.42 22.48 -8.20
CA LEU E 186 11.22 23.92 -8.36
C LEU E 186 12.50 24.65 -8.72
N SER E 187 12.39 25.66 -9.57
CA SER E 187 13.58 26.41 -9.97
C SER E 187 14.20 27.16 -8.78
N PRO E 188 15.52 27.46 -8.85
CA PRO E 188 16.20 28.23 -7.80
C PRO E 188 15.51 29.55 -7.46
N GLU E 189 14.98 30.23 -8.49
CA GLU E 189 14.39 31.56 -8.34
C GLU E 189 12.93 31.52 -7.87
N VAL E 190 12.31 30.35 -7.99
CA VAL E 190 11.05 30.07 -7.31
C VAL E 190 11.34 30.09 -5.80
N LEU E 191 12.38 29.34 -5.41
CA LEU E 191 12.66 29.05 -4.03
C LEU E 191 13.30 30.16 -3.24
N GLN E 192 14.05 31.04 -3.90
CA GLN E 192 14.79 32.06 -3.12
C GLN E 192 13.96 33.25 -2.69
N GLN E 193 12.82 33.44 -3.36
CA GLN E 193 11.77 34.39 -2.93
C GLN E 193 12.30 35.81 -2.70
N ASN E 194 13.06 36.33 -3.67
CA ASN E 194 13.55 37.72 -3.60
C ASN E 194 12.87 38.63 -4.63
N LEU E 195 13.46 39.78 -4.88
CA LEU E 195 12.86 40.83 -5.71
C LEU E 195 12.74 40.50 -7.19
N GLN E 196 13.53 39.57 -7.70
CA GLN E 196 13.42 39.27 -9.13
C GLN E 196 12.20 38.41 -9.44
N GLY E 197 11.80 37.57 -8.49
CA GLY E 197 10.72 36.62 -8.72
C GLY E 197 11.05 35.61 -9.80
N TYR E 198 10.00 35.11 -10.46
CA TYR E 198 10.13 34.07 -11.47
C TYR E 198 9.03 34.19 -12.51
N ASP E 199 9.12 33.38 -13.57
CA ASP E 199 8.13 33.36 -14.65
C ASP E 199 7.94 31.94 -15.22
N ALA E 200 7.49 31.85 -16.47
CA ALA E 200 7.25 30.59 -17.17
C ALA E 200 8.52 29.74 -17.32
N LYS E 201 9.67 30.40 -17.28
CA LYS E 201 10.97 29.75 -17.51
C LYS E 201 11.43 28.92 -16.30
N SER E 202 10.62 28.94 -15.23
CA SER E 202 10.84 28.10 -14.05
C SER E 202 10.39 26.66 -14.26
N ASP E 203 9.33 26.46 -15.05
CA ASP E 203 8.85 25.12 -15.41
C ASP E 203 9.80 24.39 -16.37
N ILE E 204 10.59 25.15 -17.13
CA ILE E 204 11.62 24.58 -18.01
C ILE E 204 12.77 23.98 -17.18
N TYR E 205 13.11 24.65 -16.07
CA TYR E 205 14.00 24.05 -15.07
C TYR E 205 13.46 22.71 -14.56
N SER E 206 12.15 22.64 -14.31
CA SER E 206 11.52 21.42 -13.83
C SER E 206 11.45 20.37 -14.94
N VAL E 207 11.34 20.81 -16.18
CA VAL E 207 11.42 19.87 -17.28
C VAL E 207 12.78 19.14 -17.21
N GLY E 208 13.87 19.91 -17.10
CA GLY E 208 15.21 19.35 -16.94
C GLY E 208 15.34 18.39 -15.77
N ILE E 209 14.73 18.76 -14.64
CA ILE E 209 14.68 17.89 -13.46
C ILE E 209 13.90 16.60 -13.79
N THR E 210 12.69 16.75 -14.34
CA THR E 210 11.90 15.59 -14.75
C THR E 210 12.65 14.73 -15.76
N ALA E 211 13.41 15.36 -16.63
CA ALA E 211 14.26 14.66 -17.58
C ALA E 211 15.25 13.70 -16.87
N CYS E 212 15.93 14.20 -15.84
CA CYS E 212 16.88 13.39 -15.07
C CYS E 212 16.18 12.30 -14.27
N GLU E 213 14.96 12.58 -13.83
CA GLU E 213 14.18 11.61 -13.05
C GLU E 213 13.73 10.43 -13.93
N LEU E 214 13.28 10.73 -15.15
CA LEU E 214 12.87 9.71 -16.10
C LEU E 214 14.07 8.90 -16.55
N ALA E 215 15.18 9.60 -16.82
CA ALA E 215 16.42 8.97 -17.32
C ALA E 215 17.15 8.16 -16.26
N ASN E 216 17.04 8.60 -15.00
CA ASN E 216 17.78 8.02 -13.87
C ASN E 216 16.96 7.05 -13.00
N GLY E 217 15.65 7.30 -12.89
CA GLY E 217 14.77 6.46 -12.09
C GLY E 217 14.68 6.84 -10.62
N HIS E 218 15.43 7.86 -10.23
CA HIS E 218 15.30 8.47 -8.90
C HIS E 218 15.37 9.98 -9.04
N VAL E 219 14.57 10.68 -8.23
CA VAL E 219 14.55 12.15 -8.26
C VAL E 219 15.94 12.73 -7.96
N PRO E 220 16.32 13.84 -8.65
CA PRO E 220 17.50 14.61 -8.28
C PRO E 220 17.43 15.17 -6.86
N PHE E 221 18.61 15.27 -6.24
CA PHE E 221 18.76 15.64 -4.84
C PHE E 221 18.19 14.52 -3.96
N ASP E 223 16.43 12.26 -2.06
CA ASP E 223 15.66 11.89 -0.86
C ASP E 223 16.10 12.68 0.39
N MET E 224 17.29 13.29 0.32
CA MET E 224 17.84 14.16 1.37
C MET E 224 16.87 15.25 1.90
N PRO E 225 17.14 15.78 3.12
CA PRO E 225 16.32 16.86 3.69
C PRO E 225 16.17 18.08 2.76
N ALA E 226 15.13 18.86 2.99
CA ALA E 226 14.80 19.96 2.10
C ALA E 226 15.82 21.10 2.10
N THR E 227 16.43 21.39 3.25
CA THR E 227 17.37 22.52 3.33
C THR E 227 18.68 22.24 2.58
N GLN E 228 19.08 20.97 2.53
CA GLN E 228 20.30 20.56 1.84
C GLN E 228 20.18 20.74 0.33
N MET E 229 18.98 20.46 -0.20
CA MET E 229 18.75 20.58 -1.63
C MET E 229 18.61 22.06 -2.04
N LEU E 230 18.24 22.90 -1.08
CA LEU E 230 18.22 24.36 -1.28
C LEU E 230 19.63 24.94 -1.37
N LEU E 231 20.54 24.43 -0.53
CA LEU E 231 21.95 24.82 -0.54
C LEU E 231 22.59 24.49 -1.89
N GLU E 232 22.25 23.30 -2.43
CA GLU E 232 22.78 22.82 -3.69
C GLU E 232 22.21 23.54 -4.91
N LYS E 233 20.89 23.75 -4.90
CA LYS E 233 20.20 24.47 -5.96
C LYS E 233 20.77 25.86 -6.15
N LEU E 234 21.04 26.53 -5.03
CA LEU E 234 21.38 27.94 -4.99
C LEU E 234 22.78 28.23 -5.54
N THR E 237 24.67 23.95 -7.87
CA THR E 237 24.82 22.68 -8.59
C THR E 237 23.49 22.16 -9.17
N VAL E 238 23.60 21.11 -10.00
CA VAL E 238 22.53 20.68 -10.90
C VAL E 238 22.77 19.23 -11.38
N PRO E 239 21.68 18.44 -11.55
CA PRO E 239 21.71 17.02 -11.90
C PRO E 239 22.08 16.74 -13.35
N CYS E 240 22.24 15.47 -13.71
CA CYS E 240 22.60 15.10 -15.09
C CYS E 240 22.12 13.70 -15.49
N PHE E 290 23.64 7.96 -22.91
CA PHE E 290 22.63 8.80 -23.59
C PHE E 290 23.18 9.57 -24.80
N SER E 291 22.30 9.98 -25.71
CA SER E 291 22.69 10.77 -26.89
C SER E 291 23.26 12.11 -26.48
N PRO E 292 24.28 12.61 -27.21
CA PRO E 292 24.79 13.96 -27.01
C PRO E 292 23.69 15.02 -26.93
N HIS E 293 22.69 14.93 -27.81
CA HIS E 293 21.57 15.89 -27.86
C HIS E 293 20.80 15.98 -26.55
N PHE E 294 20.57 14.82 -25.94
CA PHE E 294 19.79 14.73 -24.71
C PHE E 294 20.51 15.46 -23.56
N HIS E 295 21.82 15.21 -23.43
CA HIS E 295 22.62 15.86 -22.39
C HIS E 295 22.53 17.38 -22.48
N HIS E 296 22.64 17.86 -23.73
CA HIS E 296 22.64 19.26 -24.06
C HIS E 296 21.26 19.86 -23.83
N PHE E 297 20.22 19.06 -24.13
CA PHE E 297 18.83 19.44 -23.88
C PHE E 297 18.60 19.63 -22.38
N VAL E 298 19.09 18.67 -21.60
CA VAL E 298 19.07 18.79 -20.16
C VAL E 298 19.85 20.04 -19.71
N GLU E 299 21.07 20.22 -20.23
CA GLU E 299 21.96 21.32 -19.85
C GLU E 299 21.32 22.70 -20.08
N GLN E 300 20.50 22.78 -21.13
CA GLN E 300 19.75 24.00 -21.43
C GLN E 300 18.62 24.27 -20.45
N CYS E 301 17.84 23.23 -20.14
CA CYS E 301 16.75 23.31 -19.16
C CYS E 301 17.26 23.79 -17.81
N LEU E 302 18.44 23.32 -17.43
CA LEU E 302 18.91 23.46 -16.06
C LEU E 302 19.79 24.68 -15.79
N GLN E 303 19.96 25.52 -16.80
CA GLN E 303 20.79 26.74 -16.69
C GLN E 303 20.37 27.62 -15.53
N ARG E 304 21.37 28.24 -14.89
CA ARG E 304 21.14 29.02 -13.67
C ARG E 304 20.32 30.27 -13.97
N ASN E 305 20.59 30.90 -15.11
CA ASN E 305 19.84 32.08 -15.53
C ASN E 305 18.59 31.71 -16.33
N PRO E 306 17.41 32.16 -15.86
CA PRO E 306 16.16 31.91 -16.57
C PRO E 306 16.15 32.47 -17.98
N ASP E 307 16.73 33.66 -18.15
CA ASP E 307 16.71 34.35 -19.43
C ASP E 307 17.45 33.55 -20.50
N ALA E 308 18.39 32.70 -20.07
CA ALA E 308 19.16 31.84 -21.00
C ALA E 308 18.51 30.47 -21.23
N ARG E 309 17.59 30.06 -20.34
CA ARG E 309 16.78 28.86 -20.57
C ARG E 309 15.79 29.13 -21.70
N PRO E 310 15.68 28.20 -22.66
CA PRO E 310 14.78 28.44 -23.79
C PRO E 310 13.34 28.10 -23.43
N SER E 311 12.38 28.74 -24.12
CA SER E 311 10.95 28.47 -23.88
C SER E 311 10.48 27.08 -24.35
N ALA E 312 9.22 26.77 -24.07
CA ALA E 312 8.63 25.50 -24.42
C ALA E 312 8.55 25.40 -25.92
N SER E 313 8.10 26.48 -26.56
CA SER E 313 7.94 26.49 -28.01
C SER E 313 9.27 26.28 -28.76
N THR E 314 10.34 26.92 -28.31
CA THR E 314 11.63 26.71 -28.96
C THR E 314 12.40 25.49 -28.45
N LEU E 315 12.01 24.99 -27.27
CA LEU E 315 12.50 23.68 -26.81
C LEU E 315 12.01 22.55 -27.73
N LEU E 316 10.74 22.61 -28.10
CA LEU E 316 10.19 21.78 -29.19
C LEU E 316 11.18 21.56 -30.35
N ASN E 317 11.94 22.60 -30.69
CA ASN E 317 12.86 22.58 -31.83
C ASN E 317 14.26 22.05 -31.55
N HIS E 318 14.48 21.55 -30.33
CA HIS E 318 15.76 20.93 -29.99
C HIS E 318 16.02 19.68 -30.85
N SER E 319 17.29 19.41 -31.11
CA SER E 319 17.70 18.23 -31.88
C SER E 319 17.43 16.90 -31.19
N PHE E 320 17.09 16.98 -29.90
CA PHE E 320 16.74 15.81 -29.11
C PHE E 320 15.41 15.21 -29.61
N PHE E 321 14.52 16.08 -30.08
CA PHE E 321 13.21 15.65 -30.57
C PHE E 321 13.19 15.20 -32.05
N LYS E 322 14.37 15.17 -32.67
CA LYS E 322 14.52 14.73 -34.05
C LYS E 322 14.30 13.23 -34.17
N GLN E 323 14.72 12.48 -33.14
CA GLN E 323 14.55 11.02 -33.08
C GLN E 323 13.08 10.56 -33.08
N ILE E 324 12.16 11.49 -32.87
CA ILE E 324 10.72 11.19 -32.94
C ILE E 324 10.22 11.12 -34.38
N LYS E 325 9.76 9.94 -34.77
CA LYS E 325 9.31 9.67 -36.13
C LYS E 325 7.80 9.44 -36.15
N ARG E 326 7.35 8.35 -35.51
CA ARG E 326 5.91 8.11 -35.35
C ARG E 326 5.36 9.12 -34.37
N ARG E 327 4.04 9.15 -34.22
CA ARG E 327 3.45 9.90 -33.12
C ARG E 327 3.26 8.99 -31.89
N ALA E 328 3.40 9.56 -30.70
CA ALA E 328 3.22 8.81 -29.44
C ALA E 328 1.78 8.30 -29.37
N SER E 329 1.59 7.07 -29.85
CA SER E 329 0.27 6.51 -30.08
C SER E 329 0.51 5.32 -30.99
N GLU E 330 1.55 5.44 -31.78
CA GLU E 330 1.92 4.43 -32.75
C GLU E 330 3.29 3.86 -32.39
N ALA E 331 3.91 4.39 -31.34
CA ALA E 331 5.28 4.03 -30.95
C ALA E 331 5.53 3.83 -29.44
N LEU E 332 4.84 4.63 -28.60
CA LEU E 332 5.04 4.59 -27.14
C LEU E 332 4.57 3.30 -26.43
N PRO E 333 3.40 2.73 -26.82
CA PRO E 333 3.02 1.44 -26.23
C PRO E 333 4.13 0.40 -26.43
N GLU E 334 4.74 0.45 -27.61
CA GLU E 334 5.85 -0.39 -27.98
C GLU E 334 7.10 -0.08 -27.15
N LEU E 335 7.32 1.18 -26.81
CA LEU E 335 8.50 1.61 -26.07
C LEU E 335 8.44 1.27 -24.59
N LEU E 336 7.23 1.28 -24.04
CA LEU E 336 6.98 0.81 -22.69
C LEU E 336 6.72 -0.66 -22.84
N ARG E 337 7.57 -1.31 -23.62
CA ARG E 337 7.32 -2.65 -24.15
C ARG E 337 7.00 -3.71 -23.11
N PRO E 338 7.90 -3.96 -22.13
CA PRO E 338 7.65 -5.10 -21.20
C PRO E 338 6.33 -4.96 -20.44
N VAL E 339 5.91 -3.70 -20.24
CA VAL E 339 4.70 -3.31 -19.51
C VAL E 339 3.46 -3.30 -20.41
N THR E 340 2.49 -4.17 -20.10
CA THR E 340 1.22 -4.16 -20.80
C THR E 340 0.20 -3.49 -19.90
N PRO E 341 -0.62 -2.59 -20.47
CA PRO E 341 -1.63 -1.94 -19.64
C PRO E 341 -2.77 -2.89 -19.34
N ILE E 342 -3.70 -2.45 -18.51
CA ILE E 342 -4.82 -3.27 -18.08
C ILE E 342 -6.07 -2.98 -18.91
N THR E 343 -6.69 -4.04 -19.42
CA THR E 343 -7.89 -3.88 -20.25
C THR E 343 -9.09 -4.46 -19.52
N ASN E 344 -8.97 -5.71 -19.10
CA ASN E 344 -10.02 -6.41 -18.39
C ASN E 344 -10.15 -5.90 -16.95
N PHE E 345 -11.09 -4.97 -16.74
CA PHE E 345 -11.43 -4.51 -15.39
C PHE E 345 -12.49 -5.38 -14.73
N GLU E 346 -12.94 -6.42 -15.44
CA GLU E 346 -13.93 -7.36 -14.92
C GLU E 346 -13.26 -8.57 -14.24
N GLY E 347 -12.29 -8.29 -13.36
CA GLY E 347 -11.54 -9.36 -12.69
C GLY E 347 -11.06 -8.98 -11.30
N SER E 348 -10.57 -9.99 -10.58
CA SER E 348 -10.03 -9.83 -9.24
C SER E 348 -8.70 -9.07 -9.25
N GLN E 349 -8.11 -8.98 -10.45
CA GLN E 349 -6.83 -8.31 -10.68
C GLN E 349 -6.81 -6.80 -10.28
N SER E 350 -7.99 -6.20 -10.13
CA SER E 350 -8.10 -4.84 -9.56
C SER E 350 -8.15 -4.85 -8.02
N GLN E 351 -8.35 -6.03 -7.42
CA GLN E 351 -8.28 -6.19 -5.97
C GLN E 351 -7.02 -6.95 -5.54
N ASP E 352 -6.06 -7.09 -6.46
CA ASP E 352 -4.74 -7.67 -6.17
C ASP E 352 -3.82 -6.63 -5.50
N HIS E 353 -3.02 -7.09 -4.53
CA HIS E 353 -2.21 -6.18 -3.68
C HIS E 353 -1.23 -5.28 -4.47
N SER E 354 -0.85 -5.72 -5.67
CA SER E 354 0.11 -5.06 -6.55
C SER E 354 -0.37 -3.72 -7.07
N GLY E 355 -1.69 -3.58 -7.18
CA GLY E 355 -2.27 -2.50 -7.95
C GLY E 355 -2.29 -2.88 -9.42
N ILE E 356 -2.64 -1.93 -10.27
CA ILE E 356 -2.93 -2.19 -11.67
C ILE E 356 -1.87 -1.62 -12.64
N PHE E 357 -0.94 -0.83 -12.11
CA PHE E 357 0.18 -0.31 -12.92
C PHE E 357 1.40 -1.24 -12.85
N GLY E 358 2.21 -1.24 -13.91
CA GLY E 358 3.46 -1.99 -13.94
C GLY E 358 3.29 -3.46 -14.22
N LEU E 359 2.08 -3.85 -14.60
CA LEU E 359 1.80 -5.23 -14.98
C LEU E 359 2.68 -5.57 -16.18
N VAL E 360 3.09 -6.82 -16.25
CA VAL E 360 4.14 -7.25 -17.14
C VAL E 360 3.62 -8.31 -18.10
N ASP E 370 -30.67 18.01 22.57
CA ASP E 370 -31.58 18.07 23.69
C ASP E 370 -31.73 19.46 24.32
N TRP E 371 -31.56 20.51 23.51
CA TRP E 371 -31.86 21.88 23.96
C TRP E 371 -33.34 21.93 24.19
N GLU E 372 -33.81 23.00 24.82
CA GLU E 372 -35.20 23.06 25.24
C GLU E 372 -35.78 24.35 24.76
N PHE E 373 -36.43 24.30 23.60
CA PHE E 373 -36.93 25.52 22.97
C PHE E 373 -38.44 25.70 23.11
N LEU F 3 18.64 27.00 14.56
CA LEU F 3 17.35 26.26 14.54
C LEU F 3 16.41 26.63 15.70
N ILE F 4 15.11 26.73 15.39
CA ILE F 4 14.07 27.02 16.36
C ILE F 4 12.73 26.50 15.82
N GLY F 5 12.22 25.42 16.43
CA GLY F 5 11.16 24.62 15.82
C GLY F 5 11.70 24.04 14.53
N LYS F 6 11.00 24.28 13.43
CA LYS F 6 11.52 23.95 12.11
C LYS F 6 12.16 25.17 11.43
N TYR F 7 12.28 26.28 12.16
CA TYR F 7 12.84 27.51 11.60
C TYR F 7 14.34 27.64 11.89
N LEU F 8 15.13 27.91 10.86
CA LEU F 8 16.54 28.27 11.10
C LEU F 8 16.78 29.74 10.80
N MET F 9 17.72 30.34 11.54
CA MET F 9 17.84 31.80 11.66
C MET F 9 18.76 32.43 10.62
N GLY F 10 18.55 33.71 10.36
CA GLY F 10 19.36 34.49 9.42
C GLY F 10 19.90 35.78 10.03
N ASP F 11 20.14 36.77 9.18
CA ASP F 11 20.74 38.04 9.57
C ASP F 11 19.67 39.06 10.01
N LEU F 12 20.12 40.08 10.75
CA LEU F 12 19.26 41.17 11.21
C LEU F 12 18.66 41.93 10.05
N LEU F 13 17.34 42.14 10.10
CA LEU F 13 16.66 42.95 9.10
C LEU F 13 16.36 44.34 9.66
N GLY F 14 16.14 44.41 10.97
CA GLY F 14 15.82 45.65 11.64
C GLY F 14 15.63 45.50 13.14
N GLU F 15 15.53 46.63 13.83
CA GLU F 15 15.48 46.66 15.29
C GLU F 15 14.77 47.92 15.76
N GLY F 16 13.45 47.82 15.93
CA GLY F 16 12.66 48.93 16.46
C GLY F 16 12.87 49.10 17.95
N SER F 17 11.79 49.41 18.66
CA SER F 17 11.86 49.65 20.11
C SER F 17 11.80 48.37 20.94
N TYR F 18 10.97 47.43 20.49
CA TYR F 18 10.68 46.22 21.26
C TYR F 18 11.75 45.15 21.17
N GLY F 19 12.04 44.71 19.95
CA GLY F 19 13.05 43.67 19.76
C GLY F 19 13.79 43.75 18.44
N LYS F 20 14.84 42.92 18.34
CA LYS F 20 15.56 42.71 17.10
C LYS F 20 14.73 41.80 16.17
N VAL F 21 14.69 42.14 14.88
CA VAL F 21 14.01 41.30 13.88
C VAL F 21 15.03 40.61 12.95
N LYS F 22 15.08 39.28 12.99
CA LYS F 22 15.96 38.52 12.10
C LYS F 22 15.17 37.77 11.03
N GLU F 23 15.80 37.56 9.87
CA GLU F 23 15.23 36.69 8.84
C GLU F 23 15.26 35.24 9.30
N VAL F 24 14.24 34.48 8.91
CA VAL F 24 14.19 33.05 9.21
C VAL F 24 13.84 32.25 7.96
N LEU F 25 14.03 30.93 8.02
CA LEU F 25 13.73 30.06 6.91
C LEU F 25 13.03 28.81 7.44
N ASP F 26 11.84 28.56 6.94
CA ASP F 26 11.07 27.37 7.33
C ASP F 26 11.80 26.16 6.75
N SER F 27 12.19 25.22 7.61
CA SER F 27 13.05 24.10 7.20
C SER F 27 12.31 22.92 6.57
N GLU F 28 11.00 22.84 6.78
CA GLU F 28 10.23 21.79 6.13
C GLU F 28 9.70 22.24 4.76
N THR F 29 9.14 23.44 4.69
CA THR F 29 8.49 23.97 3.47
C THR F 29 9.43 24.80 2.59
N LEU F 30 10.48 25.35 3.23
CA LEU F 30 11.43 26.29 2.62
C LEU F 30 10.88 27.72 2.37
N CYS F 31 9.83 28.10 3.10
CA CYS F 31 9.27 29.43 2.94
C CYS F 31 10.09 30.48 3.68
N ARG F 32 10.46 31.54 2.96
CA ARG F 32 11.10 32.72 3.58
C ARG F 32 10.12 33.39 4.54
N ARG F 33 10.58 33.55 5.79
CA ARG F 33 9.77 34.16 6.84
C ARG F 33 10.62 35.13 7.67
N ALA F 34 10.01 35.72 8.69
CA ALA F 34 10.73 36.66 9.56
C ALA F 34 10.34 36.45 11.02
N VAL F 35 11.29 36.59 11.93
CA VAL F 35 10.98 36.43 13.36
C VAL F 35 11.29 37.67 14.17
N LYS F 36 10.26 38.16 14.85
CA LYS F 36 10.38 39.20 15.85
C LYS F 36 10.90 38.52 17.13
N ILE F 37 12.09 38.90 17.57
CA ILE F 37 12.72 38.29 18.74
C ILE F 37 12.60 39.26 19.91
N LEU F 38 11.98 38.80 20.99
CA LEU F 38 11.68 39.66 22.13
C LEU F 38 12.32 39.14 23.43
N LYS F 39 13.24 39.94 23.98
CA LYS F 39 13.92 39.58 25.23
C LYS F 39 12.95 39.71 26.40
N LYS F 40 12.54 38.55 26.92
CA LYS F 40 11.49 38.44 27.93
C LYS F 40 11.65 39.46 29.06
N LYS F 41 12.90 39.66 29.47
CA LYS F 41 13.24 40.60 30.53
C LYS F 41 13.19 42.06 30.09
N LYS F 42 13.59 42.34 28.85
CA LYS F 42 13.53 43.70 28.29
C LYS F 42 12.09 44.17 28.07
N LEU F 43 11.19 43.25 27.71
CA LEU F 43 9.76 43.54 27.64
C LEU F 43 9.19 44.00 28.99
N ARG F 44 9.56 43.29 30.07
CA ARG F 44 9.01 43.57 31.41
C ARG F 44 9.31 44.99 31.87
N ARG F 45 10.38 45.58 31.34
CA ARG F 45 10.73 46.95 31.70
C ARG F 45 10.33 47.99 30.64
N ILE F 46 9.61 47.55 29.61
CA ILE F 46 8.87 48.46 28.75
C ILE F 46 7.45 48.49 29.30
N PRO F 47 6.99 49.66 29.80
CA PRO F 47 5.64 49.72 30.36
C PRO F 47 4.63 49.17 29.37
N ASN F 48 3.89 48.15 29.81
CA ASN F 48 2.89 47.45 28.98
C ASN F 48 3.48 46.63 27.83
N GLY F 49 4.79 46.36 27.88
CA GLY F 49 5.47 45.60 26.83
C GLY F 49 4.95 44.18 26.64
N GLU F 50 4.78 43.45 27.75
CA GLU F 50 4.23 42.10 27.72
C GLU F 50 2.82 42.11 27.15
N ALA F 51 2.02 43.05 27.66
CA ALA F 51 0.61 43.16 27.36
C ALA F 51 0.38 43.57 25.92
N ASN F 52 1.21 44.50 25.44
CA ASN F 52 1.13 44.94 24.04
C ASN F 52 1.35 43.78 23.10
N VAL F 53 2.30 42.91 23.47
CA VAL F 53 2.65 41.77 22.63
C VAL F 53 1.52 40.73 22.58
N LYS F 54 1.11 40.21 23.73
CA LYS F 54 -0.04 39.30 23.82
C LYS F 54 -1.27 39.85 23.09
N LYS F 55 -1.44 41.16 23.17
CA LYS F 55 -2.55 41.86 22.55
C LYS F 55 -2.44 41.84 21.02
N GLU F 56 -1.26 42.18 20.51
CA GLU F 56 -1.02 42.17 19.07
C GLU F 56 -1.22 40.75 18.48
N ILE F 57 -0.69 39.75 19.20
CA ILE F 57 -0.86 38.34 18.86
C ILE F 57 -2.34 37.95 18.83
N GLN F 58 -3.12 38.43 19.79
CA GLN F 58 -4.58 38.23 19.77
C GLN F 58 -5.24 38.81 18.52
N LEU F 59 -4.89 40.05 18.17
CA LEU F 59 -5.46 40.71 16.99
C LEU F 59 -5.03 40.02 15.72
N LEU F 60 -3.72 39.83 15.53
CA LEU F 60 -3.25 39.25 14.27
C LEU F 60 -3.80 37.86 14.03
N ARG F 61 -4.09 37.13 15.12
CA ARG F 61 -4.69 35.81 15.02
C ARG F 61 -6.11 35.79 14.47
N ARG F 62 -6.84 36.90 14.61
CA ARG F 62 -8.20 36.96 14.05
C ARG F 62 -8.38 37.92 12.89
N LEU F 63 -7.27 38.39 12.32
CA LEU F 63 -7.28 39.35 11.22
C LEU F 63 -6.74 38.70 9.96
N ARG F 64 -7.39 38.99 8.83
CA ARG F 64 -6.93 38.46 7.56
C ARG F 64 -7.39 39.32 6.40
N HIS F 65 -6.40 39.92 5.74
CA HIS F 65 -6.60 40.79 4.61
C HIS F 65 -5.28 40.98 3.87
N LYS F 66 -5.35 41.14 2.54
CA LYS F 66 -4.16 41.30 1.71
C LYS F 66 -3.20 42.38 2.24
N ASN F 67 -3.74 43.41 2.87
CA ASN F 67 -2.97 44.59 3.31
C ASN F 67 -2.65 44.69 4.80
N VAL F 68 -2.87 43.62 5.55
CA VAL F 68 -2.49 43.52 6.95
C VAL F 68 -1.42 42.43 7.09
N ILE F 69 -0.32 42.75 7.80
CA ILE F 69 0.76 41.80 8.05
C ILE F 69 0.24 40.53 8.70
N GLN F 70 0.77 39.41 8.26
CA GLN F 70 0.35 38.10 8.69
C GLN F 70 1.26 37.54 9.77
N LEU F 71 0.65 37.10 10.87
CA LEU F 71 1.30 36.34 11.92
C LEU F 71 1.20 34.85 11.63
N VAL F 72 2.34 34.17 11.56
CA VAL F 72 2.37 32.77 11.12
C VAL F 72 2.49 31.75 12.26
N ASP F 73 3.27 32.08 13.29
CA ASP F 73 3.54 31.16 14.39
C ASP F 73 4.00 31.92 15.65
N VAL F 74 3.91 31.27 16.81
CA VAL F 74 4.43 31.82 18.06
C VAL F 74 5.21 30.75 18.85
N LEU F 75 6.48 31.00 19.15
CA LEU F 75 7.34 30.01 19.82
C LEU F 75 8.03 30.54 21.10
N TYR F 76 8.39 29.63 22.01
CA TYR F 76 8.79 30.02 23.37
C TYR F 76 10.13 29.47 23.87
N ASN F 77 10.30 29.46 25.21
CA ASN F 77 11.51 28.99 25.90
C ASN F 77 11.23 28.79 27.41
N MET F 83 11.22 34.72 23.49
CA MET F 83 9.96 34.65 22.73
C MET F 83 10.07 35.12 21.27
N TYR F 84 9.36 34.43 20.38
CA TYR F 84 9.55 34.60 18.93
C TYR F 84 8.24 34.67 18.13
N MET F 85 7.96 35.80 17.52
CA MET F 85 6.81 35.95 16.63
C MET F 85 7.26 35.74 15.21
N VAL F 86 6.83 34.63 14.61
CA VAL F 86 7.11 34.37 13.22
C VAL F 86 6.10 35.10 12.32
N MET F 87 6.62 36.04 11.53
CA MET F 87 5.83 36.84 10.61
C MET F 87 6.14 36.46 9.18
N GLU F 88 5.17 36.67 8.30
CA GLU F 88 5.44 36.66 6.86
C GLU F 88 6.62 37.61 6.53
N TYR F 89 7.43 37.23 5.55
CA TYR F 89 8.60 38.03 5.17
C TYR F 89 8.24 39.27 4.34
N CYS F 90 8.84 40.41 4.68
CA CYS F 90 8.77 41.62 3.84
C CYS F 90 10.17 42.14 3.51
N VAL F 91 10.39 42.47 2.25
CA VAL F 91 11.71 42.90 1.80
C VAL F 91 12.12 44.27 2.37
N CYS F 92 11.16 45.15 2.62
CA CYS F 92 11.46 46.49 3.11
C CYS F 92 10.25 47.18 3.74
N GLY F 93 10.51 48.08 4.67
CA GLY F 93 9.46 48.93 5.21
C GLY F 93 9.53 50.30 4.55
N MET F 94 8.41 51.01 4.54
CA MET F 94 8.32 52.25 3.78
C MET F 94 9.36 53.29 4.18
N GLN F 95 9.55 53.51 5.48
CA GLN F 95 10.48 54.53 5.95
C GLN F 95 11.90 54.26 5.43
N GLU F 96 12.31 52.99 5.42
CA GLU F 96 13.60 52.57 4.85
C GLU F 96 13.85 53.03 3.42
N MET F 97 12.81 53.06 2.60
CA MET F 97 12.94 53.49 1.21
C MET F 97 13.16 54.99 1.17
N LEU F 98 12.30 55.71 1.90
CA LEU F 98 12.43 57.16 2.05
C LEU F 98 13.85 57.53 2.55
N ASP F 99 14.37 56.72 3.47
CA ASP F 99 15.70 56.92 4.05
C ASP F 99 16.86 56.66 3.08
N SER F 100 16.56 55.95 1.99
CA SER F 100 17.59 55.53 1.02
C SER F 100 17.89 56.56 -0.07
N VAL F 101 17.01 57.53 -0.26
CA VAL F 101 17.18 58.54 -1.31
C VAL F 101 17.26 59.96 -0.72
N PRO F 102 18.13 60.83 -1.30
CA PRO F 102 18.34 62.19 -0.79
C PRO F 102 17.03 62.98 -0.69
N GLU F 103 16.16 62.77 -1.67
CA GLU F 103 14.85 63.41 -1.73
C GLU F 103 13.92 63.08 -0.52
N LYS F 104 14.02 61.87 0.02
CA LYS F 104 13.25 61.45 1.22
C LYS F 104 11.74 61.33 0.96
N ARG F 105 11.37 61.19 -0.31
CA ARG F 105 9.98 61.17 -0.73
C ARG F 105 9.83 60.27 -1.95
N PHE F 106 8.58 59.95 -2.32
CA PHE F 106 8.30 59.19 -3.51
C PHE F 106 7.77 60.06 -4.65
N PRO F 107 8.01 59.63 -5.91
CA PRO F 107 7.26 60.21 -7.02
C PRO F 107 5.78 59.93 -6.77
N VAL F 108 4.91 60.86 -7.19
CA VAL F 108 3.46 60.74 -7.00
C VAL F 108 2.89 59.36 -7.39
N CYS F 109 3.31 58.82 -8.53
CA CYS F 109 2.75 57.53 -8.97
C CYS F 109 3.00 56.36 -7.99
N GLN F 110 4.22 56.29 -7.47
CA GLN F 110 4.61 55.29 -6.47
C GLN F 110 3.84 55.50 -5.16
N ALA F 111 3.88 56.74 -4.67
CA ALA F 111 3.19 57.14 -3.44
C ALA F 111 1.69 56.90 -3.46
N HIS F 112 1.07 57.11 -4.61
CA HIS F 112 -0.36 56.88 -4.83
C HIS F 112 -0.74 55.39 -4.66
N GLY F 113 -0.05 54.50 -5.36
CA GLY F 113 -0.25 53.05 -5.17
C GLY F 113 -0.15 52.64 -3.70
N TYR F 114 0.93 53.07 -3.05
CA TYR F 114 1.08 52.80 -1.62
C TYR F 114 -0.09 53.35 -0.84
N PHE F 115 -0.53 54.56 -1.19
CA PHE F 115 -1.61 55.20 -0.44
C PHE F 115 -2.97 54.47 -0.58
N CYS F 116 -3.27 53.98 -1.78
CA CYS F 116 -4.51 53.19 -2.00
C CYS F 116 -4.46 51.84 -1.31
N GLN F 117 -3.28 51.23 -1.33
CA GLN F 117 -3.07 50.01 -0.58
C GLN F 117 -3.30 50.25 0.90
N LEU F 118 -2.90 51.43 1.36
CA LEU F 118 -3.02 51.79 2.78
C LEU F 118 -4.48 52.03 3.14
N ILE F 119 -5.19 52.79 2.31
CA ILE F 119 -6.64 52.93 2.49
C ILE F 119 -7.34 51.57 2.53
N ASP F 120 -6.97 50.65 1.66
CA ASP F 120 -7.56 49.30 1.72
C ASP F 120 -7.39 48.60 3.07
N GLY F 121 -6.17 48.64 3.61
CA GLY F 121 -5.88 48.02 4.90
C GLY F 121 -6.63 48.68 6.03
N LEU F 122 -6.61 50.02 6.03
CA LEU F 122 -7.34 50.80 7.04
C LEU F 122 -8.83 50.52 7.01
N GLU F 123 -9.40 50.47 5.82
CA GLU F 123 -10.81 50.21 5.69
C GLU F 123 -11.13 48.85 6.27
N TYR F 124 -10.31 47.86 5.91
CA TYR F 124 -10.47 46.54 6.48
C TYR F 124 -10.44 46.57 8.01
N LEU F 125 -9.36 47.13 8.57
CA LEU F 125 -9.12 47.12 10.02
C LEU F 125 -10.21 47.82 10.80
N HIS F 126 -10.69 48.92 10.23
CA HIS F 126 -11.73 49.70 10.87
C HIS F 126 -13.02 48.93 10.90
N SER F 127 -13.21 48.14 9.84
CA SER F 127 -14.43 47.38 9.70
C SER F 127 -14.39 46.23 10.70
N GLN F 128 -13.18 45.81 11.08
CA GLN F 128 -13.00 44.88 12.21
C GLN F 128 -13.06 45.60 13.58
N GLY F 129 -13.33 46.89 13.56
CA GLY F 129 -13.25 47.70 14.77
C GLY F 129 -11.85 47.85 15.36
N ILE F 130 -10.83 47.72 14.51
CA ILE F 130 -9.48 47.97 14.95
C ILE F 130 -9.14 49.44 14.65
N VAL F 131 -8.74 50.16 15.69
CA VAL F 131 -8.16 51.51 15.54
C VAL F 131 -6.65 51.34 15.70
N HIS F 132 -5.89 51.55 14.63
CA HIS F 132 -4.47 51.21 14.63
C HIS F 132 -3.60 52.09 15.56
N LYS F 133 -3.88 53.38 15.54
CA LYS F 133 -3.25 54.38 16.43
C LYS F 133 -1.79 54.74 16.14
N ASP F 134 -1.09 53.95 15.33
CA ASP F 134 0.31 54.23 14.98
C ASP F 134 0.62 54.10 13.48
N ILE F 135 -0.26 54.62 12.62
CA ILE F 135 -0.01 54.59 11.17
C ILE F 135 1.14 55.53 10.80
N LYS F 136 2.19 54.95 10.21
CA LYS F 136 3.41 55.68 9.81
C LYS F 136 4.24 54.80 8.87
N PRO F 137 5.10 55.41 8.04
CA PRO F 137 5.85 54.58 7.09
C PRO F 137 6.67 53.44 7.70
N GLY F 138 7.21 53.65 8.91
CA GLY F 138 8.01 52.63 9.55
C GLY F 138 7.18 51.41 9.93
N ASN F 139 5.87 51.60 9.94
CA ASN F 139 4.91 50.57 10.31
C ASN F 139 4.23 49.98 9.07
N LEU F 140 4.60 50.47 7.88
CA LEU F 140 4.06 49.94 6.61
C LEU F 140 5.16 49.21 5.82
N LEU F 141 5.04 47.88 5.72
CA LEU F 141 6.05 47.05 5.07
C LEU F 141 5.64 46.66 3.64
N LEU F 142 6.60 46.17 2.86
CA LEU F 142 6.36 45.76 1.45
C LEU F 142 6.85 44.34 1.15
N THR F 143 6.00 43.53 0.54
CA THR F 143 6.40 42.20 0.07
C THR F 143 7.21 42.41 -1.17
N THR F 144 7.80 41.33 -1.68
CA THR F 144 8.62 41.41 -2.90
C THR F 144 7.75 41.70 -4.10
N GLY F 145 6.46 41.40 -3.98
CA GLY F 145 5.50 41.65 -5.05
C GLY F 145 4.89 43.03 -4.95
N GLY F 146 5.47 43.89 -4.12
CA GLY F 146 4.98 45.25 -3.95
C GLY F 146 3.63 45.39 -3.26
N THR F 147 3.22 44.40 -2.47
CA THR F 147 1.99 44.47 -1.68
C THR F 147 2.28 45.12 -0.33
N LEU F 148 1.56 46.19 -0.01
CA LEU F 148 1.75 46.88 1.28
C LEU F 148 1.10 46.11 2.43
N LYS F 149 1.82 45.95 3.54
CA LYS F 149 1.28 45.26 4.72
C LYS F 149 1.32 46.16 5.93
N ILE F 150 0.16 46.47 6.50
CA ILE F 150 0.13 47.26 7.72
C ILE F 150 0.61 46.40 8.87
N SER F 151 1.65 46.85 9.56
CA SER F 151 2.24 46.06 10.62
C SER F 151 2.16 46.78 11.96
N ALA F 152 2.80 46.21 12.98
CA ALA F 152 2.92 46.86 14.29
C ALA F 152 1.57 47.29 14.89
N LEU F 153 0.73 46.31 15.15
CA LEU F 153 -0.56 46.52 15.79
C LEU F 153 -0.38 46.66 17.31
N GLY F 154 0.84 46.96 17.73
CA GLY F 154 1.22 47.04 19.14
C GLY F 154 0.32 47.86 20.04
N VAL F 155 -0.07 49.06 19.59
CA VAL F 155 -0.86 49.98 20.41
C VAL F 155 -2.30 50.17 19.92
N ALA F 156 -2.79 49.19 19.17
CA ALA F 156 -4.12 49.27 18.56
C ALA F 156 -5.23 49.04 19.59
N GLU F 157 -6.37 49.67 19.38
CA GLU F 157 -7.54 49.46 20.24
C GLU F 157 -8.65 48.74 19.49
N ALA F 158 -8.94 47.52 19.90
CA ALA F 158 -10.08 46.80 19.38
C ALA F 158 -11.33 47.38 20.00
N LEU F 159 -12.21 47.93 19.17
CA LEU F 159 -13.50 48.42 19.67
C LEU F 159 -14.46 47.26 19.88
N HIS F 160 -15.42 47.46 20.78
CA HIS F 160 -16.39 46.43 21.13
C HIS F 160 -17.41 46.33 20.00
N PRO F 161 -17.72 45.11 19.54
CA PRO F 161 -18.72 44.92 18.48
C PRO F 161 -20.07 45.53 18.81
N PHE F 162 -20.27 45.94 20.06
CA PHE F 162 -21.53 46.58 20.44
C PHE F 162 -21.39 48.02 20.89
N ALA F 163 -20.17 48.56 20.86
CA ALA F 163 -19.99 50.00 20.98
C ALA F 163 -20.70 50.64 19.78
N ALA F 164 -21.47 51.70 20.04
CA ALA F 164 -22.16 52.43 18.97
C ALA F 164 -21.17 53.25 18.15
N ASP F 165 -20.22 53.87 18.85
CA ASP F 165 -19.22 54.75 18.27
C ASP F 165 -17.83 54.15 18.30
N ASP F 166 -16.93 54.77 17.55
CA ASP F 166 -15.50 54.45 17.57
C ASP F 166 -14.77 55.28 18.64
N THR F 167 -15.50 55.64 19.70
CA THR F 167 -15.01 56.47 20.81
C THR F 167 -13.82 55.84 21.53
N CYS F 168 -12.78 56.65 21.76
CA CYS F 168 -11.52 56.19 22.36
C CYS F 168 -11.05 57.02 23.56
N ARG F 169 -9.91 56.63 24.15
CA ARG F 169 -9.45 57.27 25.39
C ARG F 169 -7.93 57.50 25.47
N THR F 170 -7.15 56.56 24.94
CA THR F 170 -5.69 56.62 25.04
C THR F 170 -4.97 56.91 23.71
N SER F 171 -3.73 57.39 23.82
CA SER F 171 -2.94 57.88 22.70
C SER F 171 -1.92 56.85 22.23
N GLN F 172 -0.80 56.85 22.95
CA GLN F 172 0.37 55.95 22.80
C GLN F 172 0.94 55.66 21.40
N GLY F 173 0.38 56.29 20.36
CA GLY F 173 0.97 56.23 19.01
C GLY F 173 2.23 57.08 18.91
N SER F 174 2.87 57.08 17.74
CA SER F 174 4.08 57.89 17.53
C SER F 174 3.76 59.39 17.57
N PRO F 175 4.59 60.17 18.30
CA PRO F 175 4.29 61.58 18.61
C PRO F 175 3.97 62.47 17.40
N ALA F 176 4.77 62.37 16.34
CA ALA F 176 4.61 63.24 15.17
C ALA F 176 3.27 63.03 14.44
N PHE F 177 2.80 61.78 14.43
CA PHE F 177 1.66 61.37 13.62
C PHE F 177 0.34 61.50 14.39
N GLN F 178 0.43 62.07 15.58
CA GLN F 178 -0.71 62.30 16.46
C GLN F 178 -1.49 63.56 16.06
N PRO F 179 -2.84 63.49 16.13
CA PRO F 179 -3.73 64.62 15.86
C PRO F 179 -3.83 65.67 16.99
N PRO F 180 -4.66 66.72 16.81
CA PRO F 180 -4.85 67.74 17.84
C PRO F 180 -5.79 67.32 18.97
N GLU F 181 -6.57 66.27 18.75
CA GLU F 181 -7.42 65.69 19.78
C GLU F 181 -6.56 65.15 20.92
N ILE F 182 -5.39 64.65 20.56
CA ILE F 182 -4.50 64.00 21.50
C ILE F 182 -3.48 64.97 22.07
N ALA F 183 -3.06 65.93 21.27
CA ALA F 183 -2.17 66.99 21.71
C ALA F 183 -2.91 67.98 22.61
N ASN F 184 -3.92 67.46 23.32
CA ASN F 184 -4.77 68.25 24.22
C ASN F 184 -5.42 67.43 25.34
N GLY F 185 -5.39 66.10 25.20
CA GLY F 185 -6.06 65.19 26.13
C GLY F 185 -7.44 64.85 25.62
N LEU F 186 -8.37 65.77 25.85
CA LEU F 186 -9.79 65.68 25.42
C LEU F 186 -10.65 64.69 26.20
N ASP F 187 -10.32 63.39 26.13
CA ASP F 187 -10.90 62.35 27.01
C ASP F 187 -11.70 61.30 26.27
N THR F 188 -12.53 61.74 25.31
CA THR F 188 -13.10 60.85 24.28
C THR F 188 -13.05 61.49 22.90
N PHE F 189 -12.63 60.71 21.93
CA PHE F 189 -12.55 61.13 20.52
C PHE F 189 -12.79 59.93 19.60
N SER F 190 -13.25 60.21 18.38
CA SER F 190 -13.38 59.18 17.35
C SER F 190 -12.02 58.57 17.08
N GLY F 191 -11.93 57.26 17.23
CA GLY F 191 -10.69 56.53 16.97
C GLY F 191 -10.30 56.50 15.50
N PHE F 192 -11.28 56.32 14.62
CA PHE F 192 -10.99 56.25 13.19
C PHE F 192 -10.36 57.53 12.69
N LYS F 193 -10.93 58.67 13.07
CA LYS F 193 -10.43 59.96 12.63
C LYS F 193 -9.00 60.23 13.10
N VAL F 194 -8.56 59.52 14.14
CA VAL F 194 -7.16 59.55 14.56
C VAL F 194 -6.29 58.81 13.53
N ASP F 195 -6.78 57.67 13.06
CA ASP F 195 -6.09 56.95 11.98
C ASP F 195 -5.97 57.81 10.73
N ILE F 196 -7.06 58.51 10.38
CA ILE F 196 -7.08 59.35 9.18
C ILE F 196 -6.05 60.48 9.23
N TRP F 197 -6.00 61.24 10.33
CA TRP F 197 -4.95 62.26 10.51
C TRP F 197 -3.56 61.64 10.31
N SER F 198 -3.37 60.45 10.86
CA SER F 198 -2.12 59.70 10.74
C SER F 198 -1.80 59.26 9.31
N ALA F 199 -2.80 58.80 8.59
CA ALA F 199 -2.67 58.54 7.14
C ALA F 199 -2.26 59.83 6.42
N GLY F 200 -2.89 60.95 6.80
CA GLY F 200 -2.64 62.25 6.20
C GLY F 200 -1.22 62.75 6.42
N VAL F 201 -0.63 62.38 7.55
CA VAL F 201 0.74 62.79 7.88
C VAL F 201 1.75 61.92 7.11
N THR F 202 1.38 60.66 6.87
CA THR F 202 2.25 59.74 6.11
C THR F 202 2.20 60.08 4.63
N LEU F 203 0.99 60.38 4.14
CA LEU F 203 0.82 60.83 2.76
C LEU F 203 1.53 62.17 2.55
N TYR F 204 1.37 63.10 3.49
CA TYR F 204 2.08 64.37 3.45
C TYR F 204 3.57 64.11 3.30
N ASN F 205 4.06 63.11 4.03
CA ASN F 205 5.49 62.82 4.11
C ASN F 205 6.03 62.15 2.85
N ILE F 206 5.49 60.99 2.53
CA ILE F 206 5.92 60.21 1.36
C ILE F 206 5.90 61.05 0.09
N THR F 207 5.04 62.08 0.06
CA THR F 207 4.93 62.94 -1.12
C THR F 207 5.88 64.15 -1.11
N THR F 208 6.19 64.68 0.07
CA THR F 208 7.02 65.89 0.14
C THR F 208 8.43 65.66 0.69
N GLY F 209 8.56 64.70 1.60
CA GLY F 209 9.85 64.45 2.26
C GLY F 209 9.91 65.07 3.64
N LEU F 210 9.05 66.06 3.87
CA LEU F 210 8.99 66.76 5.14
C LEU F 210 7.84 66.26 6.03
N TYR F 211 7.87 66.68 7.30
CA TYR F 211 6.80 66.42 8.25
C TYR F 211 6.01 67.71 8.50
N PRO F 212 4.67 67.59 8.68
CA PRO F 212 3.79 68.75 8.79
C PRO F 212 3.95 69.50 10.10
N PHE F 213 4.60 68.87 11.08
CA PHE F 213 4.83 69.48 12.39
C PHE F 213 6.21 69.10 12.91
N GLU F 214 6.91 70.09 13.46
CA GLU F 214 8.18 69.83 14.15
C GLU F 214 8.00 69.89 15.66
N GLY F 215 9.12 69.84 16.40
CA GLY F 215 9.11 69.92 17.87
C GLY F 215 10.52 69.53 18.51
N LYS F 220 7.86 68.93 23.99
CA LYS F 220 7.70 70.04 23.06
C LYS F 220 6.62 69.77 22.00
N LEU F 221 6.68 68.59 21.39
CA LEU F 221 5.94 68.29 20.16
C LEU F 221 4.43 68.60 20.19
N PHE F 222 3.75 68.19 21.26
CA PHE F 222 2.28 68.25 21.30
C PHE F 222 1.69 69.67 21.21
N GLU F 223 2.36 70.65 21.81
CA GLU F 223 1.89 72.04 21.77
C GLU F 223 1.71 72.57 20.34
N ASN F 224 2.55 72.07 19.42
CA ASN F 224 2.55 72.53 18.02
C ASN F 224 1.41 71.98 17.18
N ILE F 225 1.10 70.70 17.39
CA ILE F 225 0.03 70.01 16.66
C ILE F 225 -1.34 70.56 17.07
N GLY F 226 -1.55 70.71 18.37
CA GLY F 226 -2.77 71.28 18.93
C GLY F 226 -2.93 72.78 18.71
N LYS F 227 -2.55 73.24 17.52
CA LYS F 227 -2.75 74.63 17.09
C LYS F 227 -3.12 74.71 15.61
N GLY F 228 -2.85 73.61 14.86
CA GLY F 228 -3.17 73.51 13.44
C GLY F 228 -2.51 74.58 12.56
N ALA F 231 1.39 73.69 8.18
CA ALA F 231 0.95 74.63 6.92
C ALA F 231 1.44 73.85 5.70
N ILE F 232 0.40 73.64 4.60
CA ILE F 232 0.72 73.01 3.29
C ILE F 232 1.89 73.71 2.55
N PRO F 233 2.71 72.93 1.82
CA PRO F 233 3.74 73.48 0.92
C PRO F 233 3.20 73.76 -0.50
N GLY F 234 2.75 72.72 -1.20
CA GLY F 234 2.22 72.85 -2.56
C GLY F 234 1.67 71.53 -3.11
N LEU F 240 -4.54 67.17 -4.75
CA LEU F 240 -3.69 66.64 -3.69
C LEU F 240 -3.65 67.57 -2.47
N SER F 241 -3.45 68.86 -2.71
CA SER F 241 -3.46 69.87 -1.63
C SER F 241 -4.81 69.87 -0.91
N ASP F 242 -5.89 69.94 -1.68
CA ASP F 242 -7.26 69.83 -1.14
C ASP F 242 -7.42 68.54 -0.32
N LEU F 243 -6.96 67.41 -0.87
CA LEU F 243 -7.03 66.13 -0.16
C LEU F 243 -6.25 66.15 1.17
N LEU F 244 -5.10 66.82 1.17
CA LEU F 244 -4.28 66.92 2.37
C LEU F 244 -4.88 67.78 3.48
N LYS F 245 -5.50 68.90 3.10
CA LYS F 245 -6.20 69.73 4.09
C LYS F 245 -7.31 68.94 4.77
N GLY F 246 -8.08 68.20 3.95
CA GLY F 246 -9.18 67.38 4.45
C GLY F 246 -8.79 66.30 5.45
N MET F 247 -7.73 65.56 5.16
CA MET F 247 -7.21 64.55 6.07
C MET F 247 -6.65 65.18 7.34
N LEU F 248 -6.02 66.35 7.16
CA LEU F 248 -5.33 67.06 8.25
C LEU F 248 -6.13 68.23 8.83
N GLU F 249 -7.45 68.10 8.79
CA GLU F 249 -8.35 69.03 9.46
C GLU F 249 -8.13 69.00 10.97
N TYR F 250 -8.22 70.16 11.61
CA TYR F 250 -8.17 70.28 13.06
C TYR F 250 -9.47 69.80 13.70
N GLU F 251 -10.59 70.11 13.07
CA GLU F 251 -11.90 69.60 13.48
C GLU F 251 -12.11 68.20 12.93
N PRO F 252 -12.37 67.22 13.83
CA PRO F 252 -12.61 65.82 13.42
C PRO F 252 -13.92 65.65 12.65
N ALA F 253 -14.86 66.57 12.88
CA ALA F 253 -16.15 66.55 12.20
C ALA F 253 -16.01 66.90 10.72
N LYS F 254 -15.23 67.93 10.43
CA LYS F 254 -14.99 68.38 9.06
C LYS F 254 -13.96 67.51 8.33
N ARG F 255 -13.14 66.81 9.12
CA ARG F 255 -12.13 65.89 8.61
C ARG F 255 -12.73 64.77 7.75
N PHE F 256 -12.03 64.42 6.66
CA PHE F 256 -12.51 63.42 5.72
C PHE F 256 -12.73 62.06 6.37
N SER F 257 -13.83 61.41 5.98
CA SER F 257 -14.07 60.01 6.26
C SER F 257 -13.39 59.22 5.14
N ILE F 258 -13.16 57.93 5.36
CA ILE F 258 -12.58 57.07 4.31
C ILE F 258 -13.35 57.08 2.97
N ARG F 259 -14.69 57.19 3.03
CA ARG F 259 -15.48 57.41 1.81
C ARG F 259 -15.01 58.65 1.03
N GLN F 260 -14.86 59.76 1.75
CA GLN F 260 -14.50 61.03 1.12
C GLN F 260 -13.09 61.00 0.51
N ILE F 261 -12.19 60.26 1.12
CA ILE F 261 -10.87 59.99 0.55
C ILE F 261 -10.97 59.21 -0.77
N ARG F 262 -11.74 58.13 -0.76
CA ARG F 262 -11.92 57.32 -1.98
C ARG F 262 -12.49 58.10 -3.15
N GLN F 263 -13.37 59.05 -2.87
CA GLN F 263 -14.11 59.78 -3.92
C GLN F 263 -13.41 61.04 -4.39
N HIS F 264 -12.40 61.46 -3.63
CA HIS F 264 -11.61 62.63 -3.96
C HIS F 264 -10.79 62.40 -5.24
N SER F 265 -10.77 63.41 -6.14
CA SER F 265 -10.16 63.24 -7.47
C SER F 265 -8.69 62.80 -7.51
N TRP F 266 -7.90 63.19 -6.50
CA TRP F 266 -6.50 62.77 -6.44
C TRP F 266 -6.37 61.26 -6.26
N PHE F 267 -7.27 60.71 -5.45
CA PHE F 267 -7.34 59.28 -5.21
C PHE F 267 -7.83 58.53 -6.44
N ARG F 268 -8.86 59.08 -7.09
CA ARG F 268 -9.51 58.43 -8.21
C ARG F 268 -8.67 58.49 -9.47
N LYS F 269 -7.88 59.56 -9.62
CA LYS F 269 -7.06 59.78 -10.80
C LYS F 269 -6.03 58.65 -10.97
N LYS F 270 -5.81 58.21 -12.21
CA LYS F 270 -4.67 57.37 -12.51
C LYS F 270 -3.52 58.27 -12.97
N HIS F 271 -2.53 58.42 -12.11
CA HIS F 271 -1.36 59.23 -12.43
C HIS F 271 -0.44 58.48 -13.41
N PRO F 272 0.03 59.19 -14.46
CA PRO F 272 0.99 58.61 -15.43
C PRO F 272 2.31 58.21 -14.75
N PRO F 273 2.75 56.96 -14.96
CA PRO F 273 3.97 56.49 -14.31
C PRO F 273 5.22 56.80 -15.13
N GLU F 275 8.64 57.44 -15.39
CA GLU F 275 9.54 57.98 -14.39
C GLU F 275 10.02 56.89 -13.42
N ALA F 276 11.30 56.94 -13.07
CA ALA F 276 11.94 55.93 -12.22
C ALA F 276 11.59 56.10 -10.73
N PRO F 277 10.91 55.09 -10.15
CA PRO F 277 10.55 55.14 -8.73
C PRO F 277 11.66 54.60 -7.85
N VAL F 278 11.56 54.85 -6.54
CA VAL F 278 12.53 54.33 -5.55
C VAL F 278 12.45 52.81 -5.52
N PRO F 279 13.54 52.13 -5.95
CA PRO F 279 13.48 50.69 -6.27
C PRO F 279 13.46 49.72 -5.09
N ILE F 280 13.64 50.22 -3.86
CA ILE F 280 13.93 49.40 -2.68
C ILE F 280 15.44 49.27 -2.54
N PRO F 281 15.96 49.51 -1.31
CA PRO F 281 17.41 49.67 -1.12
C PRO F 281 18.20 48.35 -1.22
N PRO F 282 19.40 48.39 -1.83
CA PRO F 282 20.29 47.25 -2.10
C PRO F 282 20.06 46.01 -1.22
N THR F 294 20.62 35.27 2.56
CA THR F 294 20.91 35.47 3.98
C THR F 294 21.01 34.12 4.71
N VAL F 295 21.05 33.03 3.93
CA VAL F 295 20.80 31.69 4.47
C VAL F 295 21.92 30.68 4.18
N VAL F 296 22.75 30.99 3.19
CA VAL F 296 23.80 30.07 2.70
C VAL F 296 24.77 29.51 3.78
N PRO F 297 25.43 30.40 4.58
CA PRO F 297 26.35 29.88 5.62
C PRO F 297 25.73 28.79 6.49
N TYR F 298 24.51 29.04 6.95
CA TYR F 298 23.74 28.13 7.80
C TYR F 298 23.25 26.90 7.02
#